data_6O7E
#
_entry.id   6O7E
#
loop_
_entity.id
_entity.type
_entity.pdbx_description
1 polymer Csm1
2 polymer Csm2
3 polymer Csm3
4 polymer Csm4
5 polymer 'RNA (38-MER)'
6 polymer 'RNA (40-MER)'
7 polymer Csm5
8 non-polymer 'ZINC ION'
9 non-polymer 'PHOSPHOAMINOPHOSPHONIC ACID-ADENYLATE ESTER'
10 non-polymer 'MANGANESE (II) ION'
#
loop_
_entity_poly.entity_id
_entity_poly.type
_entity_poly.pdbx_seq_one_letter_code
_entity_poly.pdbx_strand_id
1 'polypeptide(L)'
;MGSSHHHHHHSQDPMEIDELTALGGLLANIGKPVQRAGLYSGDHSTQGARFLRDLAENTGRAEYELLSLFSEFHHKGHMK
NDELMIRRIKELSPERFGLTMEDVLNALWIVYEADNLASGEREEGQPQASRPLYSVFNPGKAYPWAELDFEKELPVPGDV
FSIRSQDYRELVKRLWEELSKAKLRSDRLLPVLEKYLTFVSSVTSEGNIISLYDHMRMTSAIALAMLRAGCTAEDVRSGR
CRKEKRFLLIEGDFSGIQDFIYRVSGKGTLKYLRARSAYLELIGWDVVLEILSRLGLTRANVVFNAGGHFMIIAQNTPDA
VKELEEIRAKAVEWLYREFESDLYLAIEWEPVSGREFGREGGKNLFAEARKRLKHKLTVRKLKRFGEIKGLFEHGHTERL
AECPVCGRELPEGKLEPSASDPETKVCPTCNRLVSLGGNLPKLLGFGRTAKNDAGVLVEGPFSGFVPYLQGGRPVGEQIL
VKNTLNPGEIPESAQFVPYFVADYFKKDPKGGVATFEELSMASTGTRRLGVMKGDVDRLGEFFSSMDSPSKLATASRFMD
YFFKGYIGAIIEGKFGYIIGDVPSLRDWPEEPDIVVVYAGGDDFFIVGAWDQIFELAFRVRRAFNAYTGGKLTLSVGLGY
FDERTPIYRMADVVSERLDTAKDEGRNRVFVVGRSRPLDGKHKLSYEWNHYEELWRTYAPRIYAGNGRLKGKLESKKGLL
WKLLEIRELYVRDPNDVRWAYLTAYLLGRHGLSDLFPELVGIDTKAVERKEPQPVYWVDGVLKIVLMAVRR
;
A
2 'polypeptide(L)'
;SMAYHQKHGGYGRGGYGRQDRPQVDASRLFGESPDVVGIKKMLEGKGKQWEAIQPYFDNVVREAKNFLEWSPNKRLANAV
TVAAYLTSQGLKTNQVRKILDMARTTELKVKRGEGDIKDDLVKMRYLLAYTVGKATGQSKYSLDAFHRILDPMLEVLMGS
PKKENFEKFYDFLQAVVAYHKFFGGGD
;
B
3 'polypeptide(L)'
;SMDRRFYGKIVIKGKIKAVTGLHIGSQRDISEIGGIDNPVIKDPHTGLPYIPGSSLKGRLRSLFEILVNSRLGEWREKYP
SLANYSPGSCRPDNQENCGKFFNRKINRGWIHVCPDYETALACPVCRLFGASGKESNFPSRIIVRDAFLTKEWEEKWRAG
EAITEAKIEVGIDRVTSQANPRTNERVVAGAEFEFEIIYNVENTTHWRDDIKNLLTAMALLEDSYLGGSGSRGYGKVKFI
FDSFEFRPLDYYRTGKDEDIVSIDAREKSVSDILSGFDSLFSEVEGKLEAG
;
C,D
4 'polypeptide(L)'
;MPKFIAVKLIPKGPFRDIPRADTLFGAIGNAISAIHGQSAVEELVDAFVGGARISSAFPYSGDTYYLPKPLSVEPALEGI
LTGLDEEERYTTAKRLRKAKYLDLKNFELALRLRPFTIPEEIPYARVDVPRVVLDRVTQDSSIYFWEEIRFREKSGVYFL
YSGPREVFDGYIAPAMRFLGDTGIGGKSTWGAGLFEVEFHEMKIDAPGSEYSVTLSNALPTKTPVLWRLLRKGGWSFGRR
KPRMTFIAEGSIVKNDPGGMERLELGLSHEVYVYGLTFPLGVELPEGLE
;
E
5 'polyribonucleotide' GUGGAAAGGCGGGCAGAGGCGGUUUGCGUAUUGGGCGC G
6 'polyribonucleotide' CCCUGGCGCCCAAUACGCAAACCGCCUCUGCCCGCGGGCG H
7 'polypeptide(L)'
;MTERTLKVLSPLHIGTGNELTPVDIYPRENIIHVLDTER(UNK)(UNK)(UNK)(UNK)(UNK)(UNK)(UNK)(UNK)
(UNK)(UNK)(UNK)(UNK)(UNK)(UNK)(UNK)(UNK)(UNK)(UNK)(UNK)(UNK)(UNK)(UNK)(UNK)(UNK)
(UNK)(UNK)(UNK)(UNK)(UNK)(UNK)(UNK)(UNK)(UNK)(UNK)(UNK)(UNK)(UNK)(UNK)(UNK)(UNK)
(UNK)(UNK)(UNK)(UNK)(UNK)(UNK)(UNK)(UNK)(UNK)RKSMQIKEFIKLNGRPYIPGSSLKGAIRTAVLYKA
LKEC(UNK)(UNK)(UNK)(UNK)(UNK)(UNK)(UNK)(UNK)(UNK)(UNK)(UNK)(UNK)(UNK)(UNK)(UNK)
(UNK)(UNK)(UNK)(UNK)(UNK)(UNK)(UNK)(UNK)(UNK)(UNK)(UNK)(UNK)(UNK)(UNK)(UNK)(UNK)
(UNK)(UNK)(UNK)(UNK)(UNK)(UNK)(UNK)(UNK)(UNK)(UNK)(UNK)(UNK)(UNK)IRYEPKRDPMKALIV
RDSKPVGRKHLAVYHVEVIGNPQPIPIWVEAIEPGAATDVEIHVDTEALRLNADYFNGLLWECLKERGEPGEVFEDFLWE
AVDEFYTAVMKYETIEVQKFGRYTSQVRSFYASLEDHSGHVLRLGWGSGWLAMTIGLLLVEKGYKWENVRKKLGLGKKPG
GSGFSREFPKTRRLADGMPMGWVVLEHHHHHH
;
Y
#
# COMPACT_ATOMS: atom_id res chain seq x y z
N GLU A 16 -62.59 -22.96 -18.74
CA GLU A 16 -62.67 -21.99 -17.65
C GLU A 16 -62.54 -20.57 -18.17
N ILE A 17 -63.29 -19.64 -17.58
CA ILE A 17 -63.17 -18.23 -17.92
C ILE A 17 -61.89 -17.64 -17.34
N ASP A 18 -61.29 -18.32 -16.34
CA ASP A 18 -60.10 -17.80 -15.69
C ASP A 18 -58.89 -17.91 -16.60
N GLU A 19 -58.69 -19.07 -17.22
CA GLU A 19 -57.58 -19.33 -18.12
C GLU A 19 -57.83 -18.76 -19.51
N LEU A 20 -59.04 -18.23 -19.75
CA LEU A 20 -59.42 -17.69 -21.05
C LEU A 20 -59.47 -16.18 -21.06
N THR A 21 -59.44 -15.53 -19.89
CA THR A 21 -59.24 -14.10 -19.78
C THR A 21 -57.77 -13.75 -19.76
N ALA A 22 -56.97 -14.53 -19.01
CA ALA A 22 -55.52 -14.34 -18.97
C ALA A 22 -54.90 -14.58 -20.35
N LEU A 23 -55.33 -15.62 -21.04
CA LEU A 23 -54.92 -15.84 -22.42
C LEU A 23 -55.69 -15.00 -23.42
N GLY A 24 -56.64 -14.19 -22.95
CA GLY A 24 -57.34 -13.28 -23.83
C GLY A 24 -56.55 -12.01 -24.09
N GLY A 25 -56.22 -11.27 -23.03
CA GLY A 25 -55.48 -10.04 -23.18
C GLY A 25 -54.03 -10.24 -23.56
N LEU A 26 -53.45 -11.39 -23.24
CA LEU A 26 -52.10 -11.70 -23.67
C LEU A 26 -52.02 -12.00 -25.15
N LEU A 27 -53.12 -12.47 -25.74
CA LEU A 27 -53.10 -12.96 -27.10
C LEU A 27 -54.14 -12.22 -27.93
N ALA A 28 -54.28 -10.92 -27.69
CA ALA A 28 -55.18 -10.06 -28.45
C ALA A 28 -54.46 -8.99 -29.25
N ASN A 29 -53.34 -8.46 -28.74
CA ASN A 29 -52.52 -7.53 -29.49
C ASN A 29 -51.55 -8.23 -30.42
N ILE A 30 -51.49 -9.57 -30.37
CA ILE A 30 -50.91 -10.32 -31.47
C ILE A 30 -51.79 -10.14 -32.69
N GLY A 31 -51.17 -10.03 -33.86
CA GLY A 31 -51.81 -9.50 -35.05
C GLY A 31 -51.24 -8.17 -35.47
N LYS A 32 -50.65 -7.44 -34.53
CA LYS A 32 -49.77 -6.34 -34.90
C LYS A 32 -48.53 -6.78 -35.67
N PRO A 33 -47.76 -7.81 -35.28
CA PRO A 33 -46.58 -8.17 -36.10
C PRO A 33 -46.92 -8.80 -37.44
N VAL A 34 -48.14 -9.30 -37.66
CA VAL A 34 -48.51 -9.74 -39.00
C VAL A 34 -49.05 -8.58 -39.83
N GLN A 35 -49.38 -7.45 -39.21
CA GLN A 35 -49.75 -6.26 -39.97
C GLN A 35 -48.50 -5.54 -40.48
N ARG A 36 -47.43 -5.53 -39.67
CA ARG A 36 -46.16 -4.99 -40.11
C ARG A 36 -45.49 -5.86 -41.16
N ALA A 37 -45.89 -7.14 -41.26
CA ALA A 37 -45.36 -8.03 -42.29
C ALA A 37 -46.24 -8.05 -43.53
N GLY A 38 -47.55 -7.85 -43.37
CA GLY A 38 -48.44 -7.77 -44.51
C GLY A 38 -48.87 -9.10 -45.07
N LEU A 39 -49.56 -9.91 -44.26
CA LEU A 39 -50.04 -11.21 -44.70
C LEU A 39 -51.47 -11.18 -45.21
N TYR A 40 -52.26 -10.19 -44.81
CA TYR A 40 -53.66 -10.09 -45.20
C TYR A 40 -54.00 -8.62 -45.40
N SER A 41 -55.28 -8.36 -45.68
CA SER A 41 -55.78 -6.99 -45.68
C SER A 41 -55.80 -6.45 -44.26
N GLY A 42 -55.53 -5.15 -44.11
CA GLY A 42 -55.15 -4.54 -42.84
C GLY A 42 -56.19 -4.41 -41.75
N ASP A 43 -56.01 -3.39 -40.89
CA ASP A 43 -56.76 -3.20 -39.64
C ASP A 43 -56.61 -4.41 -38.75
N HIS A 44 -55.42 -4.53 -38.11
CA HIS A 44 -54.87 -5.74 -37.49
C HIS A 44 -55.81 -6.51 -36.56
N SER A 45 -56.90 -5.91 -36.09
CA SER A 45 -57.97 -6.68 -35.46
C SER A 45 -58.56 -7.70 -36.42
N THR A 46 -58.57 -7.40 -37.73
CA THR A 46 -58.99 -8.38 -38.72
C THR A 46 -57.92 -9.46 -38.90
N GLN A 47 -56.66 -9.06 -39.01
CA GLN A 47 -55.59 -10.03 -39.25
C GLN A 47 -55.27 -10.85 -38.00
N GLY A 48 -55.45 -10.26 -36.82
CA GLY A 48 -55.21 -11.02 -35.60
C GLY A 48 -56.23 -12.10 -35.37
N ALA A 49 -57.45 -11.91 -35.88
CA ALA A 49 -58.40 -13.02 -35.90
C ALA A 49 -57.96 -14.10 -36.87
N ARG A 50 -57.54 -13.71 -38.08
CA ARG A 50 -57.16 -14.65 -39.11
C ARG A 50 -55.75 -15.22 -38.94
N PHE A 51 -55.07 -14.89 -37.84
CA PHE A 51 -53.81 -15.53 -37.48
C PHE A 51 -53.99 -16.59 -36.41
N LEU A 52 -54.89 -16.34 -35.45
CA LEU A 52 -55.20 -17.35 -34.44
C LEU A 52 -56.10 -18.43 -35.02
N ARG A 53 -57.08 -18.04 -35.84
CA ARG A 53 -57.98 -18.99 -36.49
C ARG A 53 -57.24 -19.86 -37.49
N ASP A 54 -56.19 -19.31 -38.12
CA ASP A 54 -55.32 -20.12 -38.97
C ASP A 54 -54.51 -21.11 -38.16
N LEU A 55 -54.11 -20.73 -36.95
CA LEU A 55 -53.31 -21.61 -36.10
C LEU A 55 -54.14 -22.77 -35.54
N ALA A 56 -55.45 -22.56 -35.35
CA ALA A 56 -56.32 -23.62 -34.87
C ALA A 56 -56.53 -24.72 -35.90
N GLU A 57 -56.30 -24.43 -37.18
CA GLU A 57 -56.48 -25.45 -38.22
C GLU A 57 -55.35 -26.47 -38.19
N ASN A 58 -54.11 -26.02 -38.39
CA ASN A 58 -52.96 -26.91 -38.53
C ASN A 58 -52.23 -27.07 -37.20
N THR A 59 -52.33 -28.28 -36.63
CA THR A 59 -51.70 -28.70 -35.38
C THR A 59 -52.07 -27.75 -34.23
N GLY A 60 -53.36 -27.76 -33.91
CA GLY A 60 -53.86 -26.92 -32.84
C GLY A 60 -55.20 -27.42 -32.35
N ARG A 61 -55.59 -26.95 -31.18
CA ARG A 61 -56.88 -27.27 -30.61
C ARG A 61 -57.90 -26.20 -30.99
N ALA A 62 -59.16 -26.44 -30.62
CA ALA A 62 -60.26 -25.55 -30.97
C ALA A 62 -60.39 -24.37 -30.03
N GLU A 63 -59.43 -24.14 -29.14
CA GLU A 63 -59.48 -22.99 -28.24
C GLU A 63 -58.80 -21.76 -28.84
N TYR A 64 -57.87 -21.95 -29.79
CA TYR A 64 -57.41 -20.84 -30.62
C TYR A 64 -58.53 -20.28 -31.49
N GLU A 65 -59.53 -21.10 -31.81
CA GLU A 65 -60.70 -20.64 -32.53
C GLU A 65 -61.50 -19.64 -31.72
N LEU A 66 -61.53 -19.80 -30.40
CA LEU A 66 -62.25 -18.89 -29.52
C LEU A 66 -61.36 -17.75 -29.03
N LEU A 67 -60.05 -17.97 -28.91
CA LEU A 67 -59.14 -16.89 -28.55
C LEU A 67 -58.86 -15.93 -29.71
N SER A 68 -59.43 -16.17 -30.89
CA SER A 68 -59.42 -15.19 -31.96
C SER A 68 -60.55 -14.18 -31.82
N LEU A 69 -61.42 -14.31 -30.82
CA LEU A 69 -62.43 -13.31 -30.56
C LEU A 69 -61.85 -12.11 -29.84
N PHE A 70 -60.86 -12.35 -28.98
CA PHE A 70 -60.22 -11.27 -28.23
C PHE A 70 -59.37 -10.38 -29.13
N SER A 71 -58.75 -10.96 -30.15
CA SER A 71 -57.93 -10.19 -31.07
C SER A 71 -58.74 -9.56 -32.20
N GLU A 72 -60.07 -9.58 -32.12
CA GLU A 72 -60.91 -9.04 -33.18
C GLU A 72 -61.93 -8.03 -32.68
N PHE A 73 -62.27 -8.04 -31.39
CA PHE A 73 -63.24 -7.08 -30.88
C PHE A 73 -62.61 -6.08 -29.91
N HIS A 74 -61.44 -5.55 -30.27
CA HIS A 74 -60.89 -4.40 -29.55
C HIS A 74 -60.50 -3.32 -30.55
N HIS A 75 -60.07 -2.17 -30.01
CA HIS A 75 -59.97 -0.85 -30.64
C HIS A 75 -61.32 -0.29 -31.09
N LYS A 76 -62.43 -0.87 -30.61
CA LYS A 76 -63.81 -0.34 -30.75
C LYS A 76 -64.28 -0.29 -32.21
N GLY A 77 -63.57 -0.97 -33.12
CA GLY A 77 -63.95 -0.94 -34.52
C GLY A 77 -64.99 -1.94 -34.95
N HIS A 78 -65.39 -2.85 -34.06
CA HIS A 78 -66.37 -3.87 -34.42
C HIS A 78 -67.50 -3.94 -33.41
N MET A 79 -67.20 -3.61 -32.16
CA MET A 79 -68.18 -3.62 -31.07
C MET A 79 -69.06 -2.38 -31.15
N LYS A 80 -70.02 -2.43 -32.08
CA LYS A 80 -71.00 -1.37 -32.27
C LYS A 80 -72.40 -1.98 -32.26
N ASN A 81 -73.33 -1.28 -31.62
CA ASN A 81 -74.77 -1.59 -31.51
C ASN A 81 -75.06 -2.86 -30.72
N ASP A 82 -74.05 -3.49 -30.12
CA ASP A 82 -74.13 -4.67 -29.26
C ASP A 82 -74.80 -5.87 -29.92
N GLU A 83 -74.77 -5.97 -31.24
CA GLU A 83 -75.40 -7.06 -31.96
C GLU A 83 -74.49 -7.70 -33.00
N LEU A 84 -73.50 -6.97 -33.53
CA LEU A 84 -72.51 -7.53 -34.42
C LEU A 84 -71.52 -8.44 -33.70
N MET A 85 -71.45 -8.36 -32.37
CA MET A 85 -70.65 -9.31 -31.61
C MET A 85 -71.36 -10.64 -31.46
N ILE A 86 -72.69 -10.60 -31.34
CA ILE A 86 -73.47 -11.80 -31.05
C ILE A 86 -73.49 -12.74 -32.26
N ARG A 87 -73.60 -12.19 -33.47
CA ARG A 87 -73.79 -13.00 -34.67
C ARG A 87 -72.57 -13.86 -35.00
N ARG A 88 -71.38 -13.46 -34.56
CA ARG A 88 -70.20 -14.29 -34.80
C ARG A 88 -69.92 -15.21 -33.63
N ILE A 89 -70.28 -14.81 -32.41
CA ILE A 89 -70.09 -15.65 -31.24
C ILE A 89 -71.24 -16.62 -31.04
N LYS A 90 -72.30 -16.53 -31.85
CA LYS A 90 -73.38 -17.50 -31.79
C LYS A 90 -72.98 -18.81 -32.47
N GLU A 91 -72.44 -18.73 -33.68
CA GLU A 91 -72.03 -19.93 -34.40
C GLU A 91 -70.75 -20.52 -33.84
N LEU A 92 -69.78 -19.67 -33.50
CA LEU A 92 -68.62 -20.13 -32.75
C LEU A 92 -69.06 -20.51 -31.34
N SER A 93 -69.13 -21.81 -31.07
CA SER A 93 -69.87 -22.31 -29.93
C SER A 93 -68.99 -22.38 -28.69
N PRO A 94 -69.35 -21.69 -27.61
CA PRO A 94 -68.65 -21.90 -26.33
C PRO A 94 -69.07 -23.17 -25.60
N GLU A 95 -70.09 -23.87 -26.10
CA GLU A 95 -70.58 -25.09 -25.46
C GLU A 95 -69.63 -26.27 -25.61
N ARG A 96 -68.63 -26.19 -26.50
CA ARG A 96 -67.69 -27.28 -26.66
C ARG A 96 -66.67 -27.34 -25.52
N PHE A 97 -66.60 -26.31 -24.69
CA PHE A 97 -65.62 -26.26 -23.61
C PHE A 97 -66.23 -26.23 -22.23
N GLY A 98 -67.35 -25.53 -22.04
CA GLY A 98 -67.96 -25.33 -20.75
C GLY A 98 -68.40 -23.90 -20.51
N LEU A 99 -68.06 -22.98 -21.40
CA LEU A 99 -68.42 -21.58 -21.23
C LEU A 99 -69.87 -21.34 -21.63
N THR A 100 -70.39 -20.20 -21.20
CA THR A 100 -71.77 -19.82 -21.41
C THR A 100 -71.81 -18.63 -22.36
N MET A 101 -72.96 -18.44 -23.02
CA MET A 101 -73.21 -17.27 -23.87
C MET A 101 -73.00 -15.96 -23.11
N GLU A 102 -73.41 -15.92 -21.85
CA GLU A 102 -73.15 -14.74 -21.03
C GLU A 102 -71.68 -14.63 -20.65
N ASP A 103 -71.02 -15.77 -20.41
CA ASP A 103 -69.67 -15.75 -19.86
C ASP A 103 -68.62 -15.35 -20.89
N VAL A 104 -68.70 -15.90 -22.10
CA VAL A 104 -67.71 -15.60 -23.12
C VAL A 104 -67.87 -14.16 -23.62
N LEU A 105 -69.10 -13.63 -23.59
CA LEU A 105 -69.31 -12.22 -23.93
C LEU A 105 -68.84 -11.30 -22.80
N ASN A 106 -68.79 -11.81 -21.57
CA ASN A 106 -68.37 -10.98 -20.45
C ASN A 106 -66.87 -10.75 -20.47
N ALA A 107 -66.09 -11.73 -20.92
CA ALA A 107 -64.64 -11.64 -20.89
C ALA A 107 -64.08 -10.70 -21.95
N LEU A 108 -64.83 -10.45 -23.04
CA LEU A 108 -64.35 -9.52 -24.06
C LEU A 108 -64.40 -8.08 -23.57
N TRP A 109 -65.37 -7.73 -22.73
CA TRP A 109 -65.41 -6.40 -22.16
C TRP A 109 -64.34 -6.19 -21.10
N ILE A 110 -63.88 -7.26 -20.46
CA ILE A 110 -62.84 -7.16 -19.45
C ILE A 110 -61.48 -6.95 -20.12
N VAL A 111 -61.22 -7.64 -21.22
CA VAL A 111 -59.99 -7.46 -21.98
C VAL A 111 -59.97 -6.10 -22.66
N TYR A 112 -61.13 -5.60 -23.11
CA TYR A 112 -61.21 -4.30 -23.76
C TYR A 112 -60.89 -3.16 -22.80
N GLU A 113 -61.41 -3.24 -21.57
CA GLU A 113 -61.13 -2.20 -20.60
C GLU A 113 -59.69 -2.25 -20.12
N ALA A 114 -59.15 -3.47 -19.99
CA ALA A 114 -57.76 -3.64 -19.55
C ALA A 114 -56.77 -3.20 -20.62
N ASP A 115 -57.19 -3.07 -21.87
CA ASP A 115 -56.30 -2.54 -22.91
C ASP A 115 -56.06 -1.05 -22.70
N ASN A 116 -57.08 -0.32 -22.25
CA ASN A 116 -56.94 1.11 -22.00
C ASN A 116 -56.30 1.41 -20.66
N LEU A 117 -56.46 0.53 -19.67
CA LEU A 117 -55.87 0.75 -18.36
C LEU A 117 -54.37 0.51 -18.33
N ALA A 118 -53.80 -0.08 -19.37
CA ALA A 118 -52.35 -0.30 -19.44
C ALA A 118 -51.64 0.63 -20.41
N SER A 119 -52.37 1.41 -21.21
CA SER A 119 -51.76 2.32 -22.16
C SER A 119 -52.06 3.78 -21.86
N GLY A 120 -53.33 4.13 -21.69
CA GLY A 120 -53.71 5.51 -21.45
C GLY A 120 -53.64 6.39 -22.67
N GLU A 121 -53.76 5.82 -23.87
CA GLU A 121 -53.68 6.59 -25.10
C GLU A 121 -55.00 6.58 -25.85
N PRO A 127 -51.17 6.79 -37.52
CA PRO A 127 -50.49 5.49 -37.47
C PRO A 127 -50.19 4.94 -38.85
N GLN A 128 -50.38 3.62 -39.02
CA GLN A 128 -50.18 2.90 -40.28
C GLN A 128 -48.77 3.06 -40.84
N ALA A 129 -47.76 2.92 -39.99
CA ALA A 129 -46.37 3.04 -40.36
C ALA A 129 -45.61 1.77 -39.96
N SER A 130 -44.29 1.80 -40.17
CA SER A 130 -43.39 0.74 -39.73
C SER A 130 -42.18 1.41 -39.09
N ARG A 131 -42.27 1.64 -37.79
CA ARG A 131 -41.31 2.42 -37.05
C ARG A 131 -40.86 1.63 -35.82
N PRO A 132 -39.54 1.57 -35.54
CA PRO A 132 -39.03 0.67 -34.50
C PRO A 132 -39.38 1.05 -33.07
N LEU A 133 -38.96 0.20 -32.13
CA LEU A 133 -39.09 0.49 -30.72
C LEU A 133 -38.05 1.52 -30.32
N TYR A 134 -38.48 2.68 -29.85
CA TYR A 134 -37.58 3.69 -29.36
C TYR A 134 -37.14 3.36 -27.93
N SER A 135 -35.98 3.86 -27.56
CA SER A 135 -35.39 3.50 -26.28
C SER A 135 -36.09 4.23 -25.15
N VAL A 136 -36.33 3.49 -24.05
CA VAL A 136 -36.98 4.06 -22.87
C VAL A 136 -36.09 5.08 -22.16
N PHE A 137 -34.78 5.09 -22.45
CA PHE A 137 -33.85 6.03 -21.86
C PHE A 137 -33.67 7.28 -22.70
N ASN A 138 -33.53 7.13 -24.02
CA ASN A 138 -33.66 8.25 -24.96
C ASN A 138 -34.77 7.98 -25.96
N PRO A 139 -35.86 8.76 -25.94
CA PRO A 139 -36.93 8.57 -26.93
C PRO A 139 -36.53 8.94 -28.35
N GLY A 140 -35.42 9.64 -28.55
CA GLY A 140 -34.94 9.94 -29.88
C GLY A 140 -34.11 8.85 -30.52
N LYS A 141 -33.73 7.84 -29.77
CA LYS A 141 -32.94 6.72 -30.27
C LYS A 141 -33.75 5.43 -30.19
N ALA A 142 -33.58 4.57 -31.18
CA ALA A 142 -34.42 3.40 -31.35
C ALA A 142 -33.60 2.12 -31.40
N TYR A 143 -34.25 1.01 -31.06
CA TYR A 143 -33.65 -0.32 -31.06
C TYR A 143 -33.83 -0.98 -32.42
N PRO A 144 -32.79 -1.64 -32.94
CA PRO A 144 -32.99 -2.58 -34.03
C PRO A 144 -33.66 -3.84 -33.49
N TRP A 145 -34.41 -4.51 -34.35
CA TRP A 145 -35.09 -5.73 -33.93
C TRP A 145 -34.08 -6.86 -33.75
N ALA A 146 -34.07 -7.47 -32.57
CA ALA A 146 -33.17 -8.57 -32.27
C ALA A 146 -33.92 -9.60 -31.44
N GLU A 147 -33.23 -10.70 -31.15
CA GLU A 147 -33.76 -11.75 -30.30
C GLU A 147 -33.30 -11.53 -28.86
N LEU A 148 -34.12 -11.99 -27.92
CA LEU A 148 -33.72 -11.97 -26.51
C LEU A 148 -33.08 -13.31 -26.19
N ASP A 149 -31.82 -13.45 -26.61
CA ASP A 149 -31.06 -14.67 -26.38
C ASP A 149 -29.75 -14.43 -25.66
N PHE A 150 -29.41 -13.16 -25.39
CA PHE A 150 -28.26 -12.75 -24.57
C PHE A 150 -26.93 -13.22 -25.13
N GLU A 151 -26.83 -13.33 -26.46
CA GLU A 151 -25.61 -13.76 -27.12
C GLU A 151 -25.38 -12.89 -28.35
N LYS A 152 -24.17 -12.32 -28.44
CA LYS A 152 -23.58 -11.66 -29.62
C LYS A 152 -24.23 -10.30 -29.93
N GLU A 153 -25.32 -9.96 -29.27
CA GLU A 153 -26.10 -8.78 -29.63
C GLU A 153 -26.37 -7.94 -28.39
N LEU A 154 -25.65 -6.83 -28.26
CA LEU A 154 -26.06 -5.73 -27.38
C LEU A 154 -26.90 -4.78 -28.20
N PRO A 155 -28.20 -4.69 -27.96
CA PRO A 155 -29.00 -3.69 -28.67
C PRO A 155 -28.67 -2.29 -28.16
N VAL A 156 -27.89 -1.57 -28.95
CA VAL A 156 -27.53 -0.20 -28.62
C VAL A 156 -28.51 0.69 -29.37
N PRO A 157 -29.16 1.63 -28.69
CA PRO A 157 -30.10 2.51 -29.38
C PRO A 157 -29.39 3.49 -30.29
N GLY A 158 -29.42 3.22 -31.58
CA GLY A 158 -28.71 3.99 -32.58
C GLY A 158 -29.63 4.89 -33.37
N ASP A 159 -29.30 5.06 -34.65
CA ASP A 159 -30.11 5.88 -35.54
C ASP A 159 -31.40 5.16 -35.87
N VAL A 160 -32.46 5.94 -36.04
CA VAL A 160 -33.78 5.39 -36.33
C VAL A 160 -33.83 4.89 -37.78
N PHE A 161 -34.00 3.59 -37.94
CA PHE A 161 -34.22 2.96 -39.24
C PHE A 161 -35.59 2.32 -39.25
N SER A 162 -36.37 2.59 -40.30
CA SER A 162 -37.64 1.92 -40.47
C SER A 162 -37.42 0.44 -40.73
N ILE A 163 -37.98 -0.40 -39.86
CA ILE A 163 -37.76 -1.84 -39.98
C ILE A 163 -38.53 -2.36 -41.18
N ARG A 164 -37.83 -3.08 -42.05
CA ARG A 164 -38.40 -3.56 -43.30
C ARG A 164 -39.43 -4.66 -43.05
N SER A 165 -40.32 -4.85 -44.02
CA SER A 165 -41.30 -5.93 -43.95
C SER A 165 -40.66 -7.29 -44.13
N GLN A 166 -39.44 -7.35 -44.68
CA GLN A 166 -38.69 -8.60 -44.73
C GLN A 166 -38.19 -9.04 -43.36
N ASP A 167 -38.15 -8.13 -42.39
CA ASP A 167 -37.77 -8.48 -41.03
C ASP A 167 -38.97 -8.86 -40.17
N TYR A 168 -40.15 -8.30 -40.46
CA TYR A 168 -41.35 -8.75 -39.79
C TYR A 168 -41.91 -10.04 -40.37
N ARG A 169 -41.63 -10.31 -41.66
CA ARG A 169 -42.00 -11.60 -42.23
C ARG A 169 -41.20 -12.74 -41.60
N GLU A 170 -39.98 -12.47 -41.14
CA GLU A 170 -39.18 -13.47 -40.46
C GLU A 170 -39.48 -13.52 -38.97
N LEU A 171 -40.03 -12.45 -38.41
CA LEU A 171 -40.56 -12.48 -37.04
C LEU A 171 -41.75 -13.42 -36.93
N VAL A 172 -42.69 -13.32 -37.88
CA VAL A 172 -43.90 -14.15 -37.84
C VAL A 172 -43.57 -15.62 -38.13
N LYS A 173 -42.54 -15.86 -38.95
CA LYS A 173 -42.18 -17.24 -39.29
C LYS A 173 -41.57 -17.97 -38.09
N ARG A 174 -40.71 -17.28 -37.32
CA ARG A 174 -40.18 -17.89 -36.10
C ARG A 174 -41.24 -18.01 -35.03
N LEU A 175 -42.24 -17.10 -35.04
CA LEU A 175 -43.28 -17.15 -34.03
C LEU A 175 -44.32 -18.23 -34.34
N TRP A 176 -44.61 -18.43 -35.63
CA TRP A 176 -45.51 -19.50 -36.06
C TRP A 176 -44.95 -20.87 -35.71
N GLU A 177 -43.62 -21.02 -35.76
CA GLU A 177 -42.99 -22.27 -35.37
C GLU A 177 -43.12 -22.53 -33.87
N GLU A 178 -43.03 -21.47 -33.06
CA GLU A 178 -42.98 -21.63 -31.62
C GLU A 178 -44.34 -21.70 -30.96
N LEU A 179 -45.37 -21.07 -31.54
CA LEU A 179 -46.70 -21.13 -30.96
C LEU A 179 -47.34 -22.50 -31.16
N SER A 180 -46.92 -23.24 -32.19
CA SER A 180 -47.52 -24.54 -32.46
C SER A 180 -47.04 -25.60 -31.48
N LYS A 181 -45.75 -25.58 -31.14
CA LYS A 181 -45.16 -26.58 -30.28
C LYS A 181 -45.24 -26.23 -28.80
N ALA A 182 -45.97 -25.18 -28.45
CA ALA A 182 -46.12 -24.76 -27.06
C ALA A 182 -47.55 -25.00 -26.60
N LYS A 183 -47.69 -25.42 -25.35
CA LYS A 183 -49.02 -25.67 -24.79
C LYS A 183 -49.78 -24.37 -24.60
N LEU A 184 -51.07 -24.38 -24.94
CA LEU A 184 -51.89 -23.20 -24.79
C LEU A 184 -52.18 -22.98 -23.31
N ARG A 185 -51.33 -22.19 -22.66
CA ARG A 185 -51.30 -22.04 -21.22
C ARG A 185 -50.43 -20.83 -20.92
N SER A 186 -50.76 -20.10 -19.85
CA SER A 186 -50.18 -18.78 -19.63
C SER A 186 -48.69 -18.83 -19.27
N ASP A 187 -48.26 -19.88 -18.59
CA ASP A 187 -46.85 -20.00 -18.23
C ASP A 187 -45.98 -20.46 -19.39
N ARG A 188 -46.58 -20.93 -20.48
CA ARG A 188 -45.84 -21.42 -21.64
C ARG A 188 -45.76 -20.41 -22.77
N LEU A 189 -46.74 -19.51 -22.88
CA LEU A 189 -46.74 -18.52 -23.95
C LEU A 189 -46.01 -17.23 -23.57
N LEU A 190 -45.88 -16.93 -22.29
CA LEU A 190 -45.09 -15.79 -21.84
C LEU A 190 -43.59 -15.89 -22.19
N PRO A 191 -42.91 -17.05 -22.08
CA PRO A 191 -41.53 -17.07 -22.59
C PRO A 191 -41.42 -17.12 -24.11
N VAL A 192 -42.50 -17.47 -24.81
CA VAL A 192 -42.46 -17.41 -26.27
C VAL A 192 -42.52 -15.96 -26.74
N LEU A 193 -43.44 -15.18 -26.16
CA LEU A 193 -43.58 -13.78 -26.56
C LEU A 193 -42.43 -12.93 -26.05
N GLU A 194 -41.76 -13.36 -24.98
CA GLU A 194 -40.65 -12.59 -24.42
C GLU A 194 -39.41 -12.73 -25.30
N LYS A 195 -39.26 -13.86 -26.00
CA LYS A 195 -38.13 -14.03 -26.91
C LYS A 195 -38.26 -13.11 -28.12
N TYR A 196 -39.41 -13.13 -28.78
CA TYR A 196 -39.51 -12.54 -30.10
C TYR A 196 -40.06 -11.13 -30.08
N LEU A 197 -41.05 -10.85 -29.23
CA LEU A 197 -41.74 -9.56 -29.25
C LEU A 197 -41.26 -8.60 -28.17
N THR A 198 -39.98 -8.70 -27.78
CA THR A 198 -39.43 -7.77 -26.81
C THR A 198 -39.12 -6.42 -27.44
N PHE A 199 -38.50 -6.43 -28.62
CA PHE A 199 -38.07 -5.22 -29.30
C PHE A 199 -39.01 -4.84 -30.43
N VAL A 200 -40.31 -5.05 -30.22
CA VAL A 200 -41.35 -4.61 -31.14
C VAL A 200 -42.18 -3.57 -30.42
N SER A 201 -42.47 -2.47 -31.10
CA SER A 201 -43.23 -1.40 -30.48
C SER A 201 -44.71 -1.73 -30.43
N SER A 202 -45.39 -1.22 -29.40
CA SER A 202 -46.80 -1.52 -29.21
C SER A 202 -47.67 -0.74 -30.20
N VAL A 203 -47.63 0.58 -30.13
CA VAL A 203 -48.34 1.45 -31.07
C VAL A 203 -47.29 2.16 -31.90
N THR A 204 -47.36 2.01 -33.22
CA THR A 204 -46.39 2.60 -34.13
C THR A 204 -46.62 4.10 -34.21
N SER A 205 -45.85 4.85 -33.42
CA SER A 205 -45.95 6.31 -33.41
C SER A 205 -44.55 6.89 -33.22
N GLU A 206 -44.48 8.19 -33.02
CA GLU A 206 -43.20 8.90 -32.88
C GLU A 206 -42.78 8.87 -31.41
N GLY A 207 -41.67 8.22 -31.13
CA GLY A 207 -41.14 8.16 -29.79
C GLY A 207 -41.94 7.28 -28.85
N ASN A 208 -42.51 6.19 -29.34
CA ASN A 208 -43.25 5.26 -28.50
C ASN A 208 -42.26 4.25 -27.92
N ILE A 209 -42.20 4.19 -26.60
CA ILE A 209 -41.17 3.44 -25.89
C ILE A 209 -41.77 2.30 -25.06
N ILE A 210 -42.98 1.89 -25.38
CA ILE A 210 -43.63 0.74 -24.74
C ILE A 210 -43.42 -0.47 -25.64
N SER A 211 -42.83 -1.52 -25.07
CA SER A 211 -42.63 -2.76 -25.80
C SER A 211 -43.97 -3.46 -26.04
N LEU A 212 -43.98 -4.37 -27.01
CA LEU A 212 -45.21 -5.10 -27.31
C LEU A 212 -45.44 -6.25 -26.34
N TYR A 213 -44.36 -6.88 -25.88
CA TYR A 213 -44.48 -7.89 -24.83
C TYR A 213 -44.99 -7.28 -23.53
N ASP A 214 -44.39 -6.17 -23.11
CA ASP A 214 -44.76 -5.51 -21.87
C ASP A 214 -46.10 -4.79 -21.94
N HIS A 215 -46.67 -4.65 -23.13
CA HIS A 215 -48.06 -4.23 -23.23
C HIS A 215 -49.02 -5.41 -23.19
N MET A 216 -48.57 -6.58 -23.63
CA MET A 216 -49.36 -7.80 -23.51
C MET A 216 -49.18 -8.49 -22.17
N ARG A 217 -48.01 -8.34 -21.54
CA ARG A 217 -47.79 -8.89 -20.21
C ARG A 217 -48.60 -8.13 -19.17
N MET A 218 -48.90 -6.86 -19.43
CA MET A 218 -49.62 -6.02 -18.48
C MET A 218 -51.08 -5.81 -18.86
N THR A 219 -51.51 -6.27 -20.03
CA THR A 219 -52.93 -6.32 -20.33
C THR A 219 -53.56 -7.57 -19.73
N SER A 220 -52.87 -8.71 -19.84
CA SER A 220 -53.30 -9.95 -19.21
C SER A 220 -53.22 -9.91 -17.70
N ALA A 221 -52.43 -8.99 -17.13
CA ALA A 221 -52.38 -8.84 -15.68
C ALA A 221 -53.59 -8.09 -15.17
N ILE A 222 -53.97 -7.00 -15.84
CA ILE A 222 -55.11 -6.21 -15.42
C ILE A 222 -56.41 -6.94 -15.72
N ALA A 223 -56.45 -7.73 -16.81
CA ALA A 223 -57.68 -8.41 -17.20
C ALA A 223 -58.03 -9.53 -16.23
N LEU A 224 -57.03 -10.29 -15.78
CA LEU A 224 -57.31 -11.36 -14.82
C LEU A 224 -57.63 -10.79 -13.44
N ALA A 225 -57.00 -9.67 -13.08
CA ALA A 225 -57.30 -9.03 -11.81
C ALA A 225 -58.64 -8.30 -11.82
N MET A 226 -59.21 -8.02 -12.99
CA MET A 226 -60.59 -7.55 -13.05
C MET A 226 -61.57 -8.71 -12.93
N LEU A 227 -61.22 -9.88 -13.46
CA LEU A 227 -62.10 -11.05 -13.33
C LEU A 227 -62.12 -11.56 -11.90
N ARG A 228 -60.98 -11.53 -11.22
CA ARG A 228 -60.93 -11.93 -9.81
C ARG A 228 -61.62 -10.92 -8.91
N ALA A 229 -61.68 -9.65 -9.31
CA ALA A 229 -62.34 -8.64 -8.50
C ALA A 229 -63.86 -8.75 -8.56
N GLY A 230 -64.39 -9.32 -9.63
CA GLY A 230 -65.81 -9.56 -9.73
C GLY A 230 -66.59 -8.60 -10.61
N CYS A 231 -65.92 -7.70 -11.32
CA CYS A 231 -66.62 -6.78 -12.19
C CYS A 231 -67.03 -7.49 -13.48
N THR A 232 -68.19 -7.09 -14.01
CA THR A 232 -68.81 -7.77 -15.15
C THR A 232 -68.97 -6.79 -16.31
N ALA A 233 -69.73 -7.23 -17.33
CA ALA A 233 -69.86 -6.49 -18.58
C ALA A 233 -70.60 -5.17 -18.42
N GLU A 234 -71.46 -5.04 -17.40
CA GLU A 234 -72.10 -3.76 -17.13
C GLU A 234 -71.30 -2.87 -16.20
N ASP A 235 -70.31 -3.43 -15.50
CA ASP A 235 -69.36 -2.62 -14.75
C ASP A 235 -68.30 -1.99 -15.63
N VAL A 236 -68.16 -2.49 -16.87
CA VAL A 236 -67.25 -1.92 -17.85
C VAL A 236 -67.98 -0.94 -18.76
N ARG A 237 -69.19 -1.30 -19.17
CA ARG A 237 -69.97 -0.47 -20.10
C ARG A 237 -70.40 0.84 -19.46
N SER A 238 -70.62 0.86 -18.15
CA SER A 238 -71.04 2.05 -17.44
C SER A 238 -69.88 2.82 -16.81
N GLY A 239 -68.64 2.34 -16.97
CA GLY A 239 -67.52 3.01 -16.36
C GLY A 239 -67.41 2.82 -14.86
N ARG A 240 -68.05 1.79 -14.31
CA ARG A 240 -68.06 1.58 -12.87
C ARG A 240 -66.72 1.04 -12.36
N CYS A 241 -66.01 0.28 -13.19
CA CYS A 241 -64.72 -0.28 -12.77
C CYS A 241 -63.64 0.79 -12.64
N ARG A 242 -63.76 1.89 -13.38
CA ARG A 242 -62.94 3.07 -13.15
C ARG A 242 -63.64 3.95 -12.12
N LYS A 243 -62.85 4.76 -11.41
CA LYS A 243 -63.27 5.59 -10.26
C LYS A 243 -63.84 4.73 -9.14
N GLU A 244 -63.30 3.53 -8.96
CA GLU A 244 -63.65 2.65 -7.86
C GLU A 244 -62.46 1.73 -7.61
N LYS A 245 -62.02 1.64 -6.35
CA LYS A 245 -60.79 0.95 -6.00
C LYS A 245 -61.00 -0.56 -6.08
N ARG A 246 -60.86 -1.09 -7.30
CA ARG A 246 -60.95 -2.52 -7.55
C ARG A 246 -59.60 -3.17 -7.81
N PHE A 247 -58.52 -2.41 -7.75
CA PHE A 247 -57.18 -2.94 -7.91
C PHE A 247 -56.40 -2.80 -6.60
N LEU A 248 -55.21 -3.38 -6.58
CA LEU A 248 -54.42 -3.46 -5.35
C LEU A 248 -52.97 -3.70 -5.73
N LEU A 249 -52.10 -2.74 -5.42
CA LEU A 249 -50.69 -2.80 -5.80
C LEU A 249 -49.88 -3.42 -4.66
N ILE A 250 -49.48 -4.67 -4.83
CA ILE A 250 -48.58 -5.31 -3.86
C ILE A 250 -47.16 -4.86 -4.15
N GLU A 251 -46.41 -4.50 -3.13
CA GLU A 251 -44.99 -4.20 -3.28
C GLU A 251 -44.26 -4.71 -2.05
N GLY A 252 -43.13 -5.38 -2.28
CA GLY A 252 -42.37 -5.96 -1.20
C GLY A 252 -40.88 -5.83 -1.40
N ASP A 253 -40.15 -5.60 -0.32
CA ASP A 253 -38.71 -5.40 -0.39
C ASP A 253 -38.03 -6.10 0.78
N PHE A 254 -36.92 -6.77 0.49
CA PHE A 254 -36.09 -7.33 1.55
C PHE A 254 -35.19 -6.25 2.13
N SER A 255 -35.03 -6.29 3.45
CA SER A 255 -34.24 -5.29 4.17
C SER A 255 -33.23 -6.02 5.04
N GLY A 256 -31.95 -5.84 4.74
CA GLY A 256 -30.90 -6.49 5.50
C GLY A 256 -30.06 -7.41 4.64
N ILE A 257 -30.13 -7.22 3.32
CA ILE A 257 -29.42 -8.06 2.37
C ILE A 257 -27.91 -7.96 2.52
N GLN A 258 -27.37 -6.75 2.75
CA GLN A 258 -25.94 -6.58 2.93
C GLN A 258 -25.43 -7.24 4.21
N ASP A 259 -26.25 -7.27 5.25
CA ASP A 259 -25.92 -7.96 6.50
C ASP A 259 -26.22 -9.44 6.45
N PHE A 260 -27.12 -9.88 5.57
CA PHE A 260 -27.45 -11.28 5.39
C PHE A 260 -26.37 -12.08 4.71
N ILE A 261 -25.82 -11.58 3.60
CA ILE A 261 -24.91 -12.37 2.78
C ILE A 261 -23.47 -12.25 3.21
N TYR A 262 -22.91 -11.04 3.19
CA TYR A 262 -21.48 -10.87 3.31
C TYR A 262 -20.96 -10.99 4.74
N ARG A 263 -21.84 -10.90 5.73
CA ARG A 263 -21.41 -10.96 7.13
C ARG A 263 -21.16 -12.42 7.50
N VAL A 264 -20.06 -12.95 6.97
CA VAL A 264 -19.55 -14.28 7.33
C VAL A 264 -18.05 -14.16 7.59
N SER A 265 -17.55 -15.11 8.37
CA SER A 265 -16.17 -15.06 8.84
C SER A 265 -15.24 -15.62 7.77
N GLY A 266 -13.99 -15.89 8.14
CA GLY A 266 -13.01 -16.41 7.21
C GLY A 266 -13.16 -17.88 6.86
N LYS A 267 -14.37 -18.29 6.48
CA LYS A 267 -14.66 -19.64 6.02
C LYS A 267 -15.54 -19.53 4.77
N GLY A 268 -15.60 -20.62 4.02
CA GLY A 268 -16.42 -20.64 2.82
C GLY A 268 -15.87 -19.78 1.72
N THR A 269 -14.73 -20.18 1.15
CA THR A 269 -14.01 -19.35 0.17
C THR A 269 -14.76 -19.37 -1.16
N LEU A 270 -15.75 -18.47 -1.24
CA LEU A 270 -16.39 -17.98 -2.46
C LEU A 270 -17.29 -19.02 -3.14
N LYS A 271 -17.33 -20.25 -2.62
CA LYS A 271 -18.37 -21.18 -3.05
C LYS A 271 -19.60 -21.06 -2.16
N TYR A 272 -19.37 -20.97 -0.84
CA TYR A 272 -20.44 -20.67 0.10
C TYR A 272 -21.01 -19.27 -0.13
N LEU A 273 -20.14 -18.27 -0.33
CA LEU A 273 -20.60 -16.88 -0.40
C LEU A 273 -21.31 -16.61 -1.71
N ARG A 274 -21.04 -17.41 -2.73
CA ARG A 274 -21.79 -17.34 -3.98
C ARG A 274 -23.11 -18.11 -3.85
N ALA A 275 -23.20 -19.01 -2.88
CA ALA A 275 -24.44 -19.75 -2.67
C ALA A 275 -25.35 -19.03 -1.69
N ARG A 276 -24.85 -17.99 -1.03
CA ARG A 276 -25.71 -17.15 -0.22
C ARG A 276 -26.59 -16.27 -1.10
N SER A 277 -26.08 -15.87 -2.26
CA SER A 277 -26.86 -15.02 -3.16
C SER A 277 -27.87 -15.84 -3.94
N ALA A 278 -27.58 -17.12 -4.17
CA ALA A 278 -28.53 -17.98 -4.87
C ALA A 278 -29.65 -18.45 -3.96
N TYR A 279 -29.39 -18.57 -2.66
CA TYR A 279 -30.43 -18.98 -1.72
C TYR A 279 -31.33 -17.82 -1.29
N LEU A 280 -30.82 -16.60 -1.30
CA LEU A 280 -31.65 -15.43 -1.07
C LEU A 280 -32.64 -15.17 -2.21
N GLU A 281 -32.24 -15.45 -3.45
CA GLU A 281 -33.15 -15.28 -4.58
C GLU A 281 -34.21 -16.37 -4.60
N LEU A 282 -33.96 -17.51 -3.94
CA LEU A 282 -34.99 -18.54 -3.82
C LEU A 282 -36.00 -18.18 -2.74
N ILE A 283 -35.57 -17.45 -1.71
CA ILE A 283 -36.52 -16.89 -0.74
C ILE A 283 -37.39 -15.85 -1.42
N GLY A 284 -36.82 -15.10 -2.37
CA GLY A 284 -37.59 -14.10 -3.08
C GLY A 284 -38.67 -14.70 -3.97
N TRP A 285 -38.35 -15.77 -4.69
CA TRP A 285 -39.34 -16.41 -5.54
C TRP A 285 -40.32 -17.27 -4.76
N ASP A 286 -39.99 -17.70 -3.54
CA ASP A 286 -40.92 -18.51 -2.77
C ASP A 286 -42.02 -17.66 -2.15
N VAL A 287 -41.85 -16.34 -2.09
CA VAL A 287 -42.91 -15.46 -1.62
C VAL A 287 -43.72 -14.91 -2.79
N VAL A 288 -43.06 -14.62 -3.91
CA VAL A 288 -43.74 -14.07 -5.08
C VAL A 288 -44.66 -15.11 -5.70
N LEU A 289 -44.16 -16.33 -5.91
CA LEU A 289 -45.00 -17.38 -6.46
C LEU A 289 -46.02 -17.92 -5.46
N GLU A 290 -45.86 -17.63 -4.16
CA GLU A 290 -46.88 -17.99 -3.20
C GLU A 290 -48.07 -17.06 -3.27
N ILE A 291 -47.85 -15.80 -3.65
CA ILE A 291 -48.95 -14.86 -3.84
C ILE A 291 -49.74 -15.21 -5.10
N LEU A 292 -49.03 -15.58 -6.17
CA LEU A 292 -49.67 -15.81 -7.46
C LEU A 292 -50.51 -17.08 -7.45
N SER A 293 -50.01 -18.14 -6.82
CA SER A 293 -50.68 -19.43 -6.80
C SER A 293 -51.69 -19.55 -5.66
N ARG A 294 -52.02 -18.45 -5.00
CA ARG A 294 -53.01 -18.45 -3.92
C ARG A 294 -54.05 -17.35 -4.07
N LEU A 295 -53.75 -16.26 -4.75
CA LEU A 295 -54.75 -15.28 -5.15
C LEU A 295 -55.36 -15.60 -6.51
N GLY A 296 -54.87 -16.62 -7.20
CA GLY A 296 -55.39 -17.01 -8.49
C GLY A 296 -54.70 -16.35 -9.67
N LEU A 297 -53.58 -15.69 -9.46
CA LEU A 297 -52.95 -14.87 -10.47
C LEU A 297 -51.94 -15.69 -11.28
N THR A 298 -51.43 -15.08 -12.34
CA THR A 298 -50.38 -15.66 -13.16
C THR A 298 -49.10 -14.86 -12.99
N ARG A 299 -48.03 -15.31 -13.65
CA ARG A 299 -46.74 -14.63 -13.56
C ARG A 299 -46.74 -13.33 -14.36
N ALA A 300 -47.75 -13.10 -15.20
CA ALA A 300 -47.91 -11.81 -15.86
C ALA A 300 -48.28 -10.70 -14.88
N ASN A 301 -48.91 -11.05 -13.75
CA ASN A 301 -49.23 -10.08 -12.72
C ASN A 301 -48.01 -9.55 -11.97
N VAL A 302 -46.86 -10.19 -12.11
CA VAL A 302 -45.61 -9.66 -11.56
C VAL A 302 -45.16 -8.53 -12.47
N VAL A 303 -45.17 -7.29 -11.96
CA VAL A 303 -44.68 -6.16 -12.74
C VAL A 303 -43.17 -6.28 -12.92
N PHE A 304 -42.45 -6.50 -11.83
CA PHE A 304 -41.03 -6.81 -11.88
C PHE A 304 -40.64 -7.59 -10.64
N ASN A 305 -39.46 -8.22 -10.71
CA ASN A 305 -38.84 -8.87 -9.56
C ASN A 305 -37.34 -8.70 -9.77
N ALA A 306 -36.78 -7.64 -9.19
CA ALA A 306 -35.42 -7.19 -9.51
C ALA A 306 -34.70 -6.78 -8.24
N GLY A 307 -33.95 -7.72 -7.65
CA GLY A 307 -33.04 -7.38 -6.58
C GLY A 307 -33.67 -7.33 -5.21
N GLY A 308 -34.42 -8.36 -4.84
CA GLY A 308 -35.07 -8.38 -3.55
C GLY A 308 -36.18 -7.36 -3.43
N HIS A 309 -36.82 -7.03 -4.55
CA HIS A 309 -37.83 -5.98 -4.59
C HIS A 309 -38.78 -6.34 -5.73
N PHE A 310 -40.05 -6.48 -5.43
CA PHE A 310 -41.01 -6.93 -6.43
C PHE A 310 -42.24 -6.05 -6.38
N MET A 311 -43.10 -6.23 -7.38
CA MET A 311 -44.33 -5.45 -7.48
C MET A 311 -45.35 -6.28 -8.25
N ILE A 312 -46.53 -6.44 -7.66
CA ILE A 312 -47.57 -7.30 -8.21
C ILE A 312 -48.88 -6.52 -8.23
N ILE A 313 -49.54 -6.49 -9.39
CA ILE A 313 -50.90 -5.97 -9.49
C ILE A 313 -51.87 -7.12 -9.20
N ALA A 314 -52.71 -6.94 -8.18
CA ALA A 314 -53.66 -7.97 -7.79
C ALA A 314 -55.07 -7.42 -7.75
N GLN A 315 -56.01 -8.20 -7.24
CA GLN A 315 -57.40 -7.80 -7.13
C GLN A 315 -57.69 -7.27 -5.74
N ASN A 316 -58.71 -6.41 -5.65
CA ASN A 316 -59.14 -5.85 -4.37
C ASN A 316 -60.42 -6.56 -3.96
N THR A 317 -60.25 -7.74 -3.38
CA THR A 317 -61.34 -8.46 -2.74
C THR A 317 -60.99 -8.69 -1.27
N PRO A 318 -61.99 -8.77 -0.38
CA PRO A 318 -61.68 -9.09 1.02
C PRO A 318 -61.14 -10.49 1.23
N ASP A 319 -61.36 -11.41 0.28
CA ASP A 319 -60.73 -12.72 0.36
C ASP A 319 -59.23 -12.65 0.04
N ALA A 320 -58.80 -11.63 -0.71
CA ALA A 320 -57.39 -11.45 -1.02
C ALA A 320 -56.66 -10.66 0.06
N VAL A 321 -57.32 -9.66 0.66
CA VAL A 321 -56.71 -8.90 1.75
C VAL A 321 -56.57 -9.77 2.98
N LYS A 322 -57.52 -10.68 3.20
CA LYS A 322 -57.42 -11.64 4.30
C LYS A 322 -56.30 -12.65 4.07
N GLU A 323 -55.97 -12.95 2.82
CA GLU A 323 -54.97 -13.97 2.55
C GLU A 323 -53.56 -13.40 2.43
N LEU A 324 -53.44 -12.14 1.97
CA LEU A 324 -52.13 -11.49 1.95
C LEU A 324 -51.60 -11.23 3.35
N GLU A 325 -52.49 -11.00 4.32
CA GLU A 325 -52.06 -10.82 5.69
C GLU A 325 -51.59 -12.13 6.31
N GLU A 326 -52.07 -13.28 5.79
CA GLU A 326 -51.57 -14.57 6.23
C GLU A 326 -50.30 -15.00 5.50
N ILE A 327 -50.09 -14.54 4.27
CA ILE A 327 -48.81 -14.76 3.60
C ILE A 327 -47.73 -13.92 4.25
N ARG A 328 -48.06 -12.67 4.62
CA ARG A 328 -47.11 -11.81 5.32
C ARG A 328 -46.83 -12.29 6.73
N ALA A 329 -47.81 -12.94 7.37
CA ALA A 329 -47.58 -13.44 8.72
C ALA A 329 -46.66 -14.65 8.73
N LYS A 330 -46.88 -15.60 7.81
CA LYS A 330 -46.07 -16.81 7.82
C LYS A 330 -44.68 -16.58 7.24
N ALA A 331 -44.50 -15.57 6.39
CA ALA A 331 -43.18 -15.31 5.83
C ALA A 331 -42.27 -14.64 6.85
N VAL A 332 -42.82 -13.71 7.63
CA VAL A 332 -42.01 -12.99 8.62
C VAL A 332 -41.67 -13.89 9.80
N GLU A 333 -42.65 -14.67 10.27
CA GLU A 333 -42.41 -15.60 11.37
C GLU A 333 -41.51 -16.76 10.99
N TRP A 334 -41.41 -17.08 9.70
CA TRP A 334 -40.40 -18.03 9.26
C TRP A 334 -39.01 -17.43 9.32
N LEU A 335 -38.88 -16.19 8.82
CA LEU A 335 -37.56 -15.53 8.74
C LEU A 335 -36.94 -15.33 10.11
N TYR A 336 -37.76 -15.07 11.13
CA TYR A 336 -37.22 -14.80 12.46
C TYR A 336 -36.71 -16.08 13.12
N ARG A 337 -37.36 -17.22 12.87
CA ARG A 337 -36.89 -18.49 13.40
C ARG A 337 -35.56 -18.90 12.76
N GLU A 338 -35.47 -18.78 11.43
CA GLU A 338 -34.26 -19.19 10.73
C GLU A 338 -33.15 -18.15 10.89
N PHE A 339 -33.42 -16.91 10.48
CA PHE A 339 -32.42 -15.85 10.42
C PHE A 339 -32.72 -14.89 11.57
N GLU A 340 -31.93 -14.96 12.64
CA GLU A 340 -32.30 -14.33 13.91
C GLU A 340 -32.21 -12.81 13.79
N SER A 341 -33.27 -12.24 13.21
CA SER A 341 -33.46 -10.80 12.98
C SER A 341 -32.33 -10.21 12.15
N ASP A 342 -31.94 -10.94 11.10
CA ASP A 342 -30.94 -10.49 10.15
C ASP A 342 -31.53 -10.07 8.82
N LEU A 343 -32.75 -10.52 8.51
CA LEU A 343 -33.38 -10.27 7.22
C LEU A 343 -34.87 -10.13 7.44
N TYR A 344 -35.47 -9.10 6.87
CA TYR A 344 -36.90 -8.86 7.00
C TYR A 344 -37.50 -8.56 5.63
N LEU A 345 -38.78 -8.90 5.49
CA LEU A 345 -39.54 -8.71 4.25
C LEU A 345 -40.77 -7.89 4.57
N ALA A 346 -40.75 -6.62 4.22
CA ALA A 346 -41.90 -5.74 4.38
C ALA A 346 -42.78 -5.83 3.14
N ILE A 347 -44.03 -6.24 3.32
CA ILE A 347 -44.98 -6.36 2.23
C ILE A 347 -46.15 -5.41 2.50
N GLU A 348 -46.46 -4.57 1.52
CA GLU A 348 -47.51 -3.57 1.67
C GLU A 348 -48.42 -3.62 0.46
N TRP A 349 -49.60 -3.01 0.61
CA TRP A 349 -50.53 -2.89 -0.51
C TRP A 349 -51.35 -1.63 -0.37
N GLU A 350 -51.68 -1.03 -1.51
CA GLU A 350 -52.37 0.24 -1.59
C GLU A 350 -53.51 0.14 -2.60
N PRO A 351 -54.76 0.37 -2.19
CA PRO A 351 -55.88 0.24 -3.14
C PRO A 351 -55.91 1.38 -4.13
N VAL A 352 -55.86 1.04 -5.41
CA VAL A 352 -55.91 2.00 -6.51
C VAL A 352 -57.11 1.68 -7.39
N SER A 353 -57.43 2.61 -8.27
CA SER A 353 -58.58 2.50 -9.16
C SER A 353 -58.11 2.47 -10.62
N GLY A 354 -59.08 2.50 -11.53
CA GLY A 354 -58.75 2.42 -12.95
C GLY A 354 -58.15 3.72 -13.48
N ARG A 355 -58.64 4.86 -12.98
CA ARG A 355 -58.08 6.15 -13.38
C ARG A 355 -56.70 6.38 -12.78
N GLU A 356 -56.31 5.58 -11.78
CA GLU A 356 -55.04 5.76 -11.11
C GLU A 356 -53.87 5.30 -11.97
N PHE A 357 -54.12 4.41 -12.94
CA PHE A 357 -53.05 3.90 -13.79
C PHE A 357 -52.58 4.92 -14.82
N GLY A 358 -53.49 5.76 -15.33
CA GLY A 358 -53.16 6.69 -16.39
C GLY A 358 -52.97 8.11 -15.90
N ARG A 359 -52.29 8.90 -16.72
CA ARG A 359 -52.08 10.32 -16.45
C ARG A 359 -53.37 11.09 -16.72
N GLU A 360 -53.86 11.80 -15.71
CA GLU A 360 -55.07 12.59 -15.82
C GLU A 360 -54.72 14.07 -15.76
N GLY A 361 -55.17 14.84 -16.76
CA GLY A 361 -54.83 16.24 -16.86
C GLY A 361 -53.36 16.43 -17.18
N GLY A 362 -52.60 16.90 -16.19
CA GLY A 362 -51.16 16.99 -16.30
C GLY A 362 -50.48 16.36 -15.11
N LYS A 363 -51.27 16.06 -14.08
CA LYS A 363 -50.76 15.46 -12.85
C LYS A 363 -50.72 13.94 -13.02
N ASN A 364 -49.54 13.36 -12.80
CA ASN A 364 -49.36 11.93 -12.94
C ASN A 364 -49.99 11.22 -11.74
N LEU A 365 -50.91 10.29 -12.00
CA LEU A 365 -51.56 9.57 -10.92
C LEU A 365 -50.90 8.23 -10.62
N PHE A 366 -50.14 7.67 -11.54
CA PHE A 366 -49.53 6.38 -11.26
C PHE A 366 -48.25 6.52 -10.45
N ALA A 367 -47.51 7.61 -10.67
CA ALA A 367 -46.38 7.89 -9.80
C ALA A 367 -46.80 8.36 -8.42
N GLU A 368 -48.00 8.92 -8.27
CA GLU A 368 -48.47 9.33 -6.96
C GLU A 368 -48.87 8.13 -6.12
N ALA A 369 -49.53 7.14 -6.73
CA ALA A 369 -49.87 5.91 -6.03
C ALA A 369 -48.65 5.05 -5.75
N ARG A 370 -47.57 5.26 -6.49
CA ARG A 370 -46.31 4.59 -6.21
C ARG A 370 -45.54 5.27 -5.09
N LYS A 371 -45.78 6.57 -4.85
CA LYS A 371 -45.20 7.25 -3.70
C LYS A 371 -46.02 7.09 -2.44
N ARG A 372 -47.34 6.86 -2.56
CA ARG A 372 -48.12 6.51 -1.38
C ARG A 372 -47.76 5.12 -0.87
N LEU A 373 -47.39 4.22 -1.77
CA LEU A 373 -47.02 2.87 -1.40
C LEU A 373 -45.56 2.75 -0.98
N LYS A 374 -44.68 3.60 -1.52
CA LYS A 374 -43.29 3.62 -1.08
C LYS A 374 -43.15 4.22 0.31
N HIS A 375 -44.09 5.08 0.72
CA HIS A 375 -44.08 5.59 2.08
C HIS A 375 -44.51 4.54 3.09
N LYS A 376 -45.35 3.59 2.68
CA LYS A 376 -45.74 2.50 3.57
C LYS A 376 -44.66 1.44 3.67
N LEU A 377 -43.79 1.32 2.67
CA LEU A 377 -42.60 0.48 2.82
C LEU A 377 -41.58 1.12 3.74
N THR A 378 -41.55 2.46 3.81
CA THR A 378 -40.57 3.14 4.65
C THR A 378 -40.95 3.06 6.12
N VAL A 379 -42.23 3.27 6.44
CA VAL A 379 -42.67 3.24 7.83
C VAL A 379 -42.79 1.83 8.37
N ARG A 380 -42.75 0.82 7.50
CA ARG A 380 -42.76 -0.57 7.94
C ARG A 380 -41.37 -1.13 8.16
N LYS A 381 -40.36 -0.61 7.47
CA LYS A 381 -38.99 -0.99 7.78
C LYS A 381 -38.47 -0.35 9.07
N LEU A 382 -39.15 0.67 9.57
CA LEU A 382 -38.85 1.24 10.89
C LEU A 382 -39.59 0.53 12.01
N LYS A 383 -40.40 -0.46 11.69
CA LYS A 383 -41.04 -1.35 12.66
C LYS A 383 -40.69 -2.76 12.22
N ARG A 384 -39.51 -3.23 12.64
CA ARG A 384 -38.81 -4.26 11.89
C ARG A 384 -39.37 -5.67 12.11
N PHE A 385 -39.76 -6.03 13.32
CA PHE A 385 -40.39 -7.33 13.54
C PHE A 385 -41.55 -7.22 14.49
N GLY A 386 -42.44 -6.24 14.24
CA GLY A 386 -43.57 -6.01 15.11
C GLY A 386 -44.60 -7.13 15.15
N GLU A 387 -44.76 -7.88 14.06
CA GLU A 387 -45.75 -8.95 14.00
C GLU A 387 -45.17 -10.30 14.43
N ILE A 388 -44.49 -10.33 15.57
CA ILE A 388 -43.92 -11.54 16.12
C ILE A 388 -44.53 -11.88 17.48
N LYS A 389 -44.76 -10.86 18.32
CA LYS A 389 -45.36 -10.90 19.66
C LYS A 389 -44.53 -11.68 20.68
N GLY A 390 -43.34 -12.14 20.35
CA GLY A 390 -42.41 -12.67 21.30
C GLY A 390 -41.05 -12.06 21.03
N LEU A 391 -41.06 -10.83 20.52
CA LEU A 391 -39.87 -10.19 19.98
C LEU A 391 -39.08 -9.51 21.08
N PHE A 392 -39.73 -8.67 21.89
CA PHE A 392 -39.07 -7.98 22.97
C PHE A 392 -39.27 -8.66 24.32
N GLU A 393 -39.74 -9.90 24.31
CA GLU A 393 -39.88 -10.69 25.53
C GLU A 393 -38.75 -11.69 25.60
N HIS A 394 -38.05 -11.70 26.74
CA HIS A 394 -36.92 -12.58 26.93
C HIS A 394 -37.37 -14.03 27.14
N GLY A 395 -36.40 -14.93 27.16
CA GLY A 395 -36.66 -16.33 27.39
C GLY A 395 -35.40 -17.10 27.72
N HIS A 396 -35.45 -17.88 28.79
CA HIS A 396 -34.28 -18.62 29.26
C HIS A 396 -34.11 -19.87 28.40
N THR A 397 -33.13 -19.84 27.51
CA THR A 397 -32.76 -21.00 26.70
C THR A 397 -31.31 -21.35 27.03
N GLU A 398 -31.04 -22.63 27.20
CA GLU A 398 -29.76 -23.09 27.73
C GLU A 398 -28.88 -23.69 26.64
N ARG A 399 -27.56 -23.59 26.87
CA ARG A 399 -26.51 -24.26 26.11
C ARG A 399 -26.55 -23.89 24.62
N LEU A 400 -26.28 -22.62 24.33
CA LEU A 400 -26.26 -22.13 22.97
C LEU A 400 -24.83 -21.83 22.54
N ALA A 401 -24.58 -21.97 21.24
CA ALA A 401 -23.28 -21.67 20.66
C ALA A 401 -23.52 -20.94 19.33
N GLU A 402 -22.44 -20.61 18.65
CA GLU A 402 -22.52 -19.88 17.40
C GLU A 402 -21.89 -20.68 16.28
N CYS A 403 -22.42 -20.49 15.08
CA CYS A 403 -21.76 -21.01 13.90
C CYS A 403 -20.46 -20.25 13.66
N PRO A 404 -19.36 -20.96 13.37
CA PRO A 404 -18.10 -20.25 13.09
C PRO A 404 -18.09 -19.48 11.78
N VAL A 405 -19.03 -19.77 10.87
CA VAL A 405 -19.02 -19.12 9.56
C VAL A 405 -19.84 -17.84 9.62
N CYS A 406 -21.14 -17.95 9.86
CA CYS A 406 -22.05 -16.82 9.77
C CYS A 406 -22.37 -16.16 11.11
N GLY A 407 -22.12 -16.85 12.22
CA GLY A 407 -22.32 -16.25 13.52
C GLY A 407 -23.78 -16.10 13.93
N ARG A 408 -24.55 -17.18 13.84
CA ARG A 408 -25.92 -17.20 14.31
C ARG A 408 -26.01 -18.00 15.60
N GLU A 409 -26.81 -17.52 16.53
CA GLU A 409 -26.88 -18.14 17.85
C GLU A 409 -27.81 -19.34 17.76
N LEU A 410 -27.25 -20.54 17.77
CA LEU A 410 -28.06 -21.75 17.77
C LEU A 410 -27.86 -22.51 19.08
N PRO A 411 -28.88 -23.22 19.54
CA PRO A 411 -28.66 -24.18 20.63
C PRO A 411 -27.84 -25.36 20.11
N GLU A 412 -26.75 -25.66 20.82
CA GLU A 412 -25.87 -26.72 20.37
C GLU A 412 -26.53 -28.09 20.63
N GLY A 413 -26.20 -29.03 19.75
CA GLY A 413 -27.02 -30.22 19.58
C GLY A 413 -27.67 -30.13 18.22
N LYS A 414 -27.90 -28.89 17.77
CA LYS A 414 -28.27 -28.65 16.38
C LYS A 414 -27.06 -28.37 15.51
N LEU A 415 -25.92 -28.03 16.11
CA LEU A 415 -24.68 -27.92 15.35
C LEU A 415 -24.21 -29.32 14.96
N GLU A 416 -23.35 -29.37 13.94
CA GLU A 416 -22.94 -30.63 13.36
C GLU A 416 -21.60 -30.41 12.65
N PRO A 417 -20.82 -31.47 12.45
CA PRO A 417 -19.54 -31.32 11.73
C PRO A 417 -19.76 -31.02 10.27
N SER A 418 -18.86 -30.21 9.71
CA SER A 418 -18.94 -29.79 8.32
C SER A 418 -18.34 -30.86 7.40
N ALA A 419 -18.19 -30.51 6.13
CA ALA A 419 -17.53 -31.36 5.15
C ALA A 419 -16.12 -30.90 4.83
N SER A 420 -15.74 -29.69 5.22
CA SER A 420 -14.38 -29.22 5.01
C SER A 420 -13.45 -29.73 6.12
N ASP A 421 -13.75 -29.37 7.36
CA ASP A 421 -13.00 -29.86 8.52
C ASP A 421 -14.03 -30.40 9.51
N PRO A 422 -13.94 -31.69 9.91
CA PRO A 422 -14.96 -32.27 10.79
C PRO A 422 -14.90 -31.78 12.23
N GLU A 423 -13.90 -30.97 12.57
CA GLU A 423 -13.83 -30.40 13.91
C GLU A 423 -14.69 -29.16 14.05
N THR A 424 -14.85 -28.41 12.96
CA THR A 424 -15.69 -27.21 12.99
C THR A 424 -17.16 -27.59 13.06
N LYS A 425 -17.84 -27.11 14.08
CA LYS A 425 -19.23 -27.45 14.37
C LYS A 425 -20.11 -26.33 13.81
N VAL A 426 -20.59 -26.51 12.58
CA VAL A 426 -21.35 -25.48 11.90
C VAL A 426 -22.84 -25.79 11.98
N CYS A 427 -23.65 -24.77 11.74
CA CYS A 427 -25.10 -24.88 11.75
C CYS A 427 -25.57 -25.66 10.51
N PRO A 428 -26.75 -26.30 10.58
CA PRO A 428 -27.19 -27.12 9.44
C PRO A 428 -27.53 -26.31 8.19
N THR A 429 -27.90 -25.04 8.32
CA THR A 429 -28.21 -24.25 7.14
C THR A 429 -26.97 -23.73 6.42
N CYS A 430 -25.76 -24.09 6.86
CA CYS A 430 -24.55 -23.78 6.12
C CYS A 430 -23.79 -25.01 5.66
N ASN A 431 -24.24 -26.21 6.00
CA ASN A 431 -23.82 -27.40 5.26
C ASN A 431 -24.67 -27.65 4.04
N ARG A 432 -25.86 -27.06 3.98
CA ARG A 432 -26.69 -27.13 2.78
C ARG A 432 -26.22 -26.16 1.71
N LEU A 433 -25.42 -25.16 2.09
CA LEU A 433 -24.95 -24.16 1.14
C LEU A 433 -23.53 -24.42 0.64
N VAL A 434 -22.74 -25.19 1.39
CA VAL A 434 -21.46 -25.65 0.86
C VAL A 434 -21.67 -26.74 -0.17
N SER A 435 -22.67 -27.61 0.05
CA SER A 435 -23.03 -28.61 -0.95
C SER A 435 -23.65 -27.95 -2.18
N LEU A 436 -24.56 -26.99 -1.96
CA LEU A 436 -25.13 -26.22 -3.06
C LEU A 436 -24.07 -25.39 -3.77
N GLY A 437 -23.05 -24.94 -3.05
CA GLY A 437 -21.95 -24.23 -3.68
C GLY A 437 -21.12 -25.12 -4.60
N GLY A 438 -21.04 -26.41 -4.29
CA GLY A 438 -20.34 -27.35 -5.14
C GLY A 438 -21.12 -27.82 -6.36
N ASN A 439 -22.43 -27.56 -6.40
CA ASN A 439 -23.25 -27.98 -7.52
C ASN A 439 -23.63 -26.83 -8.46
N LEU A 440 -23.18 -25.62 -8.19
CA LEU A 440 -23.49 -24.48 -9.06
C LEU A 440 -23.01 -24.60 -10.52
N PRO A 441 -21.90 -25.26 -10.86
CA PRO A 441 -21.70 -25.60 -12.28
C PRO A 441 -22.72 -26.59 -12.81
N LYS A 442 -23.04 -27.62 -12.05
CA LYS A 442 -23.94 -28.69 -12.47
C LYS A 442 -25.39 -28.41 -12.06
N LEU A 443 -25.93 -27.26 -12.46
CA LEU A 443 -27.26 -26.86 -12.00
C LEU A 443 -27.97 -26.07 -13.09
N LEU A 444 -29.14 -26.57 -13.52
CA LEU A 444 -29.96 -25.89 -14.51
C LEU A 444 -31.23 -25.31 -13.90
N GLY A 445 -31.19 -25.01 -12.60
CA GLY A 445 -32.34 -24.43 -11.94
C GLY A 445 -32.74 -25.17 -10.68
N PHE A 446 -34.03 -25.10 -10.34
CA PHE A 446 -34.54 -25.68 -9.12
C PHE A 446 -35.95 -26.22 -9.36
N GLY A 447 -36.38 -27.10 -8.47
CA GLY A 447 -37.75 -27.56 -8.49
C GLY A 447 -38.43 -27.25 -7.17
N ARG A 448 -39.58 -26.58 -7.22
CA ARG A 448 -40.23 -26.04 -6.03
C ARG A 448 -41.37 -26.97 -5.63
N THR A 449 -41.18 -27.70 -4.55
CA THR A 449 -42.17 -28.67 -4.06
C THR A 449 -42.39 -28.51 -2.57
N ALA A 450 -43.11 -29.43 -1.94
CA ALA A 450 -43.44 -29.32 -0.53
C ALA A 450 -42.21 -29.48 0.36
N LYS A 451 -42.38 -29.12 1.63
CA LYS A 451 -41.26 -29.10 2.57
C LYS A 451 -40.74 -30.50 2.87
N ASN A 452 -41.66 -31.45 3.07
CA ASN A 452 -41.28 -32.80 3.49
C ASN A 452 -41.22 -33.74 2.29
N ASP A 453 -40.26 -33.48 1.40
CA ASP A 453 -39.95 -34.36 0.30
C ASP A 453 -38.48 -34.73 0.31
N ALA A 454 -38.13 -35.71 -0.53
CA ALA A 454 -36.77 -36.21 -0.60
C ALA A 454 -35.97 -35.43 -1.63
N GLY A 455 -34.70 -35.18 -1.31
CA GLY A 455 -33.81 -34.45 -2.18
C GLY A 455 -33.74 -32.96 -1.92
N VAL A 456 -34.40 -32.46 -0.87
CA VAL A 456 -34.49 -31.03 -0.61
C VAL A 456 -33.24 -30.58 0.15
N LEU A 457 -32.40 -29.77 -0.50
CA LEU A 457 -31.31 -29.14 0.23
C LEU A 457 -31.81 -27.99 1.09
N VAL A 458 -32.43 -27.00 0.47
CA VAL A 458 -32.73 -25.73 1.14
C VAL A 458 -34.24 -25.55 1.22
N GLU A 459 -34.68 -24.88 2.29
CA GLU A 459 -36.09 -24.71 2.58
C GLU A 459 -36.43 -23.23 2.60
N GLY A 460 -37.47 -22.85 1.87
CA GLY A 460 -37.97 -21.51 1.89
C GLY A 460 -39.05 -21.33 2.95
N PRO A 461 -39.69 -20.16 2.98
CA PRO A 461 -40.77 -19.95 3.96
C PRO A 461 -42.02 -20.75 3.69
N PHE A 462 -42.27 -21.14 2.44
CA PHE A 462 -43.47 -21.87 2.08
C PHE A 462 -43.21 -23.21 1.40
N SER A 463 -42.01 -23.42 0.87
CA SER A 463 -41.77 -24.55 -0.02
C SER A 463 -40.30 -24.89 -0.01
N GLY A 464 -40.00 -26.17 -0.25
CA GLY A 464 -38.63 -26.65 -0.34
C GLY A 464 -38.22 -26.78 -1.79
N PHE A 465 -36.93 -26.54 -2.04
CA PHE A 465 -36.38 -26.51 -3.39
C PHE A 465 -35.43 -27.68 -3.59
N VAL A 466 -35.61 -28.41 -4.69
CA VAL A 466 -34.73 -29.52 -5.03
C VAL A 466 -33.77 -29.08 -6.13
N PRO A 467 -32.53 -29.58 -6.12
CA PRO A 467 -31.58 -29.23 -7.19
C PRO A 467 -31.91 -29.99 -8.47
N TYR A 468 -32.25 -29.25 -9.52
CA TYR A 468 -32.42 -29.81 -10.85
C TYR A 468 -31.06 -29.82 -11.53
N LEU A 469 -30.44 -31.00 -11.56
CA LEU A 469 -29.08 -31.21 -12.05
C LEU A 469 -29.02 -31.09 -13.57
N GLN A 470 -27.82 -31.37 -14.11
CA GLN A 470 -27.65 -31.40 -15.56
C GLN A 470 -28.46 -32.54 -16.18
N GLY A 471 -28.27 -33.76 -15.72
CA GLY A 471 -29.01 -34.90 -16.23
C GLY A 471 -29.98 -35.47 -15.21
N GLY A 472 -31.23 -35.60 -15.60
CA GLY A 472 -32.24 -36.18 -14.73
C GLY A 472 -33.60 -35.56 -15.00
N ARG A 473 -34.61 -36.18 -14.41
CA ARG A 473 -35.98 -35.71 -14.52
C ARG A 473 -36.31 -34.84 -13.31
N PRO A 474 -36.91 -33.66 -13.50
CA PRO A 474 -37.21 -32.80 -12.36
C PRO A 474 -38.39 -33.33 -11.55
N VAL A 475 -38.54 -32.76 -10.35
CA VAL A 475 -39.70 -32.99 -9.51
C VAL A 475 -40.12 -31.65 -8.92
N GLY A 476 -41.41 -31.39 -8.89
CA GLY A 476 -41.95 -30.15 -8.36
C GLY A 476 -43.09 -29.66 -9.25
N GLU A 477 -44.08 -29.05 -8.61
CA GLU A 477 -45.20 -28.49 -9.35
C GLU A 477 -44.82 -27.23 -10.11
N GLN A 478 -43.83 -26.50 -9.60
CA GLN A 478 -43.31 -25.31 -10.25
C GLN A 478 -41.81 -25.47 -10.37
N ILE A 479 -41.30 -25.41 -11.59
CA ILE A 479 -39.91 -25.72 -11.87
C ILE A 479 -39.22 -24.47 -12.38
N LEU A 480 -38.38 -23.87 -11.54
CA LEU A 480 -37.63 -22.69 -11.93
C LEU A 480 -36.40 -23.10 -12.72
N VAL A 481 -36.24 -22.54 -13.91
CA VAL A 481 -35.09 -22.83 -14.78
C VAL A 481 -34.33 -21.54 -14.98
N LYS A 482 -33.00 -21.61 -14.92
CA LYS A 482 -32.17 -20.42 -14.91
C LYS A 482 -31.57 -20.12 -16.28
N ASN A 483 -31.56 -18.82 -16.62
CA ASN A 483 -30.83 -18.24 -17.75
C ASN A 483 -31.27 -18.77 -19.11
N THR A 484 -32.49 -19.28 -19.23
CA THR A 484 -33.01 -19.67 -20.53
C THR A 484 -34.52 -19.50 -20.54
N LEU A 485 -35.07 -19.38 -21.75
CA LEU A 485 -36.50 -19.25 -21.98
C LEU A 485 -37.03 -20.45 -22.75
N ASN A 486 -36.56 -21.64 -22.41
CA ASN A 486 -36.88 -22.86 -23.15
C ASN A 486 -37.21 -24.00 -22.19
N PRO A 487 -38.46 -24.45 -22.13
CA PRO A 487 -38.79 -25.61 -21.30
C PRO A 487 -38.35 -26.93 -21.92
N GLY A 488 -37.10 -27.32 -21.72
CA GLY A 488 -36.54 -28.47 -22.40
C GLY A 488 -37.09 -29.83 -21.99
N GLU A 489 -36.80 -30.27 -20.77
CA GLU A 489 -37.19 -31.59 -20.29
C GLU A 489 -38.17 -31.51 -19.13
N ILE A 490 -39.09 -30.56 -19.20
CA ILE A 490 -40.05 -30.32 -18.12
C ILE A 490 -41.32 -31.10 -18.41
N PRO A 491 -41.93 -31.75 -17.41
CA PRO A 491 -43.21 -32.41 -17.62
C PRO A 491 -44.31 -31.41 -18.00
N GLU A 492 -45.31 -31.93 -18.72
CA GLU A 492 -46.37 -31.11 -19.29
C GLU A 492 -47.47 -30.75 -18.30
N SER A 493 -47.32 -31.10 -17.02
CA SER A 493 -48.27 -30.69 -15.99
C SER A 493 -47.60 -29.84 -14.92
N ALA A 494 -46.41 -29.32 -15.20
CA ALA A 494 -45.66 -28.48 -14.28
C ALA A 494 -45.60 -27.05 -14.80
N GLN A 495 -45.30 -26.12 -13.90
CA GLN A 495 -45.25 -24.70 -14.22
C GLN A 495 -43.81 -24.27 -14.44
N PHE A 496 -43.60 -23.52 -15.53
CA PHE A 496 -42.28 -23.08 -15.95
C PHE A 496 -42.07 -21.62 -15.56
N VAL A 497 -41.13 -21.36 -14.68
CA VAL A 497 -40.78 -20.03 -14.23
C VAL A 497 -39.36 -19.73 -14.66
N PRO A 498 -39.16 -18.96 -15.73
CA PRO A 498 -37.80 -18.60 -16.11
C PRO A 498 -37.29 -17.42 -15.30
N TYR A 499 -36.05 -17.53 -14.85
CA TYR A 499 -35.41 -16.45 -14.11
C TYR A 499 -33.98 -16.33 -14.58
N PHE A 500 -33.44 -15.12 -14.53
CA PHE A 500 -32.09 -14.86 -15.00
C PHE A 500 -31.21 -14.47 -13.82
N VAL A 501 -29.94 -14.82 -13.93
CA VAL A 501 -28.96 -14.55 -12.90
C VAL A 501 -27.59 -14.47 -13.56
N ALA A 502 -26.79 -13.49 -13.13
CA ALA A 502 -25.42 -13.36 -13.63
C ALA A 502 -24.59 -14.47 -13.00
N ASP A 503 -24.20 -15.44 -13.82
CA ASP A 503 -23.58 -16.66 -13.31
C ASP A 503 -22.18 -16.89 -13.86
N TYR A 504 -21.46 -15.83 -14.22
CA TYR A 504 -20.08 -16.02 -14.65
C TYR A 504 -19.19 -16.25 -13.44
N PHE A 505 -18.30 -17.24 -13.55
CA PHE A 505 -17.34 -17.52 -12.50
C PHE A 505 -16.12 -18.19 -13.13
N LYS A 506 -14.96 -17.89 -12.57
CA LYS A 506 -13.74 -18.58 -12.97
C LYS A 506 -13.73 -19.98 -12.39
N LYS A 507 -13.32 -20.95 -13.20
CA LYS A 507 -13.16 -22.30 -12.74
C LYS A 507 -11.69 -22.62 -12.50
N ASP A 508 -11.46 -23.53 -11.56
CA ASP A 508 -10.15 -24.08 -11.26
C ASP A 508 -9.80 -25.13 -12.32
N PRO A 509 -8.66 -25.82 -12.22
CA PRO A 509 -8.48 -27.04 -13.02
C PRO A 509 -9.52 -28.14 -12.77
N LYS A 510 -10.27 -28.09 -11.66
CA LYS A 510 -11.47 -28.90 -11.49
C LYS A 510 -12.67 -28.20 -12.11
N GLY A 511 -13.88 -28.66 -11.80
CA GLY A 511 -15.07 -28.03 -12.35
C GLY A 511 -15.66 -26.89 -11.55
N GLY A 512 -15.28 -26.74 -10.29
CA GLY A 512 -15.94 -25.83 -9.39
C GLY A 512 -15.50 -24.38 -9.52
N VAL A 513 -16.07 -23.54 -8.66
CA VAL A 513 -15.81 -22.11 -8.59
C VAL A 513 -14.39 -21.90 -8.08
N ALA A 514 -13.73 -20.85 -8.57
CA ALA A 514 -12.37 -20.53 -8.10
C ALA A 514 -12.41 -19.97 -6.68
N THR A 515 -11.23 -19.57 -6.20
CA THR A 515 -11.01 -19.32 -4.79
C THR A 515 -10.42 -17.92 -4.63
N PHE A 516 -10.61 -17.33 -3.44
CA PHE A 516 -9.94 -16.08 -3.10
C PHE A 516 -8.42 -16.22 -3.15
N GLU A 517 -7.90 -17.40 -2.83
CA GLU A 517 -6.47 -17.67 -2.89
C GLU A 517 -6.02 -18.17 -4.26
N GLU A 518 -6.95 -18.34 -5.21
CA GLU A 518 -6.61 -18.80 -6.54
C GLU A 518 -6.88 -17.75 -7.62
N LEU A 519 -7.85 -16.86 -7.39
CA LEU A 519 -8.06 -15.74 -8.30
C LEU A 519 -6.92 -14.75 -8.24
N SER A 520 -6.42 -14.48 -7.04
CA SER A 520 -5.40 -13.46 -6.83
C SER A 520 -3.99 -13.96 -7.07
N MET A 521 -3.82 -15.19 -7.55
CA MET A 521 -2.52 -15.70 -7.95
C MET A 521 -2.40 -15.82 -9.46
N ALA A 522 -3.14 -15.00 -10.21
CA ALA A 522 -2.97 -14.86 -11.64
C ALA A 522 -3.07 -13.40 -12.05
N SER A 523 -2.80 -12.50 -11.10
CA SER A 523 -2.82 -11.07 -11.36
C SER A 523 -1.45 -10.63 -11.83
N THR A 524 -1.41 -9.88 -12.94
CA THR A 524 -0.15 -9.45 -13.54
C THR A 524 0.43 -8.33 -12.69
N GLY A 525 1.20 -8.71 -11.67
CA GLY A 525 1.79 -7.76 -10.74
C GLY A 525 1.79 -8.31 -9.32
N THR A 526 1.61 -7.42 -8.35
CA THR A 526 1.56 -7.82 -6.96
C THR A 526 0.24 -8.55 -6.66
N ARG A 527 0.21 -9.23 -5.52
CA ARG A 527 -0.93 -10.07 -5.16
C ARG A 527 -1.88 -9.26 -4.27
N ARG A 528 -3.05 -8.94 -4.81
CA ARG A 528 -4.15 -8.29 -4.12
C ARG A 528 -5.44 -8.93 -4.59
N LEU A 529 -6.51 -8.74 -3.83
CA LEU A 529 -7.83 -9.13 -4.27
C LEU A 529 -8.55 -7.91 -4.82
N GLY A 530 -9.25 -8.09 -5.95
CA GLY A 530 -9.98 -7.00 -6.55
C GLY A 530 -11.45 -7.11 -6.29
N VAL A 531 -12.02 -6.14 -5.58
CA VAL A 531 -13.41 -6.15 -5.16
C VAL A 531 -14.06 -4.87 -5.65
N MET A 532 -15.06 -4.99 -6.52
CA MET A 532 -15.81 -3.83 -6.99
C MET A 532 -17.29 -3.96 -6.67
N LYS A 533 -17.92 -2.81 -6.46
CA LYS A 533 -19.34 -2.73 -6.14
C LYS A 533 -19.85 -1.42 -6.70
N GLY A 534 -20.90 -1.48 -7.51
CA GLY A 534 -21.39 -0.27 -8.15
C GLY A 534 -22.84 -0.41 -8.57
N ASP A 535 -23.55 0.72 -8.57
CA ASP A 535 -24.96 0.73 -8.94
C ASP A 535 -25.31 1.93 -9.80
N VAL A 536 -26.43 1.80 -10.51
CA VAL A 536 -27.03 2.90 -11.25
C VAL A 536 -27.45 3.99 -10.28
N ASP A 537 -27.20 5.24 -10.66
CA ASP A 537 -27.46 6.38 -9.79
C ASP A 537 -28.68 7.17 -10.25
N ARG A 538 -29.43 7.68 -9.27
CA ARG A 538 -30.65 8.47 -9.45
C ARG A 538 -31.67 7.73 -10.32
N LEU A 539 -31.79 6.43 -10.04
CA LEU A 539 -32.68 5.57 -10.81
C LEU A 539 -34.12 5.68 -10.37
N GLY A 540 -34.37 5.92 -9.08
CA GLY A 540 -35.73 6.07 -8.59
C GLY A 540 -36.42 7.32 -9.10
N GLU A 541 -35.65 8.34 -9.48
CA GLU A 541 -36.20 9.50 -10.17
C GLU A 541 -36.57 9.19 -11.61
N PHE A 542 -35.83 8.27 -12.26
CA PHE A 542 -36.17 7.86 -13.61
C PHE A 542 -37.47 7.05 -13.64
N PHE A 543 -37.71 6.25 -12.60
CA PHE A 543 -38.93 5.46 -12.49
C PHE A 543 -40.16 6.29 -12.12
N SER A 544 -39.98 7.55 -11.77
CA SER A 544 -41.09 8.45 -11.54
C SER A 544 -41.58 9.14 -12.82
N SER A 545 -40.80 9.05 -13.89
CA SER A 545 -41.24 9.55 -15.20
C SER A 545 -42.20 8.59 -15.90
N MET A 546 -42.36 7.38 -15.39
CA MET A 546 -43.29 6.42 -15.97
C MET A 546 -44.71 6.72 -15.50
N ASP A 547 -45.65 6.78 -16.44
CA ASP A 547 -47.02 7.18 -16.15
C ASP A 547 -48.04 6.15 -16.60
N SER A 548 -47.64 4.89 -16.70
CA SER A 548 -48.53 3.78 -17.03
C SER A 548 -47.86 2.49 -16.57
N PRO A 549 -48.62 1.43 -16.29
CA PRO A 549 -47.97 0.19 -15.84
C PRO A 549 -47.18 -0.51 -16.94
N SER A 550 -47.52 -0.30 -18.21
CA SER A 550 -46.74 -0.89 -19.28
C SER A 550 -45.41 -0.18 -19.47
N LYS A 551 -45.38 1.14 -19.24
CA LYS A 551 -44.14 1.89 -19.36
C LYS A 551 -43.21 1.61 -18.18
N LEU A 552 -43.77 1.33 -17.01
CA LEU A 552 -42.95 0.88 -15.88
C LEU A 552 -42.39 -0.51 -16.14
N ALA A 553 -43.20 -1.41 -16.71
CA ALA A 553 -42.73 -2.77 -16.98
C ALA A 553 -41.68 -2.80 -18.08
N THR A 554 -41.73 -1.85 -19.02
CA THR A 554 -40.70 -1.79 -20.05
C THR A 554 -39.40 -1.25 -19.48
N ALA A 555 -39.48 -0.21 -18.64
CA ALA A 555 -38.27 0.42 -18.11
C ALA A 555 -37.58 -0.42 -17.04
N SER A 556 -38.28 -1.37 -16.44
CA SER A 556 -37.73 -2.15 -15.35
C SER A 556 -37.22 -3.52 -15.77
N ARG A 557 -37.41 -3.92 -17.02
CA ARG A 557 -36.75 -5.13 -17.52
C ARG A 557 -35.43 -4.82 -18.20
N PHE A 558 -35.39 -3.73 -18.97
CA PHE A 558 -34.20 -3.39 -19.72
C PHE A 558 -33.05 -3.01 -18.79
N MET A 559 -33.35 -2.31 -17.71
CA MET A 559 -32.33 -2.07 -16.68
C MET A 559 -31.99 -3.34 -15.93
N ASP A 560 -32.97 -4.24 -15.75
CA ASP A 560 -32.71 -5.49 -15.07
C ASP A 560 -31.89 -6.44 -15.93
N TYR A 561 -32.11 -6.43 -17.25
CA TYR A 561 -31.39 -7.31 -18.16
C TYR A 561 -29.94 -6.93 -18.35
N PHE A 562 -29.55 -5.70 -18.01
CA PHE A 562 -28.15 -5.32 -18.13
C PHE A 562 -27.30 -6.06 -17.10
N PHE A 563 -27.79 -6.17 -15.88
CA PHE A 563 -27.01 -6.83 -14.84
C PHE A 563 -27.28 -8.34 -14.82
N LYS A 564 -28.48 -8.75 -15.22
CA LYS A 564 -28.76 -10.18 -15.34
C LYS A 564 -28.06 -10.77 -16.55
N GLY A 565 -28.22 -10.16 -17.72
CA GLY A 565 -27.75 -10.78 -18.94
C GLY A 565 -26.55 -10.15 -19.62
N TYR A 566 -26.44 -8.83 -19.61
CA TYR A 566 -25.41 -8.15 -20.38
C TYR A 566 -24.18 -7.81 -19.53
N ILE A 567 -23.92 -8.57 -18.48
CA ILE A 567 -22.67 -8.45 -17.75
C ILE A 567 -21.81 -9.71 -17.92
N GLY A 568 -22.40 -10.84 -18.29
CA GLY A 568 -21.59 -11.97 -18.70
C GLY A 568 -21.03 -11.79 -20.10
N ALA A 569 -21.79 -11.13 -20.98
CA ALA A 569 -21.35 -10.89 -22.35
C ALA A 569 -20.28 -9.80 -22.44
N ILE A 570 -20.02 -9.07 -21.36
CA ILE A 570 -18.85 -8.19 -21.32
C ILE A 570 -17.60 -8.97 -20.94
N ILE A 571 -17.70 -9.82 -19.91
CA ILE A 571 -16.55 -10.57 -19.44
C ILE A 571 -16.15 -11.66 -20.44
N GLU A 572 -17.07 -12.09 -21.31
CA GLU A 572 -16.69 -12.98 -22.40
C GLU A 572 -15.89 -12.28 -23.48
N GLY A 573 -15.79 -10.96 -23.46
CA GLY A 573 -14.93 -10.24 -24.37
C GLY A 573 -15.58 -9.74 -25.63
N LYS A 574 -16.89 -9.51 -25.61
CA LYS A 574 -17.59 -9.03 -26.77
C LYS A 574 -17.55 -7.49 -26.80
N PHE A 575 -18.38 -6.92 -27.67
CA PHE A 575 -18.75 -5.49 -27.70
C PHE A 575 -17.53 -4.64 -28.03
N GLY A 576 -16.83 -5.00 -29.11
CA GLY A 576 -15.52 -4.43 -29.39
C GLY A 576 -15.53 -3.01 -29.88
N TYR A 577 -16.44 -2.68 -30.78
CA TYR A 577 -16.50 -1.33 -31.33
C TYR A 577 -17.34 -0.41 -30.45
N ILE A 578 -18.31 -0.98 -29.75
CA ILE A 578 -19.20 -0.20 -28.89
C ILE A 578 -18.46 0.27 -27.63
N ILE A 579 -17.59 -0.57 -27.08
CA ILE A 579 -16.79 -0.17 -25.93
C ILE A 579 -15.57 0.60 -26.40
N GLY A 580 -14.83 0.03 -27.32
CA GLY A 580 -13.68 0.71 -27.91
C GLY A 580 -12.40 0.40 -27.14
N ASP A 581 -11.73 1.43 -26.65
CA ASP A 581 -10.49 1.29 -25.90
C ASP A 581 -10.69 1.80 -24.48
N VAL A 582 -10.13 1.06 -23.53
CA VAL A 582 -10.32 1.29 -22.08
C VAL A 582 -8.97 1.20 -21.40
N PRO A 583 -8.86 1.71 -20.15
CA PRO A 583 -7.60 1.51 -19.42
C PRO A 583 -7.37 0.06 -19.02
N SER A 584 -6.47 -0.59 -19.76
CA SER A 584 -6.19 -2.01 -19.64
C SER A 584 -4.72 -2.21 -19.39
N LEU A 585 -4.39 -3.06 -18.41
CA LEU A 585 -2.98 -3.35 -18.13
C LEU A 585 -2.48 -4.43 -19.09
N ARG A 586 -3.04 -5.62 -19.00
CA ARG A 586 -2.85 -6.65 -20.01
C ARG A 586 -4.06 -6.70 -20.92
N ASP A 587 -3.86 -7.29 -22.10
CA ASP A 587 -4.95 -7.43 -23.06
C ASP A 587 -6.01 -8.38 -22.53
N TRP A 588 -7.24 -8.19 -23.01
CA TRP A 588 -8.39 -8.87 -22.42
C TRP A 588 -8.36 -10.35 -22.77
N PRO A 589 -8.29 -11.25 -21.80
CA PRO A 589 -8.06 -12.67 -22.09
C PRO A 589 -9.35 -13.37 -22.49
N GLU A 590 -9.18 -14.60 -22.99
CA GLU A 590 -10.32 -15.45 -23.31
C GLU A 590 -10.97 -16.03 -22.06
N GLU A 591 -10.21 -16.20 -20.98
CA GLU A 591 -10.71 -16.75 -19.72
C GLU A 591 -10.35 -15.79 -18.61
N PRO A 592 -11.18 -14.78 -18.34
CA PRO A 592 -10.90 -13.85 -17.23
C PRO A 592 -11.21 -14.48 -15.89
N ASP A 593 -10.26 -14.39 -14.96
CA ASP A 593 -10.47 -14.91 -13.61
C ASP A 593 -11.29 -13.90 -12.80
N ILE A 594 -12.60 -13.95 -13.04
CA ILE A 594 -13.56 -12.99 -12.50
C ILE A 594 -14.73 -13.79 -11.96
N VAL A 595 -15.14 -13.53 -10.71
CA VAL A 595 -16.27 -14.19 -10.10
C VAL A 595 -17.36 -13.15 -9.84
N VAL A 596 -18.53 -13.37 -10.42
CA VAL A 596 -19.69 -12.51 -10.20
C VAL A 596 -20.42 -13.08 -8.99
N VAL A 597 -20.22 -12.46 -7.84
CA VAL A 597 -20.98 -12.82 -6.64
C VAL A 597 -22.45 -12.49 -6.83
N TYR A 598 -22.75 -11.25 -7.23
CA TYR A 598 -24.12 -10.87 -7.54
C TYR A 598 -24.11 -9.79 -8.60
N ALA A 599 -25.09 -9.85 -9.49
CA ALA A 599 -25.51 -8.71 -10.30
C ALA A 599 -27.00 -8.82 -10.52
N GLY A 600 -27.71 -7.70 -10.37
CA GLY A 600 -29.16 -7.73 -10.45
C GLY A 600 -29.82 -6.55 -9.78
N GLY A 601 -30.95 -6.11 -10.31
CA GLY A 601 -31.56 -4.91 -9.80
C GLY A 601 -30.91 -3.70 -10.44
N ASP A 602 -30.19 -2.91 -9.65
CA ASP A 602 -29.35 -1.86 -10.20
C ASP A 602 -27.89 -2.03 -9.82
N ASP A 603 -27.57 -2.94 -8.91
CA ASP A 603 -26.21 -3.02 -8.40
C ASP A 603 -25.57 -4.33 -8.82
N PHE A 604 -24.25 -4.39 -8.68
CA PHE A 604 -23.50 -5.62 -8.84
C PHE A 604 -22.42 -5.67 -7.77
N PHE A 605 -21.97 -6.88 -7.47
CA PHE A 605 -20.83 -7.10 -6.59
C PHE A 605 -19.97 -8.19 -7.20
N ILE A 606 -18.76 -7.84 -7.60
CA ILE A 606 -17.91 -8.71 -8.40
C ILE A 606 -16.51 -8.73 -7.79
N VAL A 607 -16.00 -9.93 -7.50
CA VAL A 607 -14.65 -10.12 -7.02
C VAL A 607 -13.82 -10.78 -8.10
N GLY A 608 -12.51 -10.71 -7.95
CA GLY A 608 -11.62 -11.32 -8.92
C GLY A 608 -10.20 -10.82 -8.76
N ALA A 609 -9.38 -11.15 -9.76
CA ALA A 609 -8.00 -10.66 -9.79
C ALA A 609 -8.00 -9.16 -10.00
N TRP A 610 -7.16 -8.47 -9.24
CA TRP A 610 -7.26 -7.02 -9.10
C TRP A 610 -6.79 -6.27 -10.34
N ASP A 611 -6.16 -6.95 -11.30
CA ASP A 611 -5.74 -6.36 -12.55
C ASP A 611 -6.78 -6.49 -13.64
N GLN A 612 -7.81 -7.31 -13.43
CA GLN A 612 -8.92 -7.40 -14.36
C GLN A 612 -10.22 -6.86 -13.78
N ILE A 613 -10.30 -6.72 -12.46
CA ILE A 613 -11.38 -5.94 -11.85
C ILE A 613 -11.27 -4.48 -12.27
N PHE A 614 -10.03 -3.96 -12.27
CA PHE A 614 -9.79 -2.55 -12.62
C PHE A 614 -10.14 -2.26 -14.07
N GLU A 615 -9.84 -3.18 -14.99
CA GLU A 615 -10.22 -2.98 -16.38
C GLU A 615 -11.72 -3.11 -16.56
N LEU A 616 -12.36 -4.05 -15.86
CA LEU A 616 -13.77 -4.30 -16.04
C LEU A 616 -14.63 -3.17 -15.49
N ALA A 617 -14.12 -2.39 -14.54
CA ALA A 617 -14.86 -1.25 -14.01
C ALA A 617 -15.04 -0.17 -15.07
N PHE A 618 -14.06 0.02 -15.94
CA PHE A 618 -14.16 0.96 -17.03
C PHE A 618 -14.68 0.32 -18.31
N ARG A 619 -14.96 -0.98 -18.27
CA ARG A 619 -15.51 -1.70 -19.41
C ARG A 619 -17.00 -1.98 -19.24
N VAL A 620 -17.44 -2.24 -18.01
CA VAL A 620 -18.87 -2.30 -17.72
C VAL A 620 -19.50 -0.92 -17.86
N ARG A 621 -18.83 0.12 -17.34
CA ARG A 621 -19.45 1.43 -17.28
C ARG A 621 -19.46 2.11 -18.66
N ARG A 622 -18.46 1.83 -19.49
CA ARG A 622 -18.53 2.25 -20.88
C ARG A 622 -19.64 1.53 -21.65
N ALA A 623 -19.91 0.26 -21.32
CA ALA A 623 -21.02 -0.44 -21.94
C ALA A 623 -22.37 0.05 -21.42
N PHE A 624 -22.42 0.57 -20.19
CA PHE A 624 -23.66 1.12 -19.68
C PHE A 624 -23.93 2.50 -20.27
N ASN A 625 -22.88 3.21 -20.69
CA ASN A 625 -23.04 4.51 -21.36
C ASN A 625 -23.68 4.36 -22.73
N ALA A 626 -23.52 3.22 -23.39
CA ALA A 626 -24.13 2.98 -24.68
C ALA A 626 -25.39 2.14 -24.61
N TYR A 627 -25.60 1.41 -23.51
CA TYR A 627 -26.85 0.66 -23.36
C TYR A 627 -28.02 1.61 -23.17
N THR A 628 -27.99 2.39 -22.10
CA THR A 628 -28.79 3.60 -22.05
C THR A 628 -28.20 4.59 -23.05
N GLY A 629 -29.03 5.53 -23.50
CA GLY A 629 -28.54 6.49 -24.48
C GLY A 629 -27.74 7.64 -23.90
N GLY A 630 -26.79 7.35 -23.01
CA GLY A 630 -26.00 8.36 -22.35
C GLY A 630 -26.68 9.09 -21.22
N LYS A 631 -27.96 8.81 -20.95
CA LYS A 631 -28.73 9.56 -19.98
C LYS A 631 -28.70 8.98 -18.58
N LEU A 632 -28.16 7.77 -18.41
CA LEU A 632 -27.94 7.22 -17.08
C LEU A 632 -26.49 6.75 -16.98
N THR A 633 -25.95 6.83 -15.77
CA THR A 633 -24.53 6.59 -15.51
C THR A 633 -24.39 5.51 -14.46
N LEU A 634 -23.17 5.01 -14.28
CA LEU A 634 -22.87 4.21 -13.12
C LEU A 634 -21.98 4.98 -12.15
N SER A 635 -21.72 4.36 -11.01
CA SER A 635 -20.78 4.86 -10.02
C SER A 635 -20.23 3.64 -9.32
N VAL A 636 -18.91 3.46 -9.36
CA VAL A 636 -18.25 2.22 -8.98
C VAL A 636 -17.33 2.49 -7.80
N GLY A 637 -17.40 1.62 -6.79
CA GLY A 637 -16.44 1.63 -5.72
C GLY A 637 -15.41 0.53 -5.92
N LEU A 638 -14.16 0.76 -5.52
CA LEU A 638 -13.08 -0.19 -5.74
C LEU A 638 -12.16 -0.27 -4.54
N GLY A 639 -11.75 -1.50 -4.25
CA GLY A 639 -10.81 -1.74 -3.16
C GLY A 639 -9.84 -2.84 -3.53
N TYR A 640 -8.69 -2.81 -2.86
CA TYR A 640 -7.62 -3.78 -3.07
C TYR A 640 -7.17 -4.28 -1.71
N PHE A 641 -7.35 -5.58 -1.48
CA PHE A 641 -7.22 -6.11 -0.12
C PHE A 641 -6.24 -7.27 -0.05
N ASP A 642 -6.20 -7.94 1.11
CA ASP A 642 -5.50 -9.19 1.27
C ASP A 642 -6.49 -10.34 1.15
N GLU A 643 -5.98 -11.51 0.78
CA GLU A 643 -6.82 -12.70 0.65
C GLU A 643 -7.40 -13.14 1.99
N ARG A 644 -6.66 -12.93 3.08
CA ARG A 644 -7.00 -13.47 4.37
C ARG A 644 -7.88 -12.54 5.20
N THR A 645 -8.13 -11.32 4.72
CA THR A 645 -9.19 -10.50 5.27
C THR A 645 -10.52 -11.21 5.03
N PRO A 646 -11.40 -11.26 6.01
CA PRO A 646 -12.71 -11.89 5.77
C PRO A 646 -13.62 -10.99 4.97
N ILE A 647 -14.55 -11.61 4.25
CA ILE A 647 -15.41 -10.90 3.29
C ILE A 647 -16.46 -10.03 3.97
N TYR A 648 -16.65 -10.14 5.29
CA TYR A 648 -17.48 -9.14 5.95
C TYR A 648 -16.77 -7.82 6.09
N ARG A 649 -15.44 -7.82 6.03
CA ARG A 649 -14.66 -6.60 6.07
C ARG A 649 -14.34 -6.07 4.67
N MET A 650 -14.19 -6.95 3.69
CA MET A 650 -13.95 -6.50 2.31
C MET A 650 -15.22 -6.06 1.61
N ALA A 651 -16.37 -6.09 2.28
CA ALA A 651 -17.61 -5.53 1.76
C ALA A 651 -17.97 -4.22 2.45
N ASP A 652 -17.68 -4.10 3.75
CA ASP A 652 -17.95 -2.85 4.47
C ASP A 652 -17.03 -1.72 4.04
N VAL A 653 -15.86 -2.03 3.50
CA VAL A 653 -14.96 -0.97 3.04
C VAL A 653 -15.40 -0.46 1.67
N VAL A 654 -15.72 -1.36 0.75
CA VAL A 654 -16.08 -0.96 -0.60
C VAL A 654 -17.45 -0.30 -0.63
N SER A 655 -18.37 -0.74 0.25
CA SER A 655 -19.65 -0.05 0.37
C SER A 655 -19.49 1.35 0.93
N GLU A 656 -18.49 1.56 1.80
CA GLU A 656 -18.14 2.92 2.20
C GLU A 656 -17.50 3.68 1.05
N ARG A 657 -16.70 2.99 0.22
CA ARG A 657 -16.08 3.63 -0.93
C ARG A 657 -17.04 3.81 -2.09
N LEU A 658 -18.09 2.99 -2.16
CA LEU A 658 -19.16 3.24 -3.13
C LEU A 658 -19.95 4.50 -2.75
N ASP A 659 -20.25 4.66 -1.46
CA ASP A 659 -20.95 5.85 -1.01
C ASP A 659 -20.07 7.09 -1.08
N THR A 660 -18.75 6.91 -1.01
CA THR A 660 -17.81 8.02 -1.15
C THR A 660 -17.86 8.60 -2.55
N ALA A 661 -18.00 7.74 -3.56
CA ALA A 661 -18.17 8.18 -4.94
C ALA A 661 -19.62 8.47 -5.30
N LYS A 662 -20.49 8.71 -4.33
CA LYS A 662 -21.91 8.87 -4.60
C LYS A 662 -22.47 10.11 -3.92
N ASP A 663 -21.83 10.57 -2.85
CA ASP A 663 -22.16 11.86 -2.25
C ASP A 663 -21.35 13.01 -2.84
N GLU A 664 -20.89 12.82 -4.07
CA GLU A 664 -20.06 13.73 -4.84
C GLU A 664 -20.77 13.97 -6.16
N GLY A 665 -20.03 14.39 -7.21
CA GLY A 665 -20.64 14.70 -8.49
C GLY A 665 -21.31 13.53 -9.21
N ARG A 666 -21.30 12.35 -8.60
CA ARG A 666 -22.22 11.20 -8.78
C ARG A 666 -21.91 10.40 -10.05
N ASN A 667 -21.10 10.91 -10.96
CA ASN A 667 -20.67 10.14 -12.12
C ASN A 667 -19.33 9.46 -11.86
N ARG A 668 -18.94 9.32 -10.60
CA ARG A 668 -17.54 9.10 -10.29
C ARG A 668 -17.27 7.65 -9.89
N VAL A 669 -16.13 7.14 -10.35
CA VAL A 669 -15.65 5.80 -10.04
C VAL A 669 -14.43 5.91 -9.13
N PHE A 670 -14.55 5.35 -7.92
CA PHE A 670 -13.42 5.26 -7.01
C PHE A 670 -12.42 4.26 -7.59
N VAL A 671 -11.13 4.52 -7.40
CA VAL A 671 -10.13 3.64 -7.99
C VAL A 671 -9.27 2.98 -6.92
N VAL A 672 -8.52 3.78 -6.17
CA VAL A 672 -7.53 3.26 -5.24
C VAL A 672 -7.57 4.11 -3.98
N GLY A 673 -7.23 3.50 -2.84
CA GLY A 673 -7.14 4.20 -1.58
C GLY A 673 -6.05 5.25 -1.61
N ARG A 674 -6.46 6.51 -1.63
CA ARG A 674 -5.55 7.62 -1.88
C ARG A 674 -5.63 8.62 -0.72
N SER A 675 -4.48 9.16 -0.36
CA SER A 675 -4.42 10.22 0.64
C SER A 675 -4.56 11.58 -0.03
N ARG A 676 -5.21 12.51 0.67
CA ARG A 676 -5.56 13.80 0.11
C ARG A 676 -5.56 14.83 1.23
N PRO A 677 -5.30 16.10 0.92
CA PRO A 677 -5.27 17.13 1.97
C PRO A 677 -6.63 17.39 2.60
N LEU A 678 -6.58 17.89 3.83
CA LEU A 678 -7.76 18.04 4.68
C LEU A 678 -8.45 19.38 4.52
N ASP A 679 -8.32 20.02 3.36
CA ASP A 679 -8.90 21.34 3.13
C ASP A 679 -10.35 21.31 2.67
N GLY A 680 -10.81 20.18 2.12
CA GLY A 680 -12.14 20.10 1.55
C GLY A 680 -12.20 20.33 0.06
N LYS A 681 -11.12 20.83 -0.55
CA LYS A 681 -11.10 21.06 -1.98
C LYS A 681 -10.92 19.76 -2.75
N HIS A 682 -10.19 18.80 -2.18
CA HIS A 682 -9.82 17.58 -2.86
C HIS A 682 -10.86 16.49 -2.63
N LYS A 683 -11.01 15.62 -3.63
CA LYS A 683 -12.02 14.57 -3.59
C LYS A 683 -11.36 13.26 -3.98
N LEU A 684 -11.79 12.17 -3.32
CA LEU A 684 -11.11 10.89 -3.42
C LEU A 684 -11.47 10.09 -4.67
N SER A 685 -12.52 10.47 -5.40
CA SER A 685 -13.03 9.64 -6.49
C SER A 685 -12.82 10.35 -7.81
N TYR A 686 -12.14 9.68 -8.73
CA TYR A 686 -12.02 10.15 -10.10
C TYR A 686 -13.39 10.18 -10.76
N GLU A 687 -13.64 11.22 -11.54
CA GLU A 687 -14.76 11.17 -12.47
C GLU A 687 -14.35 10.30 -13.66
N TRP A 688 -15.36 9.77 -14.36
CA TRP A 688 -15.09 8.74 -15.36
C TRP A 688 -14.43 9.33 -16.60
N ASN A 689 -14.95 10.44 -17.11
CA ASN A 689 -14.33 11.08 -18.27
C ASN A 689 -13.00 11.73 -17.92
N HIS A 690 -12.79 12.06 -16.66
CA HIS A 690 -11.52 12.64 -16.22
C HIS A 690 -10.41 11.60 -16.24
N TYR A 691 -10.65 10.45 -15.59
CA TYR A 691 -9.60 9.43 -15.47
C TYR A 691 -9.29 8.77 -16.82
N GLU A 692 -10.28 8.65 -17.70
CA GLU A 692 -10.05 8.00 -18.98
C GLU A 692 -9.25 8.91 -19.91
N GLU A 693 -9.35 10.22 -19.74
CA GLU A 693 -8.48 11.14 -20.47
C GLU A 693 -7.05 11.07 -19.92
N LEU A 694 -6.90 10.89 -18.60
CA LEU A 694 -5.59 10.77 -17.98
C LEU A 694 -4.93 9.43 -18.23
N TRP A 695 -5.61 8.48 -18.88
CA TRP A 695 -4.97 7.24 -19.29
C TRP A 695 -4.42 7.32 -20.70
N ARG A 696 -5.05 8.10 -21.58
CA ARG A 696 -4.60 8.18 -22.97
C ARG A 696 -3.28 8.93 -23.11
N THR A 697 -2.94 9.77 -22.14
CA THR A 697 -1.68 10.50 -22.15
C THR A 697 -0.60 9.77 -21.36
N TYR A 698 -0.91 9.41 -20.11
CA TYR A 698 0.12 8.99 -19.17
C TYR A 698 0.53 7.53 -19.32
N ALA A 699 -0.32 6.69 -19.91
CA ALA A 699 0.03 5.28 -20.08
C ALA A 699 0.99 4.97 -21.25
N PRO A 700 0.86 5.57 -22.49
CA PRO A 700 1.81 5.18 -23.54
C PRO A 700 3.21 5.77 -23.42
N ARG A 701 3.54 6.38 -22.28
CA ARG A 701 4.88 6.88 -22.02
C ARG A 701 5.61 6.10 -20.93
N ILE A 702 4.91 5.48 -20.00
CA ILE A 702 5.52 4.68 -18.94
C ILE A 702 5.09 3.23 -18.97
N TYR A 703 4.25 2.84 -19.93
CA TYR A 703 3.77 1.47 -19.98
C TYR A 703 3.59 1.04 -21.42
N ALA A 704 3.95 -0.23 -21.71
CA ALA A 704 3.95 -0.73 -23.07
C ALA A 704 2.91 -1.79 -23.34
N GLY A 705 2.57 -2.63 -22.35
CA GLY A 705 1.64 -3.72 -22.60
C GLY A 705 2.15 -5.01 -21.98
N ASN A 706 1.23 -5.69 -21.29
CA ASN A 706 1.45 -7.00 -20.65
C ASN A 706 2.55 -6.93 -19.59
N GLY A 707 2.33 -6.06 -18.60
CA GLY A 707 3.12 -6.06 -17.38
C GLY A 707 4.50 -5.44 -17.46
N ARG A 708 4.92 -4.93 -18.61
CA ARG A 708 6.26 -4.39 -18.77
C ARG A 708 6.22 -2.90 -19.07
N LEU A 709 7.31 -2.22 -18.72
CA LEU A 709 7.42 -0.78 -18.89
C LEU A 709 7.83 -0.45 -20.33
N LYS A 710 8.15 0.82 -20.57
CA LYS A 710 8.59 1.28 -21.88
C LYS A 710 10.10 1.19 -22.02
N GLY A 711 10.60 1.55 -23.21
CA GLY A 711 12.02 1.68 -23.41
C GLY A 711 12.57 2.94 -22.75
N LYS A 712 13.87 2.90 -22.45
CA LYS A 712 14.64 3.93 -21.74
C LYS A 712 14.11 4.21 -20.34
N LEU A 713 13.30 3.31 -19.78
CA LEU A 713 12.78 3.42 -18.43
C LEU A 713 12.83 2.07 -17.72
N GLU A 714 13.34 1.03 -18.39
CA GLU A 714 13.49 -0.30 -17.80
C GLU A 714 14.47 -0.26 -16.64
N SER A 715 14.04 -0.83 -15.50
CA SER A 715 14.78 -0.83 -14.23
C SER A 715 15.12 0.57 -13.75
N LYS A 716 14.24 1.54 -14.02
CA LYS A 716 14.40 2.92 -13.59
C LYS A 716 13.21 3.34 -12.73
N LYS A 717 12.70 2.39 -11.93
CA LYS A 717 11.52 2.65 -11.12
C LYS A 717 11.82 3.52 -9.91
N GLY A 718 13.10 3.72 -9.56
CA GLY A 718 13.44 4.61 -8.46
C GLY A 718 13.05 6.05 -8.71
N LEU A 719 12.92 6.44 -9.99
CA LEU A 719 12.18 7.64 -10.36
C LEU A 719 10.74 7.56 -9.86
N LEU A 720 10.00 6.53 -10.30
CA LEU A 720 8.55 6.51 -10.16
C LEU A 720 8.09 6.18 -8.74
N TRP A 721 8.86 5.38 -7.99
CA TRP A 721 8.49 5.12 -6.60
C TRP A 721 8.68 6.36 -5.73
N LYS A 722 9.82 7.04 -5.92
CA LYS A 722 10.08 8.26 -5.16
C LYS A 722 9.29 9.45 -5.69
N LEU A 723 8.69 9.33 -6.88
CA LEU A 723 7.84 10.38 -7.40
C LEU A 723 6.57 10.55 -6.57
N LEU A 724 6.10 9.47 -5.94
CA LEU A 724 4.97 9.59 -5.05
C LEU A 724 5.34 10.28 -3.74
N GLU A 725 6.61 10.18 -3.32
CA GLU A 725 7.06 10.92 -2.15
C GLU A 725 7.11 12.42 -2.41
N ILE A 726 7.33 12.81 -3.66
CA ILE A 726 7.19 14.22 -4.05
C ILE A 726 5.74 14.66 -3.91
N ARG A 727 4.81 13.79 -4.33
CA ARG A 727 3.39 14.09 -4.23
C ARG A 727 2.90 14.08 -2.78
N GLU A 728 3.54 13.33 -1.89
CA GLU A 728 3.13 13.33 -0.49
C GLU A 728 3.50 14.62 0.22
N LEU A 729 4.45 15.39 -0.31
CA LEU A 729 4.70 16.72 0.23
C LEU A 729 3.59 17.69 -0.16
N TYR A 730 2.91 17.42 -1.28
CA TYR A 730 1.74 18.19 -1.66
C TYR A 730 0.52 17.84 -0.80
N VAL A 731 0.45 16.59 -0.32
CA VAL A 731 -0.71 16.14 0.45
C VAL A 731 -0.71 16.75 1.84
N ARG A 732 0.48 17.01 2.41
CA ARG A 732 0.57 17.59 3.75
C ARG A 732 0.04 19.01 3.78
N ASP A 733 0.45 19.82 2.81
CA ASP A 733 -0.09 21.17 2.64
C ASP A 733 0.08 21.60 1.18
N PRO A 734 -1.01 21.95 0.49
CA PRO A 734 -0.86 22.52 -0.86
C PRO A 734 -0.35 23.95 -0.88
N ASN A 735 -0.20 24.59 0.28
CA ASN A 735 0.31 25.96 0.34
C ASN A 735 1.79 26.03 0.00
N ASP A 736 2.52 24.92 0.10
CA ASP A 736 3.92 24.88 -0.26
C ASP A 736 4.08 24.60 -1.75
N VAL A 737 5.15 25.13 -2.33
CA VAL A 737 5.44 24.99 -3.75
C VAL A 737 6.69 24.12 -3.95
N ARG A 738 7.12 23.42 -2.89
CA ARG A 738 8.38 22.67 -2.91
C ARG A 738 8.34 21.49 -3.88
N TRP A 739 7.15 20.94 -4.18
CA TRP A 739 7.02 19.86 -5.14
C TRP A 739 7.31 20.27 -6.57
N ALA A 740 7.35 21.57 -6.88
CA ALA A 740 7.47 22.01 -8.25
C ALA A 740 8.90 21.87 -8.78
N TYR A 741 9.90 22.31 -8.01
CA TYR A 741 11.27 22.20 -8.47
C TYR A 741 11.90 20.85 -8.15
N LEU A 742 11.41 20.15 -7.12
CA LEU A 742 11.87 18.79 -6.86
C LEU A 742 11.46 17.82 -7.97
N THR A 743 10.33 18.10 -8.63
CA THR A 743 9.94 17.31 -9.80
C THR A 743 10.89 17.52 -10.96
N ALA A 744 11.30 18.77 -11.20
CA ALA A 744 12.14 19.10 -12.34
C ALA A 744 13.57 18.61 -12.20
N TYR A 745 14.06 18.42 -10.97
CA TYR A 745 15.42 17.91 -10.79
C TYR A 745 15.49 16.41 -11.00
N LEU A 746 14.51 15.66 -10.48
CA LEU A 746 14.58 14.21 -10.55
C LEU A 746 14.29 13.70 -11.96
N LEU A 747 13.48 14.44 -12.71
CA LEU A 747 13.31 14.14 -14.13
C LEU A 747 14.52 14.60 -14.95
N GLY A 748 15.32 15.50 -14.39
CA GLY A 748 16.33 16.17 -15.20
C GLY A 748 17.56 15.32 -15.46
N ARG A 749 18.14 14.73 -14.41
CA ARG A 749 19.41 14.04 -14.56
C ARG A 749 19.24 12.69 -15.25
N HIS A 750 18.05 12.13 -15.24
CA HIS A 750 17.78 10.88 -15.95
C HIS A 750 17.56 11.08 -17.45
N GLY A 751 17.51 12.32 -17.92
CA GLY A 751 17.26 12.61 -19.31
C GLY A 751 15.81 12.58 -19.72
N LEU A 752 14.89 12.42 -18.77
CA LEU A 752 13.47 12.31 -19.07
C LEU A 752 12.81 13.68 -18.87
N SER A 753 13.10 14.59 -19.79
CA SER A 753 12.45 15.89 -19.82
C SER A 753 11.16 15.87 -20.62
N ASP A 754 11.00 14.89 -21.52
CA ASP A 754 9.78 14.79 -22.31
C ASP A 754 8.68 14.07 -21.55
N LEU A 755 9.03 13.06 -20.76
CA LEU A 755 8.06 12.32 -19.97
C LEU A 755 7.59 13.15 -18.79
N PHE A 756 6.27 13.22 -18.63
CA PHE A 756 5.59 14.06 -17.65
C PHE A 756 6.01 15.53 -17.70
N PRO A 757 5.62 16.27 -18.74
CA PRO A 757 6.05 17.68 -18.84
C PRO A 757 5.16 18.67 -18.11
N GLU A 758 3.91 18.32 -17.78
CA GLU A 758 3.03 19.24 -17.07
C GLU A 758 3.01 18.97 -15.57
N LEU A 759 4.03 18.31 -15.03
CA LEU A 759 4.15 18.08 -13.60
C LEU A 759 5.22 18.94 -12.96
N VAL A 760 6.02 19.66 -13.75
CA VAL A 760 7.14 20.43 -13.19
C VAL A 760 6.70 21.84 -12.80
N GLY A 761 5.77 22.43 -13.55
CA GLY A 761 5.32 23.79 -13.31
C GLY A 761 3.93 23.80 -12.70
N ILE A 762 3.66 24.81 -11.87
CA ILE A 762 2.36 24.94 -11.23
C ILE A 762 1.37 25.48 -12.25
N ASP A 763 0.08 25.32 -11.96
CA ASP A 763 -0.98 25.77 -12.85
C ASP A 763 -1.57 27.05 -12.27
N THR A 764 -1.37 28.17 -12.97
CA THR A 764 -1.87 29.44 -12.49
C THR A 764 -3.39 29.55 -12.65
N LYS A 765 -3.93 28.96 -13.72
CA LYS A 765 -5.36 29.01 -13.96
C LYS A 765 -6.13 28.15 -12.97
N ALA A 766 -5.50 27.10 -12.43
CA ALA A 766 -6.21 26.14 -11.57
C ALA A 766 -6.56 26.75 -10.22
N VAL A 767 -5.66 27.58 -9.66
CA VAL A 767 -5.98 28.27 -8.41
C VAL A 767 -7.05 29.32 -8.65
N GLU A 768 -7.05 29.94 -9.84
CA GLU A 768 -8.12 30.85 -10.21
C GLU A 768 -9.45 30.11 -10.40
N ARG A 769 -9.38 28.85 -10.87
CA ARG A 769 -10.57 28.01 -10.97
C ARG A 769 -10.86 27.26 -9.68
N LYS A 770 -9.98 27.36 -8.69
CA LYS A 770 -10.11 26.71 -7.36
C LYS A 770 -10.26 25.20 -7.49
N GLU A 771 -9.35 24.59 -8.23
CA GLU A 771 -9.33 23.17 -8.52
C GLU A 771 -7.94 22.63 -8.23
N PRO A 772 -7.81 21.33 -7.94
CA PRO A 772 -6.50 20.78 -7.56
C PRO A 772 -5.50 20.75 -8.71
N GLN A 773 -4.24 20.56 -8.33
CA GLN A 773 -3.12 20.54 -9.27
C GLN A 773 -3.16 19.27 -10.12
N PRO A 774 -2.46 19.27 -11.27
CA PRO A 774 -2.28 18.01 -12.01
C PRO A 774 -1.36 17.00 -11.32
N VAL A 775 -0.64 17.39 -10.27
CA VAL A 775 0.10 16.42 -9.48
C VAL A 775 -0.82 15.64 -8.54
N TYR A 776 -2.03 16.15 -8.30
CA TYR A 776 -2.99 15.44 -7.46
C TYR A 776 -3.65 14.30 -8.23
N TRP A 777 -4.06 14.56 -9.47
CA TRP A 777 -4.79 13.60 -10.27
C TRP A 777 -3.89 12.66 -11.06
N VAL A 778 -2.60 12.61 -10.75
CA VAL A 778 -1.66 11.72 -11.42
C VAL A 778 -1.35 10.49 -10.57
N ASP A 779 -1.88 10.41 -9.36
CA ASP A 779 -1.60 9.30 -8.46
C ASP A 779 -2.19 7.99 -8.97
N GLY A 780 -3.48 7.99 -9.30
CA GLY A 780 -4.16 6.79 -9.72
C GLY A 780 -3.85 6.26 -11.10
N VAL A 781 -2.96 6.91 -11.85
CA VAL A 781 -2.49 6.36 -13.11
C VAL A 781 -1.11 5.78 -12.85
N LEU A 782 -0.34 6.42 -11.98
CA LEU A 782 0.96 5.88 -11.59
C LEU A 782 0.82 4.63 -10.74
N LYS A 783 -0.01 4.71 -9.68
CA LYS A 783 -0.05 3.67 -8.66
C LYS A 783 -0.63 2.37 -9.19
N ILE A 784 -1.52 2.43 -10.17
CA ILE A 784 -2.01 1.22 -10.82
C ILE A 784 -0.91 0.59 -11.67
N VAL A 785 -0.18 1.41 -12.43
CA VAL A 785 0.86 0.90 -13.32
C VAL A 785 2.11 0.47 -12.52
N LEU A 786 2.34 1.10 -11.37
CA LEU A 786 3.45 0.66 -10.50
C LEU A 786 3.22 -0.73 -9.96
N MET A 787 2.05 -0.98 -9.37
CA MET A 787 1.78 -2.27 -8.77
C MET A 787 1.41 -3.36 -9.80
N ALA A 788 1.18 -3.00 -11.06
CA ALA A 788 0.91 -3.99 -12.10
C ALA A 788 2.17 -4.38 -12.88
N VAL A 789 3.32 -3.86 -12.47
CA VAL A 789 4.60 -4.47 -12.77
C VAL A 789 4.99 -5.05 -11.42
N ARG A 790 5.82 -6.10 -11.42
CA ARG A 790 5.92 -7.17 -10.41
C ARG A 790 5.90 -6.72 -8.95
N ARG A 791 6.32 -5.49 -8.65
CA ARG A 791 6.20 -4.82 -7.34
C ARG A 791 6.91 -5.59 -6.23
N VAL B 24 9.05 38.04 -28.20
CA VAL B 24 8.60 36.67 -28.05
C VAL B 24 9.23 36.04 -26.81
N ASP B 25 10.38 36.57 -26.39
CA ASP B 25 11.05 36.06 -25.20
C ASP B 25 10.39 36.58 -23.93
N ALA B 26 10.05 37.87 -23.89
CA ALA B 26 9.37 38.42 -22.73
C ALA B 26 7.90 38.00 -22.69
N SER B 27 7.32 37.68 -23.85
CA SER B 27 5.95 37.18 -23.87
C SER B 27 5.87 35.75 -23.37
N ARG B 28 6.95 34.98 -23.54
CA ARG B 28 7.01 33.62 -23.03
C ARG B 28 7.41 33.56 -21.56
N LEU B 29 7.74 34.71 -20.95
CA LEU B 29 8.08 34.79 -19.54
C LEU B 29 7.02 35.67 -18.86
N PHE B 30 5.94 35.03 -18.42
CA PHE B 30 4.83 35.72 -17.77
C PHE B 30 5.11 35.82 -16.27
N GLY B 31 4.08 36.14 -15.49
CA GLY B 31 4.18 36.39 -14.06
C GLY B 31 4.68 35.22 -13.22
N GLU B 32 3.95 34.10 -13.20
CA GLU B 32 4.29 32.99 -12.33
C GLU B 32 4.91 31.81 -13.09
N SER B 33 4.22 31.27 -14.09
CA SER B 33 4.70 30.09 -14.82
C SER B 33 4.00 30.03 -16.17
N PRO B 34 4.55 30.69 -17.19
CA PRO B 34 3.93 30.61 -18.52
C PRO B 34 4.14 29.26 -19.20
N ASP B 35 5.39 28.78 -19.18
CA ASP B 35 5.75 27.53 -19.87
C ASP B 35 7.06 27.04 -19.26
N VAL B 36 7.02 25.85 -18.66
CA VAL B 36 8.26 25.24 -18.16
C VAL B 36 8.92 24.40 -19.24
N VAL B 37 8.11 23.71 -20.05
CA VAL B 37 8.65 22.93 -21.16
C VAL B 37 8.72 23.75 -22.45
N GLY B 38 8.05 24.89 -22.51
CA GLY B 38 8.14 25.73 -23.70
C GLY B 38 9.48 26.44 -23.81
N ILE B 39 10.07 26.80 -22.66
CA ILE B 39 11.40 27.40 -22.66
C ILE B 39 12.50 26.34 -22.78
N LYS B 40 12.17 25.07 -22.62
CA LYS B 40 13.16 24.01 -22.77
C LYS B 40 13.50 23.77 -24.23
N LYS B 41 12.52 23.94 -25.14
CA LYS B 41 12.79 23.78 -26.56
C LYS B 41 13.45 25.01 -27.15
N MET B 42 13.28 26.17 -26.52
CA MET B 42 13.88 27.40 -27.01
C MET B 42 15.32 27.54 -26.54
N GLY B 47 18.97 32.79 -28.85
CA GLY B 47 20.10 33.35 -28.14
C GLY B 47 19.97 34.83 -27.87
N LYS B 48 19.68 35.59 -28.93
CA LYS B 48 19.54 37.04 -28.82
C LYS B 48 18.14 37.46 -28.41
N GLN B 49 17.20 36.52 -28.26
CA GLN B 49 15.85 36.86 -27.83
C GLN B 49 15.82 37.19 -26.34
N TRP B 50 16.24 36.23 -25.50
CA TRP B 50 16.31 36.42 -24.07
C TRP B 50 17.67 36.91 -23.60
N GLU B 51 18.49 37.45 -24.50
CA GLU B 51 19.75 38.06 -24.09
C GLU B 51 19.54 39.36 -23.34
N ALA B 52 18.42 40.03 -23.56
CA ALA B 52 18.04 41.22 -22.81
C ALA B 52 16.75 41.03 -22.02
N ILE B 53 15.84 40.19 -22.50
CA ILE B 53 14.55 40.00 -21.83
C ILE B 53 14.72 39.24 -20.53
N GLN B 54 15.59 38.24 -20.49
CA GLN B 54 15.90 37.54 -19.26
C GLN B 54 16.85 38.39 -18.42
N PRO B 55 17.76 39.13 -19.07
CA PRO B 55 18.72 39.94 -18.28
C PRO B 55 18.09 41.16 -17.63
N TYR B 56 17.08 41.76 -18.26
CA TYR B 56 16.32 42.81 -17.56
C TYR B 56 15.44 42.20 -16.47
N PHE B 57 15.01 40.95 -16.65
CA PHE B 57 14.33 40.24 -15.58
C PHE B 57 15.31 39.78 -14.51
N ASP B 58 16.55 39.43 -14.91
CA ASP B 58 17.59 39.19 -13.93
C ASP B 58 17.99 40.48 -13.22
N ASN B 59 17.91 41.62 -13.93
CA ASN B 59 18.07 42.91 -13.27
C ASN B 59 16.85 43.23 -12.41
N VAL B 60 15.67 42.75 -12.82
CA VAL B 60 14.50 42.85 -11.95
C VAL B 60 14.61 41.87 -10.80
N VAL B 61 15.30 40.74 -11.01
CA VAL B 61 15.67 39.88 -9.90
C VAL B 61 16.73 40.55 -9.04
N ARG B 62 17.63 41.30 -9.67
CA ARG B 62 18.57 42.12 -8.92
C ARG B 62 17.89 43.33 -8.29
N GLU B 63 16.76 43.77 -8.85
CA GLU B 63 15.97 44.82 -8.21
C GLU B 63 15.25 44.31 -6.97
N ALA B 64 15.05 43.00 -6.86
CA ALA B 64 14.47 42.39 -5.66
C ALA B 64 15.59 42.22 -4.64
N LYS B 65 15.91 43.31 -3.95
CA LYS B 65 16.99 43.29 -2.96
C LYS B 65 16.56 42.59 -1.68
N ASN B 66 15.31 42.79 -1.28
CA ASN B 66 14.78 42.11 -0.10
C ASN B 66 14.45 40.66 -0.44
N PHE B 67 15.25 39.73 0.07
CA PHE B 67 15.01 38.32 -0.19
C PHE B 67 13.77 37.83 0.55
N LEU B 68 13.51 38.38 1.74
CA LEU B 68 12.33 38.04 2.52
C LEU B 68 11.13 38.93 2.15
N GLU B 69 10.79 38.96 0.85
CA GLU B 69 9.69 39.77 0.37
C GLU B 69 8.66 38.97 -0.41
N TRP B 70 8.95 37.73 -0.77
CA TRP B 70 8.02 36.94 -1.58
C TRP B 70 8.01 35.51 -1.05
N SER B 71 7.13 35.24 -0.09
CA SER B 71 6.85 33.88 0.36
C SER B 71 6.14 33.10 -0.74
N PRO B 72 5.40 33.79 -1.62
CA PRO B 72 4.60 33.11 -2.65
C PRO B 72 5.41 32.53 -3.79
N ASN B 73 4.70 32.15 -4.87
CA ASN B 73 5.25 31.56 -6.09
C ASN B 73 6.31 32.39 -6.80
N LYS B 74 6.52 33.65 -6.39
CA LYS B 74 7.46 34.56 -7.06
C LYS B 74 8.89 34.05 -6.99
N ARG B 75 9.26 33.35 -5.91
CA ARG B 75 10.58 32.71 -5.83
C ARG B 75 10.74 31.65 -6.92
N LEU B 76 9.73 30.80 -7.08
CA LEU B 76 9.75 29.82 -8.17
C LEU B 76 9.59 30.51 -9.52
N ALA B 77 8.88 31.64 -9.55
CA ALA B 77 8.74 32.39 -10.79
C ALA B 77 10.05 33.05 -11.19
N ASN B 78 10.82 33.53 -10.21
CA ASN B 78 12.11 34.13 -10.51
C ASN B 78 13.13 33.07 -10.90
N ALA B 79 13.20 31.98 -10.12
CA ALA B 79 14.26 30.98 -10.30
C ALA B 79 14.13 30.20 -11.59
N VAL B 80 12.94 30.13 -12.19
CA VAL B 80 12.82 29.64 -13.56
C VAL B 80 13.50 30.61 -14.52
N THR B 81 13.24 31.91 -14.35
CA THR B 81 13.85 32.91 -15.21
C THR B 81 15.30 33.17 -14.84
N VAL B 82 15.69 32.96 -13.58
CA VAL B 82 17.09 33.06 -13.19
C VAL B 82 17.91 31.95 -13.83
N ALA B 83 17.45 30.70 -13.69
CA ALA B 83 18.21 29.57 -14.23
C ALA B 83 18.10 29.42 -15.73
N ALA B 84 17.19 30.15 -16.39
CA ALA B 84 17.13 30.07 -17.85
C ALA B 84 18.16 30.96 -18.51
N TYR B 85 18.51 32.09 -17.89
CA TYR B 85 19.53 32.97 -18.44
C TYR B 85 20.93 32.37 -18.27
N LEU B 86 21.11 31.52 -17.26
CA LEU B 86 22.41 30.93 -16.97
C LEU B 86 22.62 29.58 -17.65
N THR B 87 21.55 28.86 -17.99
CA THR B 87 21.68 27.59 -18.70
C THR B 87 22.04 27.80 -20.17
N SER B 88 21.70 28.97 -20.72
CA SER B 88 22.17 29.33 -22.07
C SER B 88 23.68 29.52 -22.10
N GLN B 89 24.27 29.98 -20.99
CA GLN B 89 25.71 29.99 -20.82
C GLN B 89 26.13 28.67 -20.17
N GLY B 90 27.39 28.56 -19.76
CA GLY B 90 27.87 27.32 -19.19
C GLY B 90 27.31 26.98 -17.81
N LEU B 91 27.79 27.68 -16.79
CA LEU B 91 27.46 27.48 -15.37
C LEU B 91 27.63 26.01 -14.98
N LYS B 92 28.89 25.58 -14.96
CA LYS B 92 29.21 24.22 -14.54
C LYS B 92 28.86 24.03 -13.08
N THR B 93 28.08 22.98 -12.80
CA THR B 93 27.57 22.72 -11.46
C THR B 93 28.70 22.34 -10.50
N ASN B 94 29.75 21.68 -11.02
CA ASN B 94 30.85 21.22 -10.19
C ASN B 94 31.66 22.37 -9.62
N GLN B 95 31.64 23.54 -10.27
CA GLN B 95 32.21 24.75 -9.69
C GLN B 95 31.27 25.41 -8.69
N VAL B 96 29.96 25.21 -8.85
CA VAL B 96 28.98 25.77 -7.93
C VAL B 96 28.86 24.90 -6.67
N ARG B 97 29.32 23.65 -6.72
CA ARG B 97 29.23 22.73 -5.58
C ARG B 97 30.06 23.20 -4.38
N LYS B 98 31.07 24.03 -4.60
CA LYS B 98 31.78 24.63 -3.47
C LYS B 98 30.89 25.60 -2.70
N ILE B 99 29.92 26.20 -3.39
CA ILE B 99 28.90 27.01 -2.72
C ILE B 99 27.68 26.17 -2.35
N LEU B 100 27.36 25.14 -3.14
CA LEU B 100 26.21 24.29 -2.83
C LEU B 100 26.45 23.41 -1.62
N ASP B 101 27.69 22.95 -1.42
CA ASP B 101 28.03 22.30 -0.16
C ASP B 101 28.23 23.29 0.96
N MET B 102 28.43 24.57 0.64
CA MET B 102 28.51 25.58 1.69
C MET B 102 27.12 25.91 2.24
N ALA B 103 26.11 25.92 1.37
CA ALA B 103 24.73 26.04 1.83
C ALA B 103 24.22 24.74 2.44
N ARG B 104 24.85 23.62 2.12
CA ARG B 104 24.42 22.34 2.67
C ARG B 104 24.91 22.17 4.11
N THR B 105 26.23 22.35 4.33
CA THR B 105 26.82 22.15 5.65
C THR B 105 26.35 23.18 6.67
N THR B 106 25.91 24.35 6.24
CA THR B 106 25.34 25.32 7.14
C THR B 106 23.85 25.09 7.39
N GLU B 107 23.16 24.41 6.48
CA GLU B 107 21.81 23.94 6.78
C GLU B 107 21.85 22.80 7.78
N LEU B 108 22.94 22.04 7.80
CA LEU B 108 23.19 21.10 8.89
C LEU B 108 23.38 21.83 10.22
N LYS B 109 23.93 23.04 10.18
CA LYS B 109 24.03 23.88 11.37
C LYS B 109 22.73 24.56 11.73
N VAL B 110 21.75 24.58 10.82
CA VAL B 110 20.41 25.08 11.15
C VAL B 110 19.69 24.09 12.05
N LYS B 111 19.82 22.80 11.76
CA LYS B 111 19.11 21.75 12.49
C LYS B 111 19.76 21.54 13.86
N ARG B 112 19.49 22.50 14.75
CA ARG B 112 19.88 22.48 16.18
C ARG B 112 21.39 22.37 16.39
N GLY B 113 22.19 22.84 15.44
CA GLY B 113 23.63 22.79 15.58
C GLY B 113 24.23 24.08 16.10
N GLU B 114 23.90 25.19 15.45
CA GLU B 114 24.40 26.51 15.83
C GLU B 114 23.24 27.49 15.77
N GLY B 115 23.56 28.78 15.91
CA GLY B 115 22.57 29.83 15.77
C GLY B 115 23.12 31.02 15.00
N ASP B 116 24.40 30.97 14.65
CA ASP B 116 25.08 32.07 13.97
C ASP B 116 25.82 31.54 12.75
N ILE B 117 25.35 31.92 11.56
CA ILE B 117 26.07 31.65 10.32
C ILE B 117 26.79 32.92 9.82
N LYS B 118 26.96 33.91 10.71
CA LYS B 118 27.64 35.15 10.34
C LYS B 118 29.12 34.91 10.05
N ASP B 119 29.74 33.98 10.76
CA ASP B 119 31.13 33.62 10.51
C ASP B 119 31.30 32.71 9.29
N ASP B 120 30.20 32.25 8.68
CA ASP B 120 30.28 31.35 7.54
C ASP B 120 29.66 31.89 6.27
N LEU B 121 28.73 32.86 6.36
CA LEU B 121 28.29 33.54 5.15
C LEU B 121 29.39 34.44 4.59
N VAL B 122 30.25 34.97 5.46
CA VAL B 122 31.44 35.67 4.99
C VAL B 122 32.40 34.69 4.32
N LYS B 123 32.53 33.48 4.89
CA LYS B 123 33.29 32.42 4.24
C LYS B 123 32.60 31.95 2.96
N MET B 124 31.27 32.02 2.93
CA MET B 124 30.53 31.78 1.69
C MET B 124 30.81 32.87 0.67
N ARG B 125 30.87 34.13 1.12
CA ARG B 125 31.21 35.23 0.22
C ARG B 125 32.70 35.29 -0.09
N TYR B 126 33.55 34.73 0.76
CA TYR B 126 34.98 34.65 0.44
C TYR B 126 35.22 33.66 -0.69
N LEU B 127 34.59 32.48 -0.60
CA LEU B 127 34.71 31.49 -1.67
C LEU B 127 33.93 31.90 -2.91
N LEU B 128 32.94 32.77 -2.78
CA LEU B 128 32.21 33.25 -3.95
C LEU B 128 33.08 34.20 -4.77
N ALA B 129 33.92 35.00 -4.11
CA ALA B 129 34.94 35.75 -4.83
C ALA B 129 36.02 34.83 -5.37
N TYR B 130 36.30 33.73 -4.67
CA TYR B 130 37.18 32.69 -5.19
C TYR B 130 36.52 31.88 -6.29
N THR B 131 35.19 31.84 -6.33
CA THR B 131 34.48 31.16 -7.41
C THR B 131 34.64 31.91 -8.73
N VAL B 132 34.34 33.20 -8.73
CA VAL B 132 34.53 34.01 -9.93
C VAL B 132 35.99 34.32 -10.17
N GLY B 133 36.83 34.22 -9.14
CA GLY B 133 38.26 34.47 -9.31
C GLY B 133 39.05 33.31 -9.86
N LYS B 134 38.45 32.14 -9.96
CA LYS B 134 39.10 30.95 -10.50
C LYS B 134 38.65 30.61 -11.92
N ALA B 135 37.37 30.75 -12.20
CA ALA B 135 36.80 30.41 -13.51
C ALA B 135 37.22 31.47 -14.53
N THR B 136 38.19 31.12 -15.37
CA THR B 136 38.65 32.00 -16.44
C THR B 136 38.41 31.33 -17.79
N GLY B 137 38.11 32.15 -18.78
CA GLY B 137 37.82 31.65 -20.12
C GLY B 137 36.51 32.16 -20.67
N GLN B 138 35.61 31.24 -21.03
CA GLN B 138 34.30 31.59 -21.57
C GLN B 138 33.20 31.59 -20.52
N SER B 139 33.55 31.38 -19.24
CA SER B 139 32.58 31.33 -18.16
C SER B 139 32.53 32.63 -17.35
N LYS B 140 32.74 33.77 -18.00
CA LYS B 140 32.72 35.04 -17.29
C LYS B 140 31.30 35.59 -17.17
N TYR B 141 30.55 35.60 -18.28
CA TYR B 141 29.19 36.13 -18.26
C TYR B 141 28.22 35.19 -17.54
N SER B 142 28.54 33.90 -17.49
CA SER B 142 27.78 32.98 -16.65
C SER B 142 28.00 33.29 -15.18
N LEU B 143 29.26 33.49 -14.77
CA LEU B 143 29.58 33.84 -13.40
C LEU B 143 29.36 35.32 -13.10
N ASP B 144 29.04 36.14 -14.12
CA ASP B 144 28.70 37.53 -13.87
C ASP B 144 27.34 37.63 -13.19
N ALA B 145 26.31 37.03 -13.81
CA ALA B 145 24.98 37.02 -13.21
C ALA B 145 24.89 36.14 -11.98
N PHE B 146 25.79 35.15 -11.86
CA PHE B 146 25.83 34.36 -10.63
C PHE B 146 26.44 35.15 -9.49
N HIS B 147 27.32 36.11 -9.80
CA HIS B 147 27.80 37.09 -8.82
C HIS B 147 26.79 38.19 -8.58
N ARG B 148 25.92 38.48 -9.56
CA ARG B 148 25.04 39.64 -9.51
C ARG B 148 23.78 39.39 -8.69
N ILE B 149 23.31 38.15 -8.63
CA ILE B 149 22.02 37.86 -8.01
C ILE B 149 22.16 37.54 -6.52
N LEU B 150 23.11 36.67 -6.16
CA LEU B 150 23.20 36.16 -4.80
C LEU B 150 23.65 37.22 -3.81
N ASP B 151 24.64 38.03 -4.17
CA ASP B 151 25.31 38.94 -3.25
C ASP B 151 24.48 40.11 -2.70
N PRO B 152 23.55 40.74 -3.44
CA PRO B 152 22.63 41.69 -2.76
C PRO B 152 21.70 41.01 -1.77
N MET B 153 21.34 39.74 -1.98
CA MET B 153 20.57 39.03 -0.98
C MET B 153 21.43 38.62 0.20
N LEU B 154 22.72 38.38 -0.01
CA LEU B 154 23.61 38.00 1.08
C LEU B 154 23.95 39.18 1.97
N GLU B 155 23.93 40.40 1.43
CA GLU B 155 24.17 41.59 2.24
C GLU B 155 23.00 41.84 3.19
N VAL B 156 21.79 41.48 2.77
CA VAL B 156 20.64 41.47 3.67
C VAL B 156 20.83 40.38 4.73
N LEU B 157 21.43 39.25 4.32
CA LEU B 157 21.70 38.13 5.23
C LEU B 157 22.88 38.37 6.16
N MET B 158 23.55 39.52 6.09
CA MET B 158 24.70 39.76 6.95
C MET B 158 24.27 39.97 8.40
N GLY B 159 23.51 41.03 8.66
CA GLY B 159 22.95 41.27 9.98
C GLY B 159 21.53 40.77 10.10
N SER B 160 21.33 39.47 9.98
CA SER B 160 20.00 38.88 9.88
C SER B 160 19.89 37.68 10.82
N PRO B 161 18.66 37.26 11.13
CA PRO B 161 18.47 35.91 11.70
C PRO B 161 18.75 34.85 10.65
N LYS B 162 18.88 33.61 11.14
CA LYS B 162 19.23 32.50 10.26
C LYS B 162 18.13 31.46 10.12
N LYS B 163 17.22 31.35 11.09
CA LYS B 163 16.06 30.48 10.92
C LYS B 163 15.07 31.08 9.93
N GLU B 164 15.04 32.40 9.79
CA GLU B 164 14.24 33.08 8.79
C GLU B 164 15.14 34.00 7.98
N ASN B 165 14.68 34.33 6.76
CA ASN B 165 15.31 35.10 5.68
C ASN B 165 16.41 34.29 4.98
N PHE B 166 16.77 33.15 5.55
CA PHE B 166 17.69 32.20 4.93
C PHE B 166 16.97 30.98 4.38
N GLU B 167 15.85 30.60 5.02
CA GLU B 167 15.01 29.53 4.48
C GLU B 167 14.40 29.94 3.15
N LYS B 168 13.99 31.20 3.02
CA LYS B 168 13.51 31.70 1.74
C LYS B 168 14.65 31.85 0.75
N PHE B 169 15.87 32.11 1.24
CA PHE B 169 17.03 32.16 0.36
C PHE B 169 17.43 30.77 -0.11
N TYR B 170 17.44 29.80 0.81
CA TYR B 170 17.91 28.46 0.48
C TYR B 170 16.88 27.67 -0.33
N ASP B 171 15.59 27.93 -0.13
CA ASP B 171 14.58 27.38 -1.03
C ASP B 171 14.67 28.01 -2.40
N PHE B 172 15.08 29.28 -2.48
CA PHE B 172 15.42 29.87 -3.77
C PHE B 172 16.72 29.29 -4.30
N LEU B 173 17.67 28.98 -3.41
CA LEU B 173 18.94 28.42 -3.83
C LEU B 173 18.80 26.99 -4.35
N GLN B 174 17.88 26.23 -3.77
CA GLN B 174 17.57 24.90 -4.31
C GLN B 174 16.90 25.00 -5.67
N ALA B 175 16.07 26.03 -5.86
CA ALA B 175 15.29 26.12 -7.09
C ALA B 175 16.13 26.56 -8.29
N VAL B 176 17.26 27.23 -8.04
CA VAL B 176 18.17 27.60 -9.13
C VAL B 176 18.82 26.36 -9.73
N VAL B 177 19.30 25.45 -8.88
CA VAL B 177 19.99 24.26 -9.35
C VAL B 177 18.99 23.23 -9.87
N ALA B 178 17.76 23.24 -9.35
CA ALA B 178 16.77 22.26 -9.76
C ALA B 178 16.28 22.50 -11.20
N TYR B 179 16.14 23.77 -11.57
CA TYR B 179 15.84 24.08 -12.97
C TYR B 179 17.09 24.19 -13.83
N HIS B 180 18.28 24.13 -13.22
CA HIS B 180 19.50 24.07 -14.01
C HIS B 180 19.63 22.74 -14.75
N LYS B 181 19.23 21.66 -14.09
CA LYS B 181 19.30 20.33 -14.71
C LYS B 181 18.13 20.11 -15.67
N PHE B 182 16.97 20.70 -15.37
CA PHE B 182 15.77 20.48 -16.18
C PHE B 182 15.90 21.13 -17.56
N PHE B 183 16.62 22.24 -17.66
CA PHE B 183 16.84 22.90 -18.94
C PHE B 183 18.14 22.46 -19.60
N GLY B 184 18.74 21.36 -19.16
CA GLY B 184 19.90 20.79 -19.84
C GLY B 184 21.23 21.36 -19.39
N GLY B 185 21.53 21.25 -18.09
CA GLY B 185 22.79 21.72 -17.57
C GLY B 185 23.54 20.61 -16.87
N GLY B 186 24.82 20.87 -16.62
CA GLY B 186 25.69 19.91 -15.97
C GLY B 186 27.13 19.98 -16.42
N ARG C 5 -9.92 -9.45 43.53
CA ARG C 5 -9.71 -8.46 44.59
C ARG C 5 -8.65 -7.45 44.13
N PHE C 6 -8.81 -6.19 44.50
CA PHE C 6 -8.02 -5.10 43.96
C PHE C 6 -7.31 -4.36 45.07
N TYR C 7 -6.03 -4.03 44.84
CA TYR C 7 -5.23 -3.28 45.80
C TYR C 7 -4.62 -2.00 45.25
N GLY C 8 -4.38 -1.91 43.95
CA GLY C 8 -3.75 -0.74 43.39
C GLY C 8 -3.24 -1.05 42.01
N LYS C 9 -2.62 -0.04 41.40
CA LYS C 9 -2.13 -0.13 40.02
C LYS C 9 -0.76 0.52 39.92
N ILE C 10 0.29 -0.29 39.93
CA ILE C 10 1.66 0.21 39.80
C ILE C 10 1.86 0.71 38.37
N VAL C 11 2.16 1.99 38.22
CA VAL C 11 2.23 2.65 36.92
C VAL C 11 3.70 2.92 36.61
N ILE C 12 4.17 2.40 35.48
CA ILE C 12 5.54 2.57 35.03
C ILE C 12 5.51 3.49 33.81
N LYS C 13 6.25 4.60 33.89
CA LYS C 13 6.32 5.57 32.82
C LYS C 13 7.77 5.80 32.44
N GLY C 14 7.96 6.40 31.26
CA GLY C 14 9.31 6.72 30.81
C GLY C 14 9.35 7.01 29.33
N LYS C 15 10.51 6.75 28.73
CA LYS C 15 10.72 7.02 27.32
C LYS C 15 11.38 5.83 26.64
N ILE C 16 11.05 5.67 25.35
CA ILE C 16 11.69 4.70 24.47
C ILE C 16 12.57 5.48 23.50
N LYS C 17 13.86 5.17 23.50
CA LYS C 17 14.86 5.84 22.68
C LYS C 17 15.33 4.89 21.58
N ALA C 18 14.94 5.18 20.35
CA ALA C 18 15.41 4.38 19.22
C ALA C 18 16.84 4.74 18.90
N VAL C 19 17.80 4.08 19.56
CA VAL C 19 19.22 4.37 19.38
C VAL C 19 19.67 3.98 17.98
N THR C 20 19.03 2.99 17.38
CA THR C 20 19.20 2.65 15.99
C THR C 20 17.79 2.60 15.41
N GLY C 21 17.68 2.56 14.08
CA GLY C 21 16.41 2.62 13.37
C GLY C 21 15.38 1.57 13.75
N LEU C 22 14.12 1.82 13.44
CA LEU C 22 13.02 1.02 13.96
C LEU C 22 12.06 0.69 12.84
N HIS C 23 11.83 -0.61 12.63
CA HIS C 23 10.90 -1.08 11.60
C HIS C 23 9.85 -1.96 12.26
N ILE C 24 8.58 -1.58 12.10
CA ILE C 24 7.43 -2.42 12.47
C ILE C 24 6.46 -2.33 11.31
N GLY C 25 6.44 -3.35 10.46
CA GLY C 25 5.78 -3.29 9.18
C GLY C 25 4.26 -3.36 9.25
N SER C 26 3.64 -3.03 8.13
CA SER C 26 2.19 -3.15 7.95
C SER C 26 1.80 -3.96 6.73
N GLN C 27 2.67 -4.03 5.71
CA GLN C 27 2.45 -4.73 4.43
C GLN C 27 1.18 -4.21 3.74
N ARG C 28 1.27 -2.94 3.35
CA ARG C 28 0.20 -2.31 2.57
C ARG C 28 0.79 -1.61 1.34
N GLY C 35 6.25 6.10 -1.34
CA GLY C 35 6.51 5.09 -2.35
C GLY C 35 7.66 4.17 -1.99
N ILE C 36 7.50 3.44 -0.89
CA ILE C 36 8.52 2.53 -0.38
C ILE C 36 7.92 1.14 -0.34
N ASP C 37 8.70 0.14 -0.77
CA ASP C 37 8.20 -1.22 -0.90
C ASP C 37 7.90 -1.90 0.43
N ASN C 38 8.42 -1.39 1.55
CA ASN C 38 8.10 -1.92 2.87
C ASN C 38 7.78 -0.75 3.79
N PRO C 39 6.50 -0.41 3.94
CA PRO C 39 6.14 0.69 4.84
C PRO C 39 6.15 0.26 6.29
N VAL C 40 6.33 1.25 7.17
CA VAL C 40 6.23 1.07 8.61
C VAL C 40 4.80 1.44 8.96
N ILE C 41 4.32 1.07 10.15
CA ILE C 41 2.97 1.44 10.54
C ILE C 41 2.91 2.93 10.88
N LYS C 42 1.76 3.53 10.64
CA LYS C 42 1.58 4.96 10.81
C LYS C 42 0.19 5.24 11.37
N ASP C 43 0.08 6.34 12.10
CA ASP C 43 -1.20 6.91 12.49
C ASP C 43 -2.05 7.15 11.25
N PRO C 44 -3.28 6.63 11.19
CA PRO C 44 -4.10 6.81 9.97
C PRO C 44 -4.52 8.24 9.71
N HIS C 45 -4.47 9.13 10.70
CA HIS C 45 -4.91 10.51 10.52
C HIS C 45 -3.76 11.47 10.25
N THR C 46 -2.62 11.29 10.93
CA THR C 46 -1.49 12.20 10.78
C THR C 46 -0.31 11.61 10.03
N GLY C 47 -0.19 10.29 9.97
CA GLY C 47 0.96 9.68 9.34
C GLY C 47 2.18 9.54 10.21
N LEU C 48 2.06 9.82 11.50
CA LEU C 48 3.16 9.58 12.43
C LEU C 48 3.27 8.10 12.74
N PRO C 49 4.48 7.56 12.81
CA PRO C 49 4.64 6.17 13.24
C PRO C 49 4.46 6.04 14.75
N TYR C 50 4.34 4.79 15.20
CA TYR C 50 4.20 4.51 16.62
C TYR C 50 4.62 3.08 16.87
N ILE C 51 4.98 2.78 18.11
CA ILE C 51 5.22 1.41 18.54
C ILE C 51 3.91 0.93 19.16
N PRO C 52 3.37 -0.22 18.73
CA PRO C 52 2.11 -0.71 19.31
C PRO C 52 2.26 -1.21 20.74
N GLY C 53 1.16 -1.72 21.27
CA GLY C 53 1.21 -2.41 22.55
C GLY C 53 1.33 -3.90 22.32
N SER C 54 0.77 -4.38 21.21
CA SER C 54 0.91 -5.78 20.85
C SER C 54 2.34 -6.12 20.45
N SER C 55 3.02 -5.20 19.77
CA SER C 55 4.39 -5.44 19.35
C SER C 55 5.38 -5.29 20.50
N LEU C 56 4.98 -4.63 21.59
CA LEU C 56 5.85 -4.50 22.75
C LEU C 56 5.52 -5.50 23.84
N LYS C 57 4.26 -5.91 23.98
CA LYS C 57 3.94 -6.96 24.95
C LYS C 57 4.41 -8.31 24.46
N GLY C 58 4.17 -8.63 23.18
CA GLY C 58 4.54 -9.91 22.63
C GLY C 58 6.03 -10.10 22.47
N ARG C 59 6.79 -9.02 22.44
CA ARG C 59 8.25 -9.10 22.44
C ARG C 59 8.81 -9.16 23.85
N LEU C 60 8.06 -8.69 24.86
CA LEU C 60 8.44 -8.97 26.23
C LEU C 60 8.09 -10.40 26.63
N ARG C 61 6.99 -10.93 26.08
CA ARG C 61 6.58 -12.27 26.44
C ARG C 61 7.45 -13.32 25.77
N SER C 62 7.80 -13.11 24.50
CA SER C 62 8.68 -14.03 23.77
C SER C 62 10.04 -14.15 24.43
N LEU C 63 10.61 -13.03 24.86
CA LEU C 63 11.91 -13.06 25.53
C LEU C 63 11.82 -13.69 26.91
N PHE C 64 10.67 -13.57 27.58
CA PHE C 64 10.56 -14.11 28.92
C PHE C 64 10.18 -15.58 28.92
N GLU C 65 9.46 -16.05 27.89
CA GLU C 65 9.16 -17.47 27.79
C GLU C 65 10.42 -18.28 27.51
N ILE C 66 11.37 -17.73 26.75
CA ILE C 66 12.64 -18.41 26.52
C ILE C 66 13.49 -18.37 27.78
N LEU C 67 13.33 -17.33 28.61
CA LEU C 67 14.04 -17.27 29.88
C LEU C 67 13.54 -18.33 30.85
N VAL C 68 12.24 -18.56 30.88
CA VAL C 68 11.66 -19.59 31.74
C VAL C 68 11.94 -20.98 31.18
N ASN C 69 11.99 -21.11 29.85
CA ASN C 69 12.29 -22.39 29.20
C ASN C 69 13.66 -22.91 29.58
N SER C 70 14.63 -22.01 29.77
CA SER C 70 15.96 -22.43 30.18
C SER C 70 16.08 -22.67 31.68
N ARG C 71 15.06 -22.32 32.46
CA ARG C 71 15.09 -22.49 33.91
C ARG C 71 13.80 -23.13 34.41
N LEU C 72 13.35 -24.20 33.74
CA LEU C 72 12.17 -24.91 34.22
C LEU C 72 12.51 -25.76 35.43
N GLY C 73 13.64 -26.47 35.40
CA GLY C 73 14.03 -27.30 36.52
C GLY C 73 14.60 -26.56 37.70
N GLU C 74 14.92 -25.27 37.53
CA GLU C 74 15.53 -24.48 38.58
C GLU C 74 14.55 -23.55 39.28
N TRP C 75 13.33 -23.41 38.79
CA TRP C 75 12.29 -22.63 39.45
C TRP C 75 11.13 -23.51 39.91
N ARG C 76 11.42 -24.78 40.22
CA ARG C 76 10.36 -25.73 40.55
C ARG C 76 9.76 -25.48 41.93
N GLU C 77 10.47 -24.80 42.82
CA GLU C 77 9.99 -24.60 44.18
C GLU C 77 9.44 -23.22 44.46
N LYS C 78 9.88 -22.19 43.72
CA LYS C 78 9.24 -20.90 43.84
C LYS C 78 7.90 -20.88 43.09
N TYR C 79 7.84 -21.56 41.95
CA TYR C 79 6.64 -21.59 41.12
C TYR C 79 6.19 -23.03 40.96
N PRO C 80 4.97 -23.37 41.36
CA PRO C 80 4.37 -24.63 40.92
C PRO C 80 3.92 -24.49 39.46
N SER C 81 3.39 -25.61 38.93
CA SER C 81 2.94 -25.77 37.54
C SER C 81 4.04 -25.51 36.51
N LEU C 82 5.31 -25.57 36.92
CA LEU C 82 6.42 -25.78 36.02
C LEU C 82 6.92 -27.21 36.08
N ALA C 83 6.36 -28.02 36.99
CA ALA C 83 6.63 -29.45 37.04
C ALA C 83 5.88 -30.20 35.95
N ASN C 84 4.81 -29.62 35.40
CA ASN C 84 4.04 -30.24 34.34
C ASN C 84 4.70 -30.12 32.97
N TYR C 85 5.79 -29.36 32.87
CA TYR C 85 6.37 -29.02 31.57
C TYR C 85 7.80 -29.52 31.46
N SER C 86 8.18 -29.88 30.25
CA SER C 86 9.50 -30.27 29.80
C SER C 86 10.03 -29.23 28.81
N PRO C 87 11.34 -28.95 28.82
CA PRO C 87 11.87 -27.91 27.92
C PRO C 87 11.83 -28.37 26.46
N GLY C 88 11.27 -27.51 25.61
CA GLY C 88 11.09 -27.80 24.21
C GLY C 88 9.69 -27.47 23.75
N SER C 89 9.46 -27.73 22.47
CA SER C 89 8.18 -27.42 21.82
C SER C 89 7.37 -28.69 21.59
N CYS C 90 6.09 -28.49 21.26
CA CYS C 90 5.19 -29.58 20.91
C CYS C 90 5.03 -29.72 19.40
N ARG C 91 5.92 -29.11 18.61
CA ARG C 91 5.82 -29.22 17.16
C ARG C 91 6.07 -30.62 16.58
N PRO C 92 7.09 -31.44 17.03
CA PRO C 92 7.21 -32.79 16.46
C PRO C 92 6.04 -33.71 16.79
N ASP C 93 5.71 -33.85 18.08
CA ASP C 93 4.53 -34.61 18.49
C ASP C 93 3.32 -33.69 18.43
N ASN C 94 2.64 -33.70 17.28
CA ASN C 94 1.68 -32.67 16.93
C ASN C 94 0.37 -32.77 17.70
N GLN C 95 0.42 -32.47 18.99
CA GLN C 95 -0.77 -32.37 19.83
C GLN C 95 -0.60 -31.17 20.75
N GLU C 96 -1.70 -30.44 20.99
CA GLU C 96 -1.66 -29.38 21.98
C GLU C 96 -1.60 -29.98 23.39
N ASN C 97 -1.33 -29.09 24.36
CA ASN C 97 -1.16 -29.27 25.81
C ASN C 97 -0.48 -30.58 26.22
N CYS C 98 0.57 -30.95 25.50
CA CYS C 98 1.36 -32.14 25.78
C CYS C 98 2.38 -31.84 26.88
N GLY C 99 3.32 -32.76 27.09
CA GLY C 99 4.28 -32.66 28.18
C GLY C 99 5.35 -31.59 27.98
N LYS C 100 5.51 -31.07 26.77
CA LYS C 100 6.52 -30.05 26.53
C LYS C 100 6.00 -28.68 26.93
N PHE C 101 6.84 -27.65 26.78
CA PHE C 101 6.56 -26.34 27.37
C PHE C 101 5.75 -25.44 26.47
N PHE C 102 6.02 -25.42 25.17
CA PHE C 102 5.25 -24.59 24.26
C PHE C 102 4.05 -25.42 23.80
N ASN C 103 2.97 -25.32 24.57
CA ASN C 103 1.90 -26.29 24.50
C ASN C 103 0.73 -25.90 23.61
N ARG C 104 0.50 -24.61 23.37
CA ARG C 104 -0.66 -24.17 22.59
C ARG C 104 -0.25 -23.76 21.19
N LYS C 105 -0.95 -24.30 20.19
CA LYS C 105 -0.80 -23.90 18.80
C LYS C 105 -1.92 -22.96 18.41
N ILE C 106 -1.58 -21.83 17.81
CA ILE C 106 -2.60 -20.87 17.42
C ILE C 106 -3.01 -21.12 15.97
N ASN C 107 -2.10 -20.91 15.04
CA ASN C 107 -2.38 -21.29 13.66
C ASN C 107 -1.24 -22.09 13.05
N ARG C 108 0.00 -21.69 13.30
CA ARG C 108 1.17 -22.45 12.87
C ARG C 108 2.28 -22.50 13.90
N GLY C 109 2.27 -21.61 14.89
CA GLY C 109 3.35 -21.53 15.87
C GLY C 109 2.88 -21.99 17.24
N TRP C 110 3.82 -22.51 18.02
CA TRP C 110 3.56 -23.07 19.33
C TRP C 110 4.03 -22.10 20.41
N ILE C 111 3.15 -21.81 21.36
CA ILE C 111 3.35 -20.75 22.36
C ILE C 111 2.89 -21.27 23.71
N HIS C 112 3.68 -20.99 24.75
CA HIS C 112 3.31 -21.38 26.11
C HIS C 112 2.12 -20.58 26.60
N VAL C 113 0.96 -21.24 26.72
CA VAL C 113 -0.22 -20.69 27.37
C VAL C 113 -0.79 -21.79 28.28
N CYS C 114 -0.88 -21.51 29.58
CA CYS C 114 -1.41 -22.49 30.52
C CYS C 114 -2.92 -22.63 30.34
N PRO C 115 -3.47 -23.83 30.43
CA PRO C 115 -4.89 -24.05 30.13
C PRO C 115 -5.84 -23.96 31.32
N ASP C 116 -5.38 -23.56 32.50
CA ASP C 116 -6.24 -23.58 33.68
C ASP C 116 -5.93 -22.36 34.55
N TYR C 117 -6.94 -21.91 35.29
CA TYR C 117 -6.80 -20.77 36.20
C TYR C 117 -5.82 -21.07 37.31
N GLU C 118 -5.97 -22.23 37.94
CA GLU C 118 -5.13 -22.60 39.07
C GLU C 118 -3.74 -23.07 38.65
N THR C 119 -3.49 -23.27 37.36
CA THR C 119 -2.15 -23.54 36.88
C THR C 119 -1.45 -22.29 36.37
N ALA C 120 -2.20 -21.36 35.76
CA ALA C 120 -1.63 -20.10 35.32
C ALA C 120 -1.34 -19.18 36.50
N LEU C 121 -2.00 -19.38 37.63
CA LEU C 121 -1.71 -18.61 38.83
C LEU C 121 -0.40 -19.02 39.49
N ALA C 122 0.13 -20.19 39.15
CA ALA C 122 1.42 -20.64 39.66
C ALA C 122 2.55 -20.54 38.65
N CYS C 123 2.24 -20.47 37.36
CA CYS C 123 3.26 -20.27 36.35
C CYS C 123 3.75 -18.82 36.41
N PRO C 124 5.05 -18.59 36.16
CA PRO C 124 5.53 -17.20 36.15
C PRO C 124 5.19 -16.43 34.87
N VAL C 125 4.97 -17.12 33.76
CA VAL C 125 4.66 -16.42 32.51
C VAL C 125 3.20 -16.03 32.45
N CYS C 126 2.31 -17.01 32.58
CA CYS C 126 0.88 -16.77 32.35
C CYS C 126 0.22 -16.03 33.50
N ARG C 127 0.89 -15.87 34.63
CA ARG C 127 0.34 -15.05 35.69
C ARG C 127 0.43 -13.57 35.35
N LEU C 128 1.47 -13.19 34.63
CA LEU C 128 1.75 -11.80 34.28
C LEU C 128 1.18 -11.46 32.91
N PHE C 129 1.42 -12.32 31.92
CA PHE C 129 1.03 -11.99 30.55
C PHE C 129 -0.35 -12.55 30.20
N GLY C 130 -0.90 -13.39 31.06
CA GLY C 130 -2.26 -13.85 30.87
C GLY C 130 -2.32 -15.13 30.04
N ALA C 131 -3.37 -15.91 30.29
CA ALA C 131 -3.60 -17.17 29.61
C ALA C 131 -4.97 -17.16 28.96
N SER C 132 -5.35 -18.27 28.33
CA SER C 132 -6.61 -18.36 27.62
C SER C 132 -7.51 -19.46 28.14
N GLY C 133 -6.96 -20.65 28.37
CA GLY C 133 -7.69 -21.75 29.00
C GLY C 133 -8.86 -22.33 28.22
N LYS C 134 -9.40 -23.43 28.75
CA LYS C 134 -10.72 -23.92 28.39
C LYS C 134 -11.52 -23.97 29.68
N GLU C 135 -12.54 -23.10 29.77
CA GLU C 135 -13.30 -22.80 30.99
C GLU C 135 -12.37 -22.27 32.09
N SER C 136 -11.32 -21.56 31.67
CA SER C 136 -10.45 -20.84 32.62
C SER C 136 -10.45 -19.34 32.39
N ASN C 137 -9.93 -18.87 31.25
CA ASN C 137 -9.85 -17.46 30.85
C ASN C 137 -9.26 -16.55 31.94
N PHE C 138 -7.97 -16.79 32.24
CA PHE C 138 -7.22 -15.96 33.17
C PHE C 138 -6.73 -14.69 32.49
N PRO C 139 -7.18 -13.51 32.92
CA PRO C 139 -6.72 -12.27 32.27
C PRO C 139 -5.31 -11.92 32.69
N SER C 140 -4.72 -10.97 31.97
CA SER C 140 -3.37 -10.54 32.29
C SER C 140 -3.40 -9.43 33.33
N ARG C 141 -2.20 -9.04 33.78
CA ARG C 141 -2.07 -8.02 34.80
C ARG C 141 -1.37 -6.75 34.32
N ILE C 142 -0.58 -6.83 33.26
CA ILE C 142 0.07 -5.64 32.72
C ILE C 142 -0.76 -5.10 31.57
N ILE C 143 -0.64 -3.80 31.35
CA ILE C 143 -1.27 -3.10 30.23
C ILE C 143 -0.18 -2.31 29.53
N VAL C 144 0.01 -2.57 28.25
CA VAL C 144 1.12 -2.00 27.50
C VAL C 144 0.54 -1.01 26.49
N ARG C 145 0.65 0.28 26.77
CA ARG C 145 0.11 1.29 25.87
C ARG C 145 0.97 1.47 24.63
N ASP C 146 0.36 2.07 23.62
CA ASP C 146 1.04 2.38 22.38
C ASP C 146 1.95 3.57 22.59
N ALA C 147 3.23 3.42 22.25
CA ALA C 147 4.22 4.45 22.47
C ALA C 147 4.23 5.38 21.26
N PHE C 148 3.66 6.56 21.42
CA PHE C 148 3.65 7.56 20.38
C PHE C 148 4.88 8.47 20.53
N LEU C 149 5.11 9.31 19.52
CA LEU C 149 6.22 10.25 19.58
C LEU C 149 5.97 11.31 20.65
N THR C 150 7.02 11.66 21.37
CA THR C 150 6.93 12.76 22.32
C THR C 150 6.78 14.09 21.59
N LYS C 151 6.38 15.12 22.35
CA LYS C 151 6.13 16.43 21.76
C LYS C 151 7.41 17.16 21.35
N GLU C 152 8.59 16.69 21.77
CA GLU C 152 9.82 17.20 21.20
C GLU C 152 9.98 16.77 19.74
N TRP C 153 9.41 15.63 19.37
CA TRP C 153 9.57 15.06 18.04
C TRP C 153 8.38 15.28 17.14
N GLU C 154 7.23 15.70 17.68
CA GLU C 154 6.16 16.18 16.82
C GLU C 154 6.39 17.63 16.41
N GLU C 155 7.08 18.41 17.25
CA GLU C 155 7.46 19.76 16.86
C GLU C 155 8.57 19.74 15.84
N LYS C 156 9.37 18.67 15.81
CA LYS C 156 10.31 18.47 14.71
C LYS C 156 9.59 17.97 13.46
N TRP C 157 8.45 17.30 13.64
CA TRP C 157 7.67 16.83 12.50
C TRP C 157 6.91 17.98 11.85
N ARG C 158 6.42 18.92 12.66
CA ARG C 158 5.75 20.10 12.11
C ARG C 158 6.75 21.04 11.43
N ALA C 159 8.02 20.96 11.81
CA ALA C 159 9.06 21.85 11.29
C ALA C 159 9.68 21.34 10.00
N GLY C 160 9.02 20.39 9.31
CA GLY C 160 9.48 19.97 8.01
C GLY C 160 10.56 18.92 7.98
N GLU C 161 10.95 18.37 9.12
CA GLU C 161 11.93 17.30 9.12
C GLU C 161 11.26 15.97 8.78
N ALA C 162 12.10 14.99 8.46
CA ALA C 162 11.64 13.64 8.17
C ALA C 162 11.84 12.74 9.39
N ILE C 163 10.89 11.86 9.64
CA ILE C 163 10.95 10.96 10.79
C ILE C 163 11.18 9.51 10.38
N THR C 164 10.91 9.13 9.13
CA THR C 164 11.19 7.80 8.63
C THR C 164 12.03 7.91 7.36
N GLU C 165 13.16 7.21 7.34
CA GLU C 165 14.02 7.21 6.16
C GLU C 165 13.59 6.10 5.21
N ALA C 166 14.39 5.86 4.18
CA ALA C 166 14.19 4.76 3.25
C ALA C 166 15.56 4.18 2.94
N LYS C 167 15.80 2.95 3.37
CA LYS C 167 17.12 2.33 3.29
C LYS C 167 17.07 1.23 2.25
N ILE C 168 18.03 1.24 1.33
CA ILE C 168 18.01 0.34 0.19
C ILE C 168 19.09 -0.71 0.35
N GLU C 169 18.71 -1.88 0.86
CA GLU C 169 19.60 -3.03 0.89
C GLU C 169 19.63 -3.70 -0.47
N VAL C 170 20.36 -4.80 -0.58
CA VAL C 170 20.55 -5.50 -1.84
C VAL C 170 20.82 -6.97 -1.54
N GLY C 171 20.67 -7.82 -2.54
CA GLY C 171 21.07 -9.21 -2.44
C GLY C 171 22.05 -9.54 -3.54
N ILE C 172 23.17 -10.19 -3.20
CA ILE C 172 24.30 -10.34 -4.11
C ILE C 172 24.65 -11.82 -4.21
N ASP C 173 24.75 -12.31 -5.45
CA ASP C 173 25.20 -13.67 -5.72
C ASP C 173 26.64 -13.85 -5.25
N ARG C 174 26.94 -15.05 -4.73
CA ARG C 174 28.28 -15.35 -4.26
C ARG C 174 29.24 -15.69 -5.39
N VAL C 175 28.74 -15.87 -6.61
CA VAL C 175 29.53 -16.35 -7.74
C VAL C 175 29.63 -15.29 -8.84
N THR C 176 28.48 -14.78 -9.29
CA THR C 176 28.44 -13.80 -10.36
C THR C 176 28.30 -12.37 -9.86
N SER C 177 27.96 -12.19 -8.58
CA SER C 177 27.71 -10.89 -7.94
C SER C 177 26.63 -10.08 -8.68
N GLN C 178 25.48 -10.73 -8.90
CA GLN C 178 24.31 -10.03 -9.41
C GLN C 178 23.57 -9.38 -8.24
N ALA C 179 23.29 -8.09 -8.36
CA ALA C 179 22.68 -7.33 -7.29
C ALA C 179 21.16 -7.32 -7.43
N ASN C 180 20.47 -7.46 -6.31
CA ASN C 180 19.00 -7.51 -6.28
C ASN C 180 18.49 -6.67 -5.12
N PRO C 181 18.21 -5.39 -5.35
CA PRO C 181 17.87 -4.49 -4.25
C PRO C 181 16.38 -4.39 -3.93
N ARG C 182 16.12 -4.08 -2.66
CA ARG C 182 14.80 -3.74 -2.15
C ARG C 182 14.93 -2.57 -1.20
N THR C 183 13.79 -1.96 -0.86
CA THR C 183 13.74 -0.79 0.00
C THR C 183 13.00 -1.12 1.29
N ASN C 184 13.49 -0.57 2.41
CA ASN C 184 12.89 -0.77 3.73
C ASN C 184 12.76 0.57 4.44
N GLU C 185 11.53 1.04 4.61
CA GLU C 185 11.29 2.22 5.42
C GLU C 185 11.45 1.90 6.90
N ARG C 186 12.27 2.69 7.59
CA ARG C 186 12.36 2.57 9.03
C ARG C 186 12.55 3.95 9.65
N VAL C 187 12.28 4.01 10.96
CA VAL C 187 12.30 5.27 11.69
C VAL C 187 13.73 5.78 11.81
N VAL C 188 13.89 7.10 11.69
CA VAL C 188 15.19 7.76 11.92
C VAL C 188 15.66 7.46 13.33
N ALA C 189 16.94 7.07 13.44
CA ALA C 189 17.53 6.71 14.73
C ALA C 189 17.62 7.92 15.64
N GLY C 190 17.07 7.79 16.84
CA GLY C 190 17.05 8.87 17.81
C GLY C 190 15.68 9.23 18.33
N ALA C 191 14.61 8.75 17.70
CA ALA C 191 13.25 9.20 17.98
C ALA C 191 12.79 8.76 19.36
N GLU C 192 12.59 9.74 20.25
CA GLU C 192 12.01 9.47 21.56
C GLU C 192 10.56 9.07 21.44
N PHE C 193 10.15 8.14 22.28
CA PHE C 193 8.76 7.75 22.43
C PHE C 193 8.35 7.91 23.89
N GLU C 194 7.09 7.64 24.17
CA GLU C 194 6.55 7.71 25.52
C GLU C 194 5.81 6.42 25.81
N PHE C 195 6.42 5.53 26.59
CA PHE C 195 5.78 4.26 26.89
C PHE C 195 5.09 4.31 28.24
N GLU C 196 4.33 3.26 28.51
CA GLU C 196 3.41 3.23 29.64
C GLU C 196 3.06 1.79 29.97
N ILE C 197 3.31 1.34 31.19
CA ILE C 197 2.96 -0.01 31.60
C ILE C 197 2.28 0.06 32.96
N ILE C 198 1.08 -0.51 33.04
CA ILE C 198 0.23 -0.45 34.22
C ILE C 198 0.10 -1.87 34.75
N TYR C 199 0.82 -2.18 35.82
CA TYR C 199 0.64 -3.46 36.48
C TYR C 199 -0.57 -3.38 37.41
N ASN C 200 -1.29 -4.49 37.52
CA ASN C 200 -2.53 -4.56 38.29
C ASN C 200 -2.32 -5.48 39.47
N VAL C 201 -2.28 -4.92 40.67
CA VAL C 201 -1.99 -5.68 41.88
C VAL C 201 -3.25 -6.39 42.34
N GLU C 202 -3.39 -7.67 41.96
CA GLU C 202 -4.54 -8.43 42.41
C GLU C 202 -4.22 -9.19 43.71
N ASN C 203 -3.10 -9.90 43.75
CA ASN C 203 -2.62 -10.50 44.98
C ASN C 203 -1.47 -9.66 45.53
N THR C 204 -1.50 -9.43 46.84
CA THR C 204 -0.49 -8.62 47.51
C THR C 204 0.72 -9.41 47.96
N THR C 205 0.79 -10.71 47.65
CA THR C 205 1.96 -11.50 48.01
C THR C 205 2.98 -11.51 46.88
N HIS C 206 2.58 -12.01 45.71
CA HIS C 206 3.48 -12.07 44.56
C HIS C 206 3.20 -10.90 43.61
N TRP C 207 3.65 -9.72 44.05
CA TRP C 207 3.79 -8.57 43.17
C TRP C 207 5.21 -8.09 43.06
N ARG C 208 6.10 -8.47 43.99
CA ARG C 208 7.52 -8.24 43.80
C ARG C 208 8.06 -9.11 42.68
N ASP C 209 7.53 -10.33 42.56
CA ASP C 209 7.99 -11.25 41.53
C ASP C 209 7.56 -10.79 40.15
N ASP C 210 6.36 -10.23 40.02
CA ASP C 210 5.86 -9.77 38.74
C ASP C 210 6.48 -8.45 38.30
N ILE C 211 7.11 -7.70 39.19
CA ILE C 211 7.88 -6.54 38.76
C ILE C 211 9.31 -6.94 38.42
N LYS C 212 9.91 -7.84 39.19
CA LYS C 212 11.25 -8.31 38.89
C LYS C 212 11.30 -9.20 37.65
N ASN C 213 10.16 -9.77 37.25
CA ASN C 213 10.11 -10.49 35.98
C ASN C 213 9.86 -9.54 34.81
N LEU C 214 9.08 -8.48 35.06
CA LEU C 214 8.82 -7.50 34.01
C LEU C 214 10.06 -6.64 33.75
N LEU C 215 10.80 -6.31 34.79
CA LEU C 215 12.06 -5.60 34.61
C LEU C 215 13.17 -6.50 34.08
N THR C 216 13.00 -7.83 34.19
CA THR C 216 13.95 -8.74 33.57
C THR C 216 13.77 -8.76 32.05
N ALA C 217 12.52 -8.78 31.59
CA ALA C 217 12.24 -8.81 30.16
C ALA C 217 12.56 -7.49 29.48
N MET C 218 12.66 -6.39 30.22
CA MET C 218 13.15 -5.15 29.65
C MET C 218 14.67 -5.14 29.55
N ALA C 219 15.35 -5.85 30.46
CA ALA C 219 16.80 -5.99 30.37
C ALA C 219 17.19 -6.87 29.19
N LEU C 220 16.38 -7.90 28.92
CA LEU C 220 16.62 -8.73 27.74
C LEU C 220 16.35 -7.97 26.46
N LEU C 221 15.35 -7.09 26.47
CA LEU C 221 14.97 -6.35 25.28
C LEU C 221 15.97 -5.26 24.92
N GLU C 222 16.74 -4.77 25.90
CA GLU C 222 17.77 -3.78 25.57
C GLU C 222 18.94 -4.42 24.83
N ASP C 223 19.23 -5.70 25.08
CA ASP C 223 20.27 -6.40 24.34
C ASP C 223 19.73 -7.22 23.18
N SER C 224 18.42 -7.38 23.08
CA SER C 224 17.78 -7.89 21.88
C SER C 224 17.26 -6.71 21.05
N TYR C 225 16.46 -7.01 20.05
CA TYR C 225 15.91 -6.01 19.15
C TYR C 225 14.39 -5.97 19.28
N LEU C 226 13.80 -4.87 18.82
CA LEU C 226 12.35 -4.71 18.80
C LEU C 226 11.90 -4.55 17.36
N GLY C 227 11.25 -5.59 16.82
CA GLY C 227 10.67 -5.53 15.50
C GLY C 227 11.66 -5.49 14.36
N GLY C 228 11.15 -5.55 13.13
CA GLY C 228 11.90 -5.42 11.89
C GLY C 228 12.98 -6.47 11.73
N SER C 229 13.97 -6.13 10.89
CA SER C 229 15.03 -7.07 10.55
C SER C 229 15.88 -7.41 11.78
N GLY C 230 16.29 -6.40 12.54
CA GLY C 230 16.86 -6.62 13.85
C GLY C 230 18.25 -7.21 13.88
N SER C 231 18.43 -8.38 13.27
CA SER C 231 19.75 -8.96 13.10
C SER C 231 20.62 -8.18 12.13
N ARG C 232 20.01 -7.33 11.30
CA ARG C 232 20.74 -6.37 10.48
C ARG C 232 20.72 -4.98 11.09
N GLY C 233 20.36 -4.87 12.37
CA GLY C 233 20.42 -3.60 13.08
C GLY C 233 19.20 -2.71 12.97
N TYR C 234 17.99 -3.27 13.08
CA TYR C 234 16.78 -2.47 13.12
C TYR C 234 16.11 -2.51 14.49
N GLY C 235 16.88 -2.72 15.55
CA GLY C 235 16.30 -2.71 16.87
C GLY C 235 16.89 -1.64 17.76
N LYS C 236 17.65 -2.07 18.77
CA LYS C 236 18.42 -1.24 19.69
C LYS C 236 17.52 -0.23 20.40
N VAL C 237 16.63 -0.79 21.19
CA VAL C 237 15.73 0.00 22.01
C VAL C 237 16.43 0.27 23.33
N LYS C 238 16.07 1.38 23.98
CA LYS C 238 16.69 1.73 25.26
C LYS C 238 15.64 2.47 26.10
N PHE C 239 15.38 1.93 27.28
CA PHE C 239 14.34 2.47 28.15
C PHE C 239 14.93 3.51 29.08
N ILE C 240 14.34 4.69 29.09
CA ILE C 240 14.72 5.78 29.98
C ILE C 240 13.51 6.06 30.86
N PHE C 241 13.55 5.60 32.10
CA PHE C 241 12.41 5.76 32.99
C PHE C 241 12.28 7.22 33.45
N ASP C 242 11.05 7.60 33.78
CA ASP C 242 10.74 8.94 34.27
C ASP C 242 10.22 8.93 35.70
N SER C 243 9.19 8.12 35.98
CA SER C 243 8.59 8.07 37.30
C SER C 243 7.84 6.77 37.46
N PHE C 244 7.74 6.31 38.71
CA PHE C 244 6.86 5.22 39.09
C PHE C 244 5.74 5.76 39.96
N GLU C 245 4.62 5.04 39.98
CA GLU C 245 3.50 5.37 40.84
C GLU C 245 3.01 4.10 41.52
N PHE C 246 2.04 4.26 42.41
CA PHE C 246 1.42 3.07 43.00
C PHE C 246 -0.09 3.08 42.86
N ARG C 247 -0.74 4.24 42.98
CA ARG C 247 -2.18 4.47 42.84
C ARG C 247 -2.98 3.52 43.73
N PRO C 248 -2.99 3.72 45.06
CA PRO C 248 -3.57 2.71 45.95
C PRO C 248 -5.09 2.64 45.88
N LEU C 249 -5.68 1.71 46.63
CA LEU C 249 -7.12 1.56 46.64
C LEU C 249 -7.82 2.75 47.29
N ASP C 250 -7.12 3.45 48.20
CA ASP C 250 -7.66 4.68 48.78
C ASP C 250 -7.70 5.81 47.76
N TYR C 251 -6.83 5.77 46.73
CA TYR C 251 -6.84 6.81 45.70
C TYR C 251 -8.10 6.74 44.84
N TYR C 252 -8.51 5.54 44.46
CA TYR C 252 -9.62 5.41 43.52
C TYR C 252 -10.97 5.67 44.19
N ARG C 253 -11.07 5.45 45.50
CA ARG C 253 -12.34 5.68 46.19
C ARG C 253 -12.67 7.16 46.27
N THR C 254 -11.70 7.99 46.66
CA THR C 254 -11.97 9.39 46.97
C THR C 254 -11.26 10.38 46.08
N GLY C 255 -10.27 9.97 45.27
CA GLY C 255 -9.62 10.87 44.35
C GLY C 255 -8.58 11.80 44.95
N LYS C 256 -8.37 11.75 46.27
CA LYS C 256 -7.35 12.57 46.89
C LYS C 256 -5.97 12.04 46.53
N ASP C 257 -5.10 12.93 46.04
CA ASP C 257 -3.83 12.55 45.43
C ASP C 257 -2.77 12.32 46.51
N GLU C 258 -2.75 11.10 47.03
CA GLU C 258 -1.70 10.64 47.94
C GLU C 258 -1.19 9.27 47.52
N ASP C 259 -0.89 9.12 46.24
CA ASP C 259 -0.23 7.90 45.78
C ASP C 259 1.26 7.96 46.07
N ILE C 260 1.93 6.82 45.93
CA ILE C 260 3.34 6.68 46.25
C ILE C 260 4.12 6.83 44.95
N VAL C 261 4.96 7.86 44.88
CA VAL C 261 5.70 8.18 43.67
C VAL C 261 7.17 7.86 43.91
N SER C 262 7.69 6.87 43.20
CA SER C 262 9.10 6.56 43.20
C SER C 262 9.79 7.36 42.09
N ILE C 263 10.98 7.86 42.39
CA ILE C 263 11.65 8.85 41.55
C ILE C 263 12.83 8.18 40.85
N ASP C 264 12.77 8.12 39.52
CA ASP C 264 13.92 7.75 38.69
C ASP C 264 13.87 8.63 37.44
N ALA C 265 14.52 9.80 37.52
CA ALA C 265 14.47 10.75 36.42
C ALA C 265 15.35 10.28 35.26
N ARG C 266 16.60 9.90 35.56
CA ARG C 266 17.49 9.28 34.57
C ARG C 266 18.14 8.07 35.23
N GLU C 267 17.46 6.94 35.17
CA GLU C 267 18.02 5.68 35.63
C GLU C 267 17.79 4.62 34.56
N LYS C 268 18.67 3.63 34.54
CA LYS C 268 18.66 2.59 33.53
C LYS C 268 17.63 1.52 33.91
N SER C 269 17.58 0.44 33.13
CA SER C 269 16.82 -0.74 33.51
C SER C 269 17.65 -1.71 34.33
N VAL C 270 18.94 -1.44 34.51
CA VAL C 270 19.79 -2.22 35.39
C VAL C 270 19.99 -1.53 36.73
N SER C 271 19.89 -0.19 36.76
CA SER C 271 19.94 0.55 38.01
C SER C 271 18.64 0.45 38.78
N ASP C 272 17.58 -0.07 38.17
CA ASP C 272 16.25 -0.08 38.77
C ASP C 272 15.84 -1.47 39.24
N ILE C 273 16.61 -2.51 38.90
CA ILE C 273 16.14 -3.88 39.12
C ILE C 273 16.71 -4.47 40.41
N LEU C 274 17.94 -4.11 40.77
CA LEU C 274 18.46 -4.54 42.07
C LEU C 274 19.17 -3.39 42.75
N SER C 275 19.62 -2.41 41.97
CA SER C 275 20.36 -1.29 42.54
C SER C 275 19.41 -0.31 43.22
N GLY C 276 18.11 -0.46 43.02
CA GLY C 276 17.15 0.40 43.68
C GLY C 276 15.88 -0.29 44.16
N PHE C 277 15.77 -1.60 43.97
CA PHE C 277 14.47 -2.26 44.09
C PHE C 277 13.96 -2.28 45.53
N ASP C 278 14.83 -2.44 46.51
CA ASP C 278 14.42 -2.21 47.88
C ASP C 278 14.47 -0.74 48.25
N SER C 279 15.41 0.00 47.65
CA SER C 279 15.61 1.40 48.01
C SER C 279 14.55 2.33 47.42
N LEU C 280 13.82 1.88 46.40
CA LEU C 280 12.76 2.72 45.82
C LEU C 280 11.36 2.26 46.20
N PHE C 281 11.15 0.96 46.36
CA PHE C 281 9.83 0.40 46.66
C PHE C 281 9.63 0.16 48.15
N SER C 282 10.38 0.87 49.01
CA SER C 282 10.26 0.67 50.44
C SER C 282 8.95 1.24 50.99
N GLU C 283 8.47 2.34 50.38
CA GLU C 283 7.17 2.86 50.76
C GLU C 283 6.05 2.04 50.13
N VAL C 284 6.30 1.46 48.97
CA VAL C 284 5.30 0.61 48.30
C VAL C 284 5.10 -0.68 49.09
N GLU C 285 6.19 -1.26 49.62
CA GLU C 285 6.08 -2.45 50.44
C GLU C 285 5.45 -2.18 51.80
N GLY C 286 5.53 -0.93 52.28
CA GLY C 286 4.96 -0.60 53.57
C GLY C 286 3.45 -0.54 53.59
N LYS C 287 2.83 -0.27 52.45
CA LYS C 287 1.37 -0.22 52.35
C LYS C 287 0.80 -1.54 51.82
N LEU C 288 1.69 -2.47 51.44
CA LEU C 288 1.35 -3.83 50.97
C LEU C 288 0.41 -3.82 49.76
N MET D 2 11.94 -26.92 18.03
CA MET D 2 12.26 -27.82 19.11
C MET D 2 13.46 -27.33 19.94
N ASP D 3 13.17 -27.03 21.22
CA ASP D 3 14.16 -26.82 22.29
C ASP D 3 15.10 -25.65 21.97
N ARG D 4 14.52 -24.45 21.92
CA ARG D 4 15.30 -23.23 21.85
C ARG D 4 15.50 -22.69 23.26
N ARG D 5 16.76 -22.53 23.67
CA ARG D 5 17.09 -22.16 25.04
C ARG D 5 17.87 -20.84 25.05
N PHE D 6 18.36 -20.47 26.23
CA PHE D 6 19.06 -19.21 26.43
C PHE D 6 20.04 -19.36 27.58
N TYR D 7 21.27 -18.87 27.37
CA TYR D 7 22.26 -18.93 28.44
C TYR D 7 22.90 -17.56 28.65
N GLY D 8 23.01 -16.78 27.58
CA GLY D 8 23.65 -15.48 27.67
C GLY D 8 23.76 -14.86 26.31
N LYS D 9 24.46 -13.72 26.26
CA LYS D 9 24.64 -12.97 25.01
C LYS D 9 26.09 -12.48 24.96
N ILE D 10 26.93 -13.18 24.21
CA ILE D 10 28.33 -12.78 24.06
C ILE D 10 28.37 -11.50 23.24
N VAL D 11 28.73 -10.39 23.88
CA VAL D 11 28.72 -9.08 23.27
C VAL D 11 30.15 -8.75 22.85
N ILE D 12 30.35 -8.53 21.56
CA ILE D 12 31.65 -8.18 21.02
C ILE D 12 31.59 -6.71 20.61
N LYS D 13 32.43 -5.90 21.22
CA LYS D 13 32.46 -4.47 20.94
C LYS D 13 33.81 -4.11 20.34
N GLY D 14 34.02 -2.82 20.14
CA GLY D 14 35.27 -2.37 19.59
C GLY D 14 35.04 -1.22 18.64
N LYS D 15 36.01 -1.01 17.76
CA LYS D 15 35.99 0.16 16.88
C LYS D 15 36.42 -0.24 15.49
N ILE D 16 35.58 0.04 14.50
CA ILE D 16 35.94 -0.08 13.09
C ILE D 16 36.86 1.07 12.73
N LYS D 17 38.03 0.73 12.18
CA LYS D 17 39.05 1.71 11.81
C LYS D 17 39.25 1.68 10.31
N ALA D 18 38.75 2.70 9.62
CA ALA D 18 38.91 2.80 8.17
C ALA D 18 40.32 3.27 7.88
N VAL D 19 41.21 2.34 7.53
CA VAL D 19 42.60 2.72 7.27
C VAL D 19 42.73 3.40 5.91
N THR D 20 41.98 2.94 4.92
CA THR D 20 41.82 3.63 3.65
C THR D 20 40.38 4.17 3.63
N GLY D 21 40.02 4.90 2.57
CA GLY D 21 38.74 5.56 2.53
C GLY D 21 37.58 4.60 2.37
N LEU D 22 36.50 4.87 3.11
CA LEU D 22 35.33 4.01 3.17
C LEU D 22 34.22 4.60 2.30
N HIS D 23 33.45 3.71 1.67
CA HIS D 23 32.34 4.13 0.82
C HIS D 23 31.25 3.08 0.86
N ILE D 24 30.10 3.44 1.44
CA ILE D 24 28.89 2.63 1.38
C ILE D 24 27.80 3.54 0.82
N GLY D 25 27.33 3.25 -0.39
CA GLY D 25 26.53 4.20 -1.13
C GLY D 25 25.03 4.02 -0.97
N SER D 26 24.31 5.06 -1.35
CA SER D 26 22.85 5.04 -1.39
C SER D 26 22.36 5.51 -2.76
N GLN D 27 21.06 5.73 -2.87
CA GLN D 27 20.47 6.36 -4.06
C GLN D 27 19.95 7.74 -3.68
N ARG D 28 19.94 8.63 -4.66
CA ARG D 28 19.64 10.04 -4.42
C ARG D 28 18.14 10.30 -4.42
N GLU D 32 17.84 15.90 -1.92
CA GLU D 32 18.99 16.77 -2.19
C GLU D 32 19.05 17.15 -3.66
N ILE D 33 19.47 18.38 -3.94
CA ILE D 33 19.61 18.89 -5.30
C ILE D 33 21.08 19.02 -5.68
N GLY D 34 21.83 19.85 -4.97
CA GLY D 34 23.26 19.99 -5.19
C GLY D 34 24.03 19.09 -4.25
N GLY D 35 24.97 18.35 -4.80
CA GLY D 35 25.77 17.43 -4.01
C GLY D 35 26.58 16.52 -4.88
N ILE D 36 27.40 15.71 -4.23
CA ILE D 36 28.33 14.80 -4.90
C ILE D 36 27.53 13.63 -5.47
N ASP D 37 27.82 13.27 -6.72
CA ASP D 37 27.26 12.08 -7.32
C ASP D 37 27.82 10.83 -6.63
N ASN D 38 26.99 9.76 -6.62
CA ASN D 38 27.18 8.53 -5.84
C ASN D 38 27.45 8.83 -4.38
N PRO D 39 26.45 9.29 -3.61
CA PRO D 39 26.72 9.70 -2.24
C PRO D 39 26.85 8.53 -1.28
N VAL D 40 27.67 8.74 -0.25
CA VAL D 40 27.72 7.83 0.88
C VAL D 40 26.40 7.94 1.66
N ILE D 41 25.96 6.82 2.25
CA ILE D 41 24.79 6.86 3.14
C ILE D 41 25.08 7.77 4.33
N LYS D 42 24.02 8.31 4.91
CA LYS D 42 24.13 9.24 6.03
C LYS D 42 22.98 9.03 6.99
N ASP D 43 23.25 9.25 8.26
CA ASP D 43 22.22 9.31 9.29
C ASP D 43 21.36 10.54 9.04
N PRO D 44 20.04 10.40 8.91
CA PRO D 44 19.20 11.58 8.62
C PRO D 44 19.07 12.55 9.79
N HIS D 45 19.46 12.16 10.99
CA HIS D 45 19.33 13.05 12.14
C HIS D 45 20.58 13.92 12.34
N THR D 46 21.75 13.29 12.45
CA THR D 46 23.00 14.01 12.70
C THR D 46 23.73 14.39 11.43
N GLY D 47 23.32 13.87 10.28
CA GLY D 47 23.97 14.22 9.02
C GLY D 47 25.36 13.67 8.86
N LEU D 48 25.64 12.51 9.44
CA LEU D 48 26.95 11.89 9.38
C LEU D 48 26.84 10.49 8.75
N PRO D 49 27.88 10.04 8.05
CA PRO D 49 27.84 8.68 7.50
C PRO D 49 27.98 7.63 8.58
N TYR D 50 27.63 6.40 8.22
CA TYR D 50 27.75 5.27 9.13
C TYR D 50 27.86 4.00 8.31
N ILE D 51 28.02 2.88 9.01
CA ILE D 51 28.09 1.56 8.40
C ILE D 51 26.86 0.78 8.85
N PRO D 52 26.08 0.22 7.94
CA PRO D 52 24.89 -0.54 8.34
C PRO D 52 25.25 -1.87 8.97
N GLY D 53 24.26 -2.45 9.65
CA GLY D 53 24.38 -3.84 10.04
C GLY D 53 24.25 -4.78 8.86
N SER D 54 23.45 -4.39 7.86
CA SER D 54 23.25 -5.23 6.69
C SER D 54 24.51 -5.31 5.83
N SER D 55 25.25 -4.19 5.73
CA SER D 55 26.49 -4.18 4.96
C SER D 55 27.64 -4.85 5.69
N LEU D 56 27.47 -5.19 6.96
CA LEU D 56 28.49 -5.91 7.72
C LEU D 56 28.13 -7.35 8.02
N LYS D 57 26.85 -7.64 8.29
CA LYS D 57 26.45 -9.03 8.56
C LYS D 57 26.42 -9.85 7.28
N GLY D 58 25.96 -9.25 6.18
CA GLY D 58 25.98 -9.95 4.90
C GLY D 58 27.37 -10.09 4.33
N ARG D 59 28.25 -9.11 4.59
CA ARG D 59 29.62 -9.20 4.10
C ARG D 59 30.42 -10.25 4.87
N LEU D 60 30.18 -10.38 6.17
CA LEU D 60 30.78 -11.48 6.93
C LEU D 60 30.20 -12.82 6.50
N ARG D 61 28.93 -12.86 6.10
CA ARG D 61 28.36 -14.10 5.62
C ARG D 61 28.88 -14.46 4.25
N SER D 62 29.10 -13.46 3.39
CA SER D 62 29.55 -13.71 2.03
C SER D 62 30.98 -14.23 2.00
N LEU D 63 31.83 -13.74 2.90
CA LEU D 63 33.20 -14.25 2.97
C LEU D 63 33.26 -15.63 3.62
N PHE D 64 32.25 -15.97 4.43
CA PHE D 64 32.26 -17.24 5.13
C PHE D 64 31.57 -18.36 4.38
N GLU D 65 30.58 -18.03 3.54
CA GLU D 65 29.96 -19.04 2.68
C GLU D 65 30.95 -19.56 1.64
N ILE D 66 31.81 -18.68 1.11
CA ILE D 66 32.80 -19.10 0.13
C ILE D 66 33.89 -19.93 0.78
N LEU D 67 34.23 -19.65 2.04
CA LEU D 67 35.23 -20.45 2.75
C LEU D 67 34.71 -21.83 3.11
N VAL D 68 33.40 -21.95 3.36
CA VAL D 68 32.79 -23.26 3.57
C VAL D 68 32.62 -23.99 2.24
N ASN D 69 32.36 -23.23 1.16
CA ASN D 69 32.29 -23.81 -0.18
C ASN D 69 33.60 -24.47 -0.59
N SER D 70 34.73 -23.88 -0.21
CA SER D 70 36.03 -24.44 -0.55
C SER D 70 36.43 -25.60 0.33
N ARG D 71 35.72 -25.84 1.44
CA ARG D 71 35.95 -27.02 2.29
C ARG D 71 34.61 -27.70 2.54
N LEU D 72 34.20 -28.56 1.62
CA LEU D 72 33.05 -29.44 1.84
C LEU D 72 33.48 -30.88 2.07
N GLY D 73 34.73 -31.09 2.48
CA GLY D 73 35.24 -32.40 2.80
C GLY D 73 36.06 -32.36 4.08
N GLU D 74 36.01 -31.23 4.75
CA GLU D 74 36.69 -31.01 6.03
C GLU D 74 35.74 -30.57 7.12
N TRP D 75 34.72 -29.77 6.79
CA TRP D 75 33.71 -29.42 7.78
C TRP D 75 32.60 -30.46 7.88
N ARG D 76 32.41 -31.27 6.84
CA ARG D 76 31.23 -32.14 6.77
C ARG D 76 31.31 -33.31 7.74
N GLU D 77 32.50 -33.74 8.13
CA GLU D 77 32.62 -34.78 9.14
C GLU D 77 32.28 -34.27 10.53
N LYS D 78 32.41 -32.96 10.74
CA LYS D 78 32.05 -32.31 12.00
C LYS D 78 30.66 -31.68 11.94
N TYR D 79 30.19 -31.33 10.74
CA TYR D 79 28.89 -30.69 10.56
C TYR D 79 28.02 -31.52 9.64
N PRO D 80 26.91 -32.10 10.12
CA PRO D 80 25.94 -32.73 9.20
C PRO D 80 25.21 -31.70 8.35
N SER D 81 24.36 -32.20 7.45
CA SER D 81 23.68 -31.45 6.39
C SER D 81 24.66 -30.68 5.51
N LEU D 82 25.87 -31.22 5.34
CA LEU D 82 26.79 -30.83 4.28
C LEU D 82 27.05 -31.97 3.33
N ALA D 83 26.48 -33.14 3.61
CA ALA D 83 26.40 -34.21 2.62
C ALA D 83 25.33 -33.93 1.58
N ASN D 84 24.46 -32.97 1.88
CA ASN D 84 23.36 -32.59 0.94
C ASN D 84 23.88 -31.54 -0.06
N TYR D 85 25.13 -31.07 0.10
CA TYR D 85 25.62 -30.01 -0.81
C TYR D 85 26.91 -30.41 -1.54
N SER D 86 26.91 -30.20 -2.86
CA SER D 86 28.04 -30.42 -3.79
C SER D 86 28.52 -29.03 -4.21
N PRO D 87 29.83 -28.70 -4.24
CA PRO D 87 30.23 -27.32 -4.50
C PRO D 87 29.82 -26.83 -5.88
N GLY D 88 29.39 -25.58 -5.92
CA GLY D 88 28.91 -24.94 -7.13
C GLY D 88 27.67 -24.12 -6.85
N SER D 89 27.03 -23.67 -7.92
CA SER D 89 25.83 -22.84 -7.82
C SER D 89 24.70 -23.48 -8.61
N CYS D 90 23.49 -22.98 -8.39
CA CYS D 90 22.31 -23.41 -9.14
C CYS D 90 22.00 -22.49 -10.31
N ARG D 91 22.99 -21.71 -10.76
CA ARG D 91 22.81 -20.88 -11.95
C ARG D 91 22.48 -21.64 -13.24
N PRO D 92 23.05 -22.82 -13.56
CA PRO D 92 22.58 -23.54 -14.77
C PRO D 92 21.15 -24.03 -14.73
N ASP D 93 20.75 -24.78 -13.70
CA ASP D 93 19.39 -25.33 -13.65
C ASP D 93 18.57 -24.54 -12.64
N ASN D 94 17.46 -23.95 -13.10
CA ASN D 94 16.71 -22.97 -12.32
C ASN D 94 15.70 -23.63 -11.37
N GLN D 95 16.22 -24.54 -10.55
CA GLN D 95 15.49 -25.05 -9.38
C GLN D 95 16.06 -24.40 -8.13
N GLU D 96 15.23 -24.32 -7.09
CA GLU D 96 15.70 -23.80 -5.80
C GLU D 96 16.65 -24.79 -5.14
N ASN D 97 16.16 -25.97 -4.80
CA ASN D 97 16.90 -26.94 -4.00
C ASN D 97 17.35 -28.11 -4.88
N CYS D 98 18.65 -28.18 -5.14
CA CYS D 98 19.27 -29.38 -5.67
C CYS D 98 20.59 -29.60 -4.92
N GLY D 99 21.47 -30.43 -5.46
CA GLY D 99 22.68 -30.77 -4.75
C GLY D 99 23.75 -29.70 -4.67
N LYS D 100 23.54 -28.53 -5.26
CA LYS D 100 24.54 -27.47 -5.23
C LYS D 100 24.44 -26.69 -3.92
N PHE D 101 25.55 -26.04 -3.56
CA PHE D 101 25.66 -25.44 -2.23
C PHE D 101 24.88 -24.14 -2.11
N PHE D 102 24.75 -23.37 -3.19
CA PHE D 102 24.02 -22.10 -3.16
C PHE D 102 22.62 -22.36 -3.72
N ASN D 103 21.66 -22.56 -2.81
CA ASN D 103 20.38 -23.17 -3.17
C ASN D 103 19.17 -22.25 -2.99
N ARG D 104 19.33 -20.93 -3.11
CA ARG D 104 18.16 -20.06 -3.15
C ARG D 104 18.29 -18.98 -4.19
N LYS D 105 17.27 -18.84 -5.02
CA LYS D 105 17.11 -17.68 -5.88
C LYS D 105 16.44 -16.59 -5.06
N ILE D 106 17.20 -15.56 -4.69
CA ILE D 106 16.66 -14.47 -3.89
C ILE D 106 15.79 -13.62 -4.79
N ASN D 107 16.39 -12.96 -5.75
CA ASN D 107 15.61 -12.49 -6.89
C ASN D 107 16.27 -12.87 -8.21
N ARG D 108 17.60 -12.76 -8.30
CA ARG D 108 18.36 -13.33 -9.40
C ARG D 108 19.68 -13.93 -8.93
N GLY D 109 20.00 -13.89 -7.65
CA GLY D 109 21.27 -14.36 -7.14
C GLY D 109 21.13 -15.68 -6.42
N TRP D 110 22.26 -16.32 -6.17
CA TRP D 110 22.29 -17.65 -5.57
C TRP D 110 23.08 -17.59 -4.26
N ILE D 111 22.38 -17.74 -3.15
CA ILE D 111 22.94 -17.56 -1.81
C ILE D 111 22.61 -18.80 -1.00
N HIS D 112 23.61 -19.35 -0.32
CA HIS D 112 23.42 -20.55 0.49
C HIS D 112 22.60 -20.24 1.73
N VAL D 113 21.33 -20.64 1.71
CA VAL D 113 20.44 -20.56 2.85
C VAL D 113 19.74 -21.90 2.98
N CYS D 114 19.84 -22.52 4.16
CA CYS D 114 19.26 -23.84 4.37
C CYS D 114 17.73 -23.77 4.35
N PRO D 115 17.06 -24.83 3.88
CA PRO D 115 15.61 -24.77 3.70
C PRO D 115 14.76 -25.17 4.90
N ASP D 116 15.34 -25.69 5.98
CA ASP D 116 14.55 -26.24 7.06
C ASP D 116 15.23 -25.90 8.39
N TYR D 117 14.49 -26.10 9.48
CA TYR D 117 15.02 -25.82 10.82
C TYR D 117 16.12 -26.80 11.19
N GLU D 118 15.81 -28.10 11.19
CA GLU D 118 16.75 -29.11 11.64
C GLU D 118 17.89 -29.35 10.66
N THR D 119 17.75 -28.90 9.40
CA THR D 119 18.90 -28.90 8.51
C THR D 119 19.85 -27.77 8.83
N ALA D 120 19.32 -26.59 9.17
CA ALA D 120 20.13 -25.42 9.51
C ALA D 120 20.75 -25.50 10.89
N LEU D 121 20.32 -26.45 11.72
CA LEU D 121 20.92 -26.64 13.04
C LEU D 121 22.31 -27.26 12.95
N ALA D 122 22.64 -27.92 11.84
CA ALA D 122 23.92 -28.58 11.68
C ALA D 122 24.81 -27.93 10.63
N CYS D 123 24.31 -26.95 9.88
CA CYS D 123 25.16 -26.21 8.96
C CYS D 123 26.03 -25.22 9.73
N PRO D 124 27.33 -25.14 9.43
CA PRO D 124 28.16 -24.14 10.12
C PRO D 124 27.86 -22.71 9.71
N VAL D 125 27.35 -22.51 8.49
CA VAL D 125 26.97 -21.16 8.06
C VAL D 125 25.64 -20.76 8.67
N CYS D 126 24.61 -21.56 8.45
CA CYS D 126 23.25 -21.15 8.79
C CYS D 126 22.88 -21.36 10.24
N ARG D 127 23.75 -21.94 11.08
CA ARG D 127 23.43 -21.93 12.50
C ARG D 127 23.78 -20.59 13.13
N LEU D 128 24.65 -19.83 12.50
CA LEU D 128 25.16 -18.57 13.03
C LEU D 128 24.45 -17.37 12.41
N PHE D 129 24.30 -17.37 11.09
CA PHE D 129 23.62 -16.30 10.39
C PHE D 129 22.13 -16.55 10.20
N GLY D 130 21.65 -17.73 10.54
CA GLY D 130 20.23 -18.03 10.42
C GLY D 130 19.85 -18.39 9.00
N ALA D 131 18.56 -18.68 8.82
CA ALA D 131 18.04 -19.11 7.53
C ALA D 131 16.56 -18.76 7.44
N SER D 132 15.98 -19.04 6.29
CA SER D 132 14.54 -18.98 6.07
C SER D 132 14.05 -20.37 5.68
N GLY D 133 12.78 -20.47 5.31
CA GLY D 133 12.31 -21.73 4.78
C GLY D 133 10.80 -21.84 4.88
N LYS D 134 10.27 -22.74 4.05
CA LYS D 134 8.87 -23.14 4.10
C LYS D 134 8.71 -24.11 5.28
N GLU D 135 7.70 -23.85 6.11
CA GLU D 135 7.22 -24.70 7.22
C GLU D 135 8.22 -24.84 8.38
N SER D 136 9.41 -24.25 8.26
CA SER D 136 10.44 -24.30 9.28
C SER D 136 11.45 -23.20 8.95
N ASN D 137 11.89 -22.47 9.98
CA ASN D 137 12.54 -21.18 9.78
C ASN D 137 13.50 -20.91 10.93
N PHE D 138 14.79 -21.14 10.70
CA PHE D 138 15.77 -21.00 11.77
C PHE D 138 16.27 -19.56 11.87
N PRO D 139 16.01 -18.85 12.97
CA PRO D 139 16.49 -17.47 13.08
C PRO D 139 17.97 -17.39 13.39
N SER D 140 18.53 -16.18 13.41
CA SER D 140 19.98 -16.02 13.55
C SER D 140 20.40 -16.14 15.01
N ARG D 141 21.71 -16.16 15.21
CA ARG D 141 22.27 -16.11 16.56
C ARG D 141 23.16 -14.90 16.79
N ILE D 142 23.62 -14.22 15.75
CA ILE D 142 24.32 -12.95 15.89
C ILE D 142 23.40 -11.85 15.40
N ILE D 143 23.47 -10.70 16.05
CA ILE D 143 22.84 -9.48 15.56
C ILE D 143 23.91 -8.43 15.40
N VAL D 144 23.90 -7.74 14.27
CA VAL D 144 24.90 -6.74 13.94
C VAL D 144 24.21 -5.39 13.88
N ARG D 145 24.72 -4.44 14.66
CA ARG D 145 24.09 -3.13 14.78
C ARG D 145 24.85 -2.11 13.96
N ASP D 146 24.16 -1.00 13.66
CA ASP D 146 24.71 0.01 12.76
C ASP D 146 25.85 0.77 13.42
N ALA D 147 26.99 0.85 12.73
CA ALA D 147 28.18 1.44 13.31
C ALA D 147 28.29 2.91 12.98
N PHE D 148 28.03 3.76 13.98
CA PHE D 148 28.13 5.21 13.82
C PHE D 148 29.57 5.63 14.14
N LEU D 149 29.84 6.93 14.00
CA LEU D 149 31.14 7.45 14.38
C LEU D 149 31.36 7.35 15.88
N THR D 150 32.63 7.32 16.28
CA THR D 150 32.97 7.35 17.69
C THR D 150 32.82 8.76 18.25
N LYS D 151 33.13 8.91 19.54
CA LYS D 151 32.93 10.18 20.22
C LYS D 151 33.98 11.22 19.80
N GLU D 152 35.17 10.77 19.42
CA GLU D 152 36.23 11.68 19.04
C GLU D 152 36.14 12.12 17.59
N TRP D 153 35.16 11.65 16.84
CA TRP D 153 34.90 12.13 15.49
C TRP D 153 33.62 12.96 15.40
N GLU D 154 32.86 13.05 16.49
CA GLU D 154 31.89 14.12 16.61
C GLU D 154 32.57 15.46 16.83
N GLU D 155 33.60 15.47 17.67
CA GLU D 155 34.35 16.69 17.98
C GLU D 155 35.07 17.23 16.75
N LYS D 156 35.62 16.34 15.94
CA LYS D 156 36.29 16.77 14.71
C LYS D 156 35.28 17.26 13.67
N TRP D 157 34.04 16.76 13.74
CA TRP D 157 32.99 17.33 12.90
C TRP D 157 32.56 18.70 13.39
N ARG D 158 32.52 18.89 14.71
CA ARG D 158 32.13 20.20 15.25
C ARG D 158 33.25 21.22 15.07
N ALA D 159 34.51 20.76 15.12
CA ALA D 159 35.62 21.67 14.91
C ALA D 159 35.73 22.15 13.46
N GLY D 160 35.24 21.37 12.51
CA GLY D 160 35.21 21.80 11.13
C GLY D 160 36.04 20.94 10.19
N GLU D 161 36.54 19.80 10.67
CA GLU D 161 37.33 18.93 9.82
C GLU D 161 36.42 18.16 8.88
N ALA D 162 36.95 17.87 7.68
CA ALA D 162 36.20 17.17 6.66
C ALA D 162 36.08 15.69 7.02
N ILE D 163 34.87 15.25 7.35
CA ILE D 163 34.64 13.83 7.64
C ILE D 163 34.65 13.01 6.34
N THR D 164 34.40 13.64 5.20
CA THR D 164 34.43 12.95 3.91
C THR D 164 35.36 13.70 2.96
N GLU D 165 35.37 13.28 1.70
CA GLU D 165 36.05 14.02 0.65
C GLU D 165 35.34 13.70 -0.68
N ALA D 166 35.91 14.16 -1.78
CA ALA D 166 35.32 13.93 -3.09
C ALA D 166 36.44 13.55 -4.06
N LYS D 167 36.70 12.25 -4.17
CA LYS D 167 37.67 11.76 -5.13
C LYS D 167 37.01 11.62 -6.48
N ILE D 168 37.70 12.10 -7.53
CA ILE D 168 37.18 12.10 -8.88
C ILE D 168 37.94 11.06 -9.69
N GLU D 169 37.20 10.15 -10.33
CA GLU D 169 37.78 9.08 -11.10
C GLU D 169 37.32 9.20 -12.56
N VAL D 170 38.15 8.67 -13.46
CA VAL D 170 37.93 8.80 -14.89
C VAL D 170 37.99 7.41 -15.53
N GLY D 171 36.90 7.01 -16.18
CA GLY D 171 36.91 5.80 -16.97
C GLY D 171 37.41 6.07 -18.37
N ILE D 172 38.68 5.73 -18.61
CA ILE D 172 39.34 6.11 -19.85
C ILE D 172 38.94 5.16 -20.97
N ASP D 173 38.37 5.72 -22.04
CA ASP D 173 38.17 4.97 -23.27
C ASP D 173 39.51 4.54 -23.84
N ARG D 174 39.64 3.25 -24.16
CA ARG D 174 40.95 2.68 -24.46
C ARG D 174 41.52 3.17 -25.79
N VAL D 175 40.68 3.23 -26.83
CA VAL D 175 41.18 3.54 -28.17
C VAL D 175 41.42 5.04 -28.32
N THR D 176 40.39 5.84 -28.06
CA THR D 176 40.46 7.28 -28.32
C THR D 176 41.16 8.07 -27.22
N SER D 177 41.57 7.40 -26.12
CA SER D 177 42.14 8.03 -24.92
C SER D 177 41.25 9.13 -24.37
N GLN D 178 39.94 8.87 -24.39
CA GLN D 178 38.95 9.86 -24.01
C GLN D 178 38.61 9.73 -22.53
N ALA D 179 38.56 10.87 -21.85
CA ALA D 179 38.19 10.87 -20.44
C ALA D 179 36.68 10.70 -20.29
N ASN D 180 36.27 10.37 -19.06
CA ASN D 180 34.87 10.25 -18.68
C ASN D 180 34.76 10.41 -17.16
N PRO D 181 34.87 11.63 -16.63
CA PRO D 181 35.00 11.79 -15.18
C PRO D 181 33.66 11.67 -14.46
N ARG D 182 33.77 11.31 -13.19
CA ARG D 182 32.65 11.30 -12.26
C ARG D 182 33.22 11.38 -10.85
N THR D 183 32.39 11.80 -9.91
CA THR D 183 32.82 11.99 -8.54
C THR D 183 32.30 10.87 -7.65
N ASN D 184 33.06 10.60 -6.58
CA ASN D 184 32.68 9.60 -5.58
C ASN D 184 33.02 10.15 -4.21
N GLU D 185 31.99 10.42 -3.41
CA GLU D 185 32.19 10.75 -2.02
C GLU D 185 32.74 9.53 -1.29
N ARG D 186 33.67 9.75 -0.38
CA ARG D 186 34.19 8.66 0.43
C ARG D 186 34.54 9.20 1.80
N VAL D 187 34.27 8.41 2.83
CA VAL D 187 34.65 8.78 4.19
C VAL D 187 36.17 8.80 4.26
N VAL D 188 36.72 9.86 4.85
CA VAL D 188 38.17 10.10 4.79
C VAL D 188 38.90 9.02 5.58
N ALA D 189 40.09 8.66 5.09
CA ALA D 189 40.87 7.59 5.71
C ALA D 189 41.35 8.01 7.09
N GLY D 190 41.35 7.04 8.01
CA GLY D 190 41.62 7.32 9.40
C GLY D 190 40.38 7.52 10.24
N ALA D 191 39.22 7.75 9.62
CA ALA D 191 37.97 7.88 10.37
C ALA D 191 37.59 6.56 11.01
N GLU D 192 36.94 6.64 12.16
CA GLU D 192 36.83 5.50 13.05
C GLU D 192 35.40 5.35 13.51
N PHE D 193 34.82 4.17 13.23
CA PHE D 193 33.45 3.83 13.59
C PHE D 193 33.48 2.91 14.81
N GLU D 194 32.30 2.37 15.16
CA GLU D 194 32.14 1.58 16.38
C GLU D 194 31.15 0.45 16.13
N PHE D 195 31.66 -0.77 16.00
CA PHE D 195 30.81 -1.90 15.66
C PHE D 195 30.26 -2.58 16.91
N GLU D 196 29.28 -3.47 16.69
CA GLU D 196 28.54 -4.09 17.78
C GLU D 196 27.98 -5.41 17.27
N ILE D 197 28.55 -6.52 17.72
CA ILE D 197 28.10 -7.86 17.34
C ILE D 197 27.78 -8.63 18.61
N ILE D 198 26.58 -9.21 18.67
CA ILE D 198 26.06 -9.86 19.87
C ILE D 198 25.70 -11.29 19.48
N TYR D 199 26.55 -12.25 19.84
CA TYR D 199 26.20 -13.66 19.67
C TYR D 199 25.29 -14.10 20.79
N ASN D 200 24.20 -14.78 20.44
CA ASN D 200 23.18 -15.21 21.38
C ASN D 200 23.42 -16.69 21.70
N VAL D 201 23.90 -16.97 22.90
CA VAL D 201 24.26 -18.33 23.29
C VAL D 201 22.98 -19.11 23.55
N GLU D 202 22.65 -20.03 22.65
CA GLU D 202 21.46 -20.86 22.76
C GLU D 202 21.75 -22.29 23.13
N ASN D 203 22.89 -22.83 22.70
CA ASN D 203 23.34 -24.14 23.09
C ASN D 203 24.75 -24.02 23.66
N THR D 204 24.99 -24.64 24.80
CA THR D 204 26.32 -24.65 25.39
C THR D 204 27.23 -25.71 24.78
N THR D 205 26.69 -26.59 23.94
CA THR D 205 27.51 -27.61 23.28
C THR D 205 28.41 -26.99 22.23
N HIS D 206 27.83 -26.21 21.32
CA HIS D 206 28.58 -25.61 20.22
C HIS D 206 28.48 -24.09 20.27
N TRP D 207 29.33 -23.49 21.10
CA TRP D 207 29.64 -22.07 21.01
C TRP D 207 31.13 -21.82 20.83
N ARG D 208 31.98 -22.82 21.09
CA ARG D 208 33.41 -22.71 20.79
C ARG D 208 33.64 -22.45 19.31
N ASP D 209 32.89 -23.14 18.45
CA ASP D 209 33.09 -23.04 17.02
C ASP D 209 32.47 -21.77 16.47
N ASP D 210 31.28 -21.42 16.95
CA ASP D 210 30.55 -20.25 16.45
C ASP D 210 31.22 -18.94 16.83
N ILE D 211 32.06 -18.92 17.86
CA ILE D 211 32.91 -17.76 18.08
C ILE D 211 34.12 -17.81 17.15
N LYS D 212 34.70 -19.00 16.96
CA LYS D 212 35.80 -19.15 16.03
C LYS D 212 35.36 -18.96 14.58
N ASN D 213 34.14 -19.38 14.23
CA ASN D 213 33.66 -19.16 12.88
C ASN D 213 33.31 -17.70 12.64
N LEU D 214 32.92 -16.98 13.69
CA LEU D 214 32.67 -15.56 13.55
C LEU D 214 33.99 -14.79 13.42
N LEU D 215 34.99 -15.18 14.20
CA LEU D 215 36.31 -14.56 14.08
C LEU D 215 37.04 -15.02 12.83
N THR D 216 36.62 -16.12 12.21
CA THR D 216 37.17 -16.52 10.92
C THR D 216 36.75 -15.54 9.84
N ALA D 217 35.47 -15.16 9.84
CA ALA D 217 34.96 -14.21 8.85
C ALA D 217 35.51 -12.81 9.09
N MET D 218 35.81 -12.45 10.35
CA MET D 218 36.41 -11.15 10.62
C MET D 218 37.83 -11.09 10.11
N ALA D 219 38.58 -12.18 10.28
CA ALA D 219 39.96 -12.23 9.79
C ALA D 219 40.01 -12.24 8.26
N LEU D 220 38.98 -12.79 7.62
CA LEU D 220 38.88 -12.66 6.18
C LEU D 220 38.48 -11.26 5.75
N LEU D 221 37.86 -10.49 6.64
CA LEU D 221 37.42 -9.14 6.30
C LEU D 221 38.55 -8.12 6.45
N GLU D 222 39.51 -8.37 7.33
CA GLU D 222 40.70 -7.52 7.39
C GLU D 222 41.64 -7.77 6.21
N ASP D 223 41.51 -8.91 5.55
CA ASP D 223 42.27 -9.20 4.34
C ASP D 223 41.53 -8.78 3.08
N SER D 224 40.21 -8.73 3.12
CA SER D 224 39.38 -8.29 2.02
C SER D 224 38.90 -6.86 2.28
N TYR D 225 37.94 -6.41 1.47
CA TYR D 225 37.43 -5.05 1.55
C TYR D 225 36.03 -5.04 2.14
N LEU D 226 35.53 -3.83 2.42
CA LEU D 226 34.21 -3.63 3.01
C LEU D 226 33.53 -2.46 2.31
N GLY D 227 32.63 -2.77 1.39
CA GLY D 227 31.83 -1.75 0.72
C GLY D 227 32.60 -0.95 -0.31
N GLY D 228 31.85 -0.46 -1.30
CA GLY D 228 32.39 0.34 -2.38
C GLY D 228 33.30 -0.47 -3.28
N SER D 229 34.10 0.25 -4.07
CA SER D 229 34.98 -0.36 -5.05
C SER D 229 36.27 -0.75 -4.34
N GLY D 230 36.21 -1.82 -3.57
CA GLY D 230 37.35 -2.23 -2.78
C GLY D 230 38.46 -2.89 -3.56
N SER D 231 38.20 -3.27 -4.80
CA SER D 231 39.23 -3.71 -5.73
C SER D 231 39.93 -2.54 -6.41
N ARG D 232 39.65 -1.30 -5.98
CA ARG D 232 40.28 -0.10 -6.49
C ARG D 232 40.73 0.83 -5.36
N GLY D 233 40.76 0.34 -4.11
CA GLY D 233 41.29 1.06 -2.99
C GLY D 233 40.29 1.31 -1.86
N TYR D 234 39.00 1.28 -2.17
CA TYR D 234 37.96 1.74 -1.24
C TYR D 234 37.70 0.80 -0.03
N GLY D 235 38.49 -0.23 0.31
CA GLY D 235 38.18 -1.02 1.49
C GLY D 235 39.12 -0.79 2.65
N LYS D 236 39.88 -1.83 3.02
CA LYS D 236 40.89 -1.82 4.07
C LYS D 236 40.29 -1.37 5.41
N VAL D 237 39.46 -2.26 5.95
CA VAL D 237 38.88 -2.10 7.25
C VAL D 237 39.78 -2.81 8.27
N LYS D 238 39.74 -2.34 9.52
CA LYS D 238 40.57 -2.94 10.57
C LYS D 238 39.80 -2.89 11.88
N PHE D 239 39.80 -4.01 12.61
CA PHE D 239 39.08 -4.15 13.86
C PHE D 239 40.01 -3.87 15.05
N ILE D 240 39.52 -3.10 16.01
CA ILE D 240 40.23 -2.80 17.25
C ILE D 240 39.27 -3.15 18.36
N PHE D 241 39.44 -4.34 18.96
CA PHE D 241 38.48 -4.84 19.93
C PHE D 241 38.60 -4.13 21.27
N ASP D 242 37.46 -3.88 21.90
CA ASP D 242 37.42 -3.28 23.23
C ASP D 242 37.12 -4.31 24.32
N SER D 243 35.98 -5.00 24.24
CA SER D 243 35.51 -5.78 25.38
C SER D 243 34.70 -6.98 24.89
N PHE D 244 35.33 -8.16 24.88
CA PHE D 244 34.58 -9.40 24.93
C PHE D 244 33.92 -9.56 26.29
N GLU D 245 32.59 -9.62 26.31
CA GLU D 245 31.84 -9.85 27.53
C GLU D 245 30.80 -10.94 27.28
N PHE D 246 30.29 -11.51 28.37
CA PHE D 246 29.44 -12.69 28.26
C PHE D 246 27.97 -12.44 28.54
N ARG D 247 27.63 -11.57 29.53
CA ARG D 247 26.27 -11.28 29.98
C ARG D 247 25.48 -12.54 30.31
N PRO D 248 25.73 -13.21 31.43
CA PRO D 248 25.03 -14.48 31.70
C PRO D 248 23.54 -14.32 31.99
N LEU D 249 22.86 -15.45 32.24
CA LEU D 249 21.43 -15.41 32.49
C LEU D 249 21.12 -14.75 33.84
N ASP D 250 22.05 -14.82 34.78
CA ASP D 250 21.87 -14.19 36.08
C ASP D 250 22.15 -12.68 36.03
N TYR D 251 22.72 -12.19 34.93
CA TYR D 251 22.91 -10.75 34.77
C TYR D 251 21.59 -10.04 34.56
N TYR D 252 20.71 -10.61 33.74
CA TYR D 252 19.45 -9.97 33.40
C TYR D 252 18.42 -10.08 34.51
N ARG D 253 18.61 -11.01 35.45
CA ARG D 253 17.72 -11.12 36.59
C ARG D 253 18.17 -10.28 37.77
N THR D 254 19.45 -10.28 38.11
CA THR D 254 19.91 -9.43 39.20
C THR D 254 20.09 -7.99 38.71
N GLY D 255 21.04 -7.76 37.82
CA GLY D 255 21.37 -6.42 37.37
C GLY D 255 22.73 -5.93 37.82
N LYS D 256 23.37 -6.61 38.78
CA LYS D 256 24.75 -6.31 39.13
C LYS D 256 25.67 -6.74 38.01
N ASP D 257 26.91 -6.25 38.06
CA ASP D 257 27.92 -6.59 37.05
C ASP D 257 28.47 -7.99 37.35
N GLU D 258 27.69 -9.00 36.95
CA GLU D 258 28.08 -10.39 37.05
C GLU D 258 28.58 -10.95 35.73
N ASP D 259 28.99 -10.09 34.80
CA ASP D 259 29.39 -10.52 33.47
C ASP D 259 30.89 -10.77 33.40
N ILE D 260 31.24 -11.92 32.80
CA ILE D 260 32.63 -12.29 32.60
C ILE D 260 33.22 -11.42 31.49
N VAL D 261 34.35 -10.78 31.76
CA VAL D 261 34.94 -9.81 30.85
C VAL D 261 36.31 -10.31 30.43
N SER D 262 36.46 -10.59 29.14
CA SER D 262 37.78 -10.85 28.55
C SER D 262 38.35 -9.55 28.01
N ILE D 263 39.60 -9.25 28.38
CA ILE D 263 40.22 -7.97 28.07
C ILE D 263 41.32 -8.20 27.05
N ASP D 264 41.08 -7.76 25.82
CA ASP D 264 42.06 -7.82 24.73
C ASP D 264 42.06 -6.49 23.98
N ALA D 265 42.16 -5.39 24.73
CA ALA D 265 41.91 -4.05 24.21
C ALA D 265 42.93 -3.59 23.18
N ARG D 266 44.13 -4.18 23.15
CA ARG D 266 45.14 -3.82 22.16
C ARG D 266 45.64 -5.03 21.40
N GLU D 267 44.74 -5.90 20.94
CA GLU D 267 45.11 -7.09 20.20
C GLU D 267 44.47 -7.09 18.81
N LYS D 268 44.94 -8.01 17.98
CA LYS D 268 44.54 -8.14 16.59
C LYS D 268 43.47 -9.23 16.45
N SER D 269 42.66 -9.12 15.39
CA SER D 269 41.59 -10.08 15.16
C SER D 269 42.12 -11.47 14.84
N VAL D 270 43.30 -11.57 14.23
CA VAL D 270 43.92 -12.88 14.07
C VAL D 270 44.66 -13.31 15.33
N SER D 271 44.87 -12.40 16.27
CA SER D 271 45.50 -12.72 17.55
C SER D 271 44.50 -13.14 18.61
N ASP D 272 43.23 -13.29 18.24
CA ASP D 272 42.20 -13.86 19.09
C ASP D 272 41.80 -15.26 18.64
N ILE D 273 41.82 -15.51 17.33
CA ILE D 273 41.59 -16.84 16.79
C ILE D 273 42.87 -17.68 16.86
N LEU D 274 44.00 -17.04 17.16
CA LEU D 274 45.27 -17.72 17.35
C LEU D 274 45.21 -18.65 18.57
N SER D 275 46.16 -19.59 18.63
CA SER D 275 46.26 -20.53 19.73
C SER D 275 46.46 -19.78 21.05
N GLY D 276 45.43 -19.79 21.89
CA GLY D 276 45.27 -18.81 22.95
C GLY D 276 43.83 -18.38 22.98
N PHE D 277 43.04 -18.96 22.07
CA PHE D 277 41.58 -18.82 22.12
C PHE D 277 41.01 -19.46 23.37
N ASP D 278 41.47 -20.66 23.69
CA ASP D 278 41.03 -21.39 24.87
C ASP D 278 41.62 -20.84 26.16
N SER D 279 42.55 -19.88 26.09
CA SER D 279 43.06 -19.21 27.28
C SER D 279 42.30 -17.92 27.56
N LEU D 280 41.96 -17.16 26.52
CA LEU D 280 41.18 -15.94 26.70
C LEU D 280 39.73 -16.22 27.06
N PHE D 281 39.23 -17.43 26.76
CA PHE D 281 37.85 -17.79 27.05
C PHE D 281 37.80 -18.92 28.07
N SER D 282 38.63 -18.83 29.11
CA SER D 282 38.69 -19.87 30.14
C SER D 282 37.61 -19.70 31.20
N GLU D 283 37.32 -18.45 31.60
CA GLU D 283 36.28 -18.22 32.59
C GLU D 283 34.87 -18.36 32.01
N VAL D 284 34.73 -18.25 30.68
CA VAL D 284 33.42 -18.44 30.07
C VAL D 284 33.05 -19.91 30.07
N GLU D 285 34.04 -20.80 29.92
CA GLU D 285 33.78 -22.24 29.95
C GLU D 285 33.42 -22.74 31.34
N GLY D 286 33.80 -22.01 32.39
CA GLY D 286 33.44 -22.36 33.75
C GLY D 286 32.06 -21.94 34.18
N LYS D 287 31.28 -21.34 33.28
CA LYS D 287 29.90 -20.95 33.54
C LYS D 287 28.91 -21.60 32.59
N LEU D 288 29.34 -21.98 31.38
CA LEU D 288 28.54 -22.61 30.32
C LEU D 288 27.31 -21.78 29.95
N PRO E 2 -33.33 19.46 29.24
CA PRO E 2 -32.92 19.20 30.63
C PRO E 2 -31.40 19.34 30.82
N LYS E 3 -30.96 19.36 32.07
CA LYS E 3 -29.55 19.55 32.40
C LYS E 3 -28.94 18.19 32.75
N PHE E 4 -27.95 17.77 31.98
CA PHE E 4 -27.31 16.48 32.20
C PHE E 4 -25.85 16.71 32.62
N ILE E 5 -25.13 15.61 32.80
CA ILE E 5 -23.71 15.64 33.14
C ILE E 5 -22.98 14.85 32.06
N ALA E 6 -22.27 15.55 31.19
CA ALA E 6 -21.55 14.92 30.08
C ALA E 6 -20.20 14.43 30.57
N VAL E 7 -20.06 13.12 30.72
CA VAL E 7 -18.80 12.51 31.15
C VAL E 7 -17.96 12.29 29.90
N LYS E 8 -17.01 13.18 29.65
CA LYS E 8 -16.13 13.03 28.50
C LYS E 8 -15.06 11.97 28.75
N LEU E 9 -14.68 11.27 27.69
CA LEU E 9 -13.65 10.25 27.74
C LEU E 9 -12.60 10.62 26.69
N ILE E 10 -11.42 11.03 27.16
CA ILE E 10 -10.37 11.56 26.30
C ILE E 10 -9.37 10.43 26.06
N PRO E 11 -9.38 9.79 24.88
CA PRO E 11 -8.72 8.49 24.73
C PRO E 11 -7.20 8.57 24.74
N LYS E 12 -6.60 7.57 25.39
CA LYS E 12 -5.15 7.38 25.39
C LYS E 12 -4.73 6.25 24.45
N GLY E 13 -5.54 5.99 23.43
CA GLY E 13 -5.25 4.93 22.49
C GLY E 13 -6.46 4.60 21.65
N PRO E 14 -6.44 3.46 20.95
CA PRO E 14 -7.56 3.10 20.08
C PRO E 14 -8.59 2.23 20.78
N PHE E 15 -9.86 2.53 20.53
CA PHE E 15 -10.91 1.70 21.06
C PHE E 15 -11.15 0.50 20.16
N ARG E 16 -12.03 -0.39 20.63
CA ARG E 16 -12.49 -1.54 19.86
C ARG E 16 -13.85 -1.30 19.23
N ASP E 17 -14.71 -0.57 19.91
CA ASP E 17 -15.99 -0.12 19.38
C ASP E 17 -16.41 1.07 20.22
N ILE E 18 -17.29 1.89 19.67
CA ILE E 18 -17.95 2.94 20.46
C ILE E 18 -18.81 2.22 21.49
N PRO E 19 -18.62 2.49 22.78
CA PRO E 19 -19.33 1.73 23.81
C PRO E 19 -20.83 2.00 23.81
N ARG E 20 -21.55 1.09 24.44
CA ARG E 20 -23.00 1.15 24.54
C ARG E 20 -23.38 1.13 26.01
N ALA E 21 -24.68 1.30 26.27
CA ALA E 21 -25.13 1.48 27.64
C ALA E 21 -25.16 0.18 28.43
N ASP E 22 -25.24 -0.97 27.76
CA ASP E 22 -25.15 -2.24 28.46
C ASP E 22 -23.72 -2.62 28.80
N THR E 23 -22.73 -2.11 28.04
CA THR E 23 -21.33 -2.38 28.32
C THR E 23 -20.63 -1.19 28.98
N LEU E 24 -21.37 -0.16 29.36
CA LEU E 24 -20.90 0.80 30.36
C LEU E 24 -21.33 0.42 31.76
N PHE E 25 -22.57 -0.04 31.91
CA PHE E 25 -23.07 -0.51 33.19
C PHE E 25 -22.44 -1.84 33.60
N GLY E 26 -22.02 -2.65 32.64
CA GLY E 26 -21.22 -3.81 32.98
C GLY E 26 -19.83 -3.43 33.44
N ALA E 27 -19.29 -2.34 32.88
CA ALA E 27 -17.97 -1.87 33.26
C ALA E 27 -18.00 -1.08 34.57
N ILE E 28 -19.08 -0.34 34.84
CA ILE E 28 -19.21 0.37 36.11
C ILE E 28 -19.44 -0.61 37.24
N GLY E 29 -20.26 -1.65 37.00
CA GLY E 29 -20.52 -2.64 38.04
C GLY E 29 -19.32 -3.49 38.39
N ASN E 30 -18.42 -3.70 37.42
CA ASN E 30 -17.16 -4.35 37.73
C ASN E 30 -16.22 -3.42 38.48
N ALA E 31 -16.37 -2.11 38.30
CA ALA E 31 -15.53 -1.16 39.01
C ALA E 31 -15.94 -1.04 40.47
N ILE E 32 -17.25 -0.96 40.72
CA ILE E 32 -17.75 -0.83 42.10
C ILE E 32 -17.51 -2.13 42.87
N SER E 33 -17.57 -3.28 42.19
CA SER E 33 -17.27 -4.55 42.85
C SER E 33 -15.79 -4.70 43.17
N ALA E 34 -14.92 -3.89 42.55
CA ALA E 34 -13.50 -3.98 42.82
C ALA E 34 -13.03 -2.98 43.88
N ILE E 35 -13.57 -1.76 43.87
CA ILE E 35 -13.10 -0.74 44.82
C ILE E 35 -14.03 -0.57 46.01
N HIS E 36 -15.27 -1.06 45.95
CA HIS E 36 -16.15 -1.05 47.10
C HIS E 36 -16.53 -2.45 47.57
N GLY E 37 -17.02 -3.29 46.68
CA GLY E 37 -17.33 -4.66 47.03
C GLY E 37 -18.67 -5.09 46.50
N GLN E 38 -19.11 -6.26 46.96
CA GLN E 38 -20.38 -6.83 46.52
C GLN E 38 -21.57 -6.09 47.10
N SER E 39 -21.44 -5.57 48.32
CA SER E 39 -22.56 -4.92 49.01
C SER E 39 -22.91 -3.56 48.42
N ALA E 40 -22.10 -3.01 47.52
CA ALA E 40 -22.38 -1.73 46.90
C ALA E 40 -22.91 -1.86 45.48
N VAL E 41 -22.69 -3.01 44.83
CA VAL E 41 -23.23 -3.23 43.50
C VAL E 41 -24.75 -3.37 43.56
N GLU E 42 -25.26 -4.06 44.58
CA GLU E 42 -26.70 -4.15 44.78
C GLU E 42 -27.30 -2.80 45.14
N GLU E 43 -26.55 -1.96 45.84
CA GLU E 43 -26.98 -0.58 46.08
C GLU E 43 -26.91 0.25 44.80
N LEU E 44 -26.04 -0.14 43.86
CA LEU E 44 -25.94 0.56 42.58
C LEU E 44 -27.09 0.19 41.64
N VAL E 45 -27.46 -1.09 41.62
CA VAL E 45 -28.59 -1.53 40.79
C VAL E 45 -29.90 -0.96 41.31
N ASP E 46 -30.03 -0.87 42.65
CA ASP E 46 -31.22 -0.25 43.24
C ASP E 46 -31.31 1.25 42.99
N ALA E 47 -30.20 1.89 42.61
CA ALA E 47 -30.21 3.33 42.34
C ALA E 47 -30.66 3.65 40.91
N PHE E 48 -30.41 2.76 39.97
CA PHE E 48 -30.91 2.94 38.61
C PHE E 48 -32.38 2.57 38.46
N VAL E 49 -32.93 1.80 39.41
CA VAL E 49 -34.35 1.48 39.37
C VAL E 49 -35.17 2.62 39.94
N GLY E 50 -34.89 3.01 41.17
CA GLY E 50 -35.64 4.08 41.82
C GLY E 50 -35.27 5.48 41.39
N GLY E 51 -34.15 5.62 40.67
CA GLY E 51 -33.65 6.95 40.24
C GLY E 51 -33.52 7.10 38.74
N ALA E 52 -32.47 7.81 38.30
CA ALA E 52 -32.21 8.10 36.87
C ALA E 52 -31.15 7.15 36.30
N ARG E 53 -30.78 7.33 35.02
CA ARG E 53 -29.82 6.40 34.36
C ARG E 53 -28.86 7.14 33.41
N ILE E 54 -27.98 6.37 32.79
CA ILE E 54 -26.95 6.75 31.82
C ILE E 54 -27.44 6.51 30.41
N SER E 55 -26.73 7.06 29.42
CA SER E 55 -27.00 6.85 28.02
C SER E 55 -25.86 6.06 27.38
N SER E 56 -25.96 5.84 26.07
CA SER E 56 -24.88 5.22 25.33
C SER E 56 -23.72 6.20 25.17
N ALA E 57 -22.60 5.69 24.70
CA ALA E 57 -21.45 6.54 24.41
C ALA E 57 -21.55 7.07 22.98
N PHE E 58 -21.23 8.35 22.81
CA PHE E 58 -21.34 9.04 21.54
C PHE E 58 -20.05 9.83 21.29
N PRO E 59 -19.66 10.02 20.04
CA PRO E 59 -18.41 10.72 19.75
C PRO E 59 -18.56 12.24 19.83
N TYR E 60 -17.43 12.92 19.93
CA TYR E 60 -17.37 14.36 19.81
C TYR E 60 -16.13 14.74 19.01
N SER E 61 -16.05 16.02 18.63
CA SER E 61 -14.84 16.53 17.96
C SER E 61 -14.70 18.02 18.31
N GLY E 62 -13.91 18.29 19.36
CA GLY E 62 -13.56 19.64 19.75
C GLY E 62 -14.72 20.55 20.11
N ASP E 63 -15.40 20.24 21.21
CA ASP E 63 -16.58 20.95 21.72
C ASP E 63 -17.75 20.95 20.71
N THR E 64 -17.79 19.97 19.82
CA THR E 64 -18.94 19.75 18.93
C THR E 64 -19.49 18.38 19.28
N TYR E 65 -20.41 18.35 20.24
CA TYR E 65 -20.96 17.11 20.74
C TYR E 65 -21.92 16.50 19.73
N TYR E 66 -21.66 15.27 19.33
CA TYR E 66 -22.53 14.56 18.41
C TYR E 66 -23.56 13.73 19.17
N LEU E 67 -24.71 13.55 18.57
CA LEU E 67 -25.85 12.86 19.15
C LEU E 67 -26.55 12.12 18.01
N PRO E 68 -27.18 10.98 18.28
CA PRO E 68 -27.70 10.16 17.18
C PRO E 68 -28.94 10.76 16.57
N LYS E 69 -29.11 10.51 15.28
CA LYS E 69 -30.27 11.02 14.57
C LYS E 69 -31.51 10.27 15.02
N PRO E 70 -32.56 10.97 15.43
CA PRO E 70 -33.79 10.27 15.85
C PRO E 70 -34.47 9.63 14.65
N LEU E 71 -35.15 8.51 14.90
CA LEU E 71 -35.91 7.84 13.85
C LEU E 71 -37.25 8.51 13.55
N SER E 72 -37.54 9.66 14.17
CA SER E 72 -38.75 10.42 13.92
C SER E 72 -38.74 11.18 12.61
N VAL E 73 -37.63 11.18 11.87
CA VAL E 73 -37.50 12.07 10.73
C VAL E 73 -37.50 11.36 9.37
N GLU E 74 -37.51 10.03 9.34
CA GLU E 74 -37.62 9.35 8.06
C GLU E 74 -39.03 9.37 7.46
N PRO E 75 -40.14 9.16 8.22
CA PRO E 75 -41.45 9.43 7.62
C PRO E 75 -41.72 10.91 7.38
N ALA E 76 -41.06 11.81 8.13
CA ALA E 76 -41.25 13.24 8.01
C ALA E 76 -40.53 13.85 6.82
N LEU E 77 -39.71 13.06 6.12
CA LEU E 77 -38.61 13.62 5.36
C LEU E 77 -39.08 14.27 4.06
N GLU E 78 -40.32 13.99 3.66
CA GLU E 78 -40.95 14.79 2.61
C GLU E 78 -41.29 16.19 3.13
N GLY E 79 -41.85 16.28 4.35
CA GLY E 79 -42.25 17.54 4.90
C GLY E 79 -41.13 18.38 5.48
N ILE E 80 -39.99 17.76 5.78
CA ILE E 80 -38.86 18.52 6.32
C ILE E 80 -38.23 19.39 5.24
N LEU E 81 -38.12 18.85 4.03
CA LEU E 81 -37.35 19.47 2.96
C LEU E 81 -38.26 19.95 1.83
N THR E 82 -39.37 20.60 2.19
CA THR E 82 -40.26 21.15 1.18
C THR E 82 -39.66 22.37 0.49
N GLY E 83 -38.87 23.15 1.22
CA GLY E 83 -38.28 24.34 0.64
C GLY E 83 -36.95 24.11 -0.07
N LEU E 84 -36.89 23.05 -0.88
CA LEU E 84 -35.72 22.75 -1.68
C LEU E 84 -36.19 22.26 -3.04
N ASP E 85 -35.49 22.68 -4.09
CA ASP E 85 -35.88 22.34 -5.45
C ASP E 85 -35.61 20.87 -5.74
N GLU E 86 -36.42 20.30 -6.64
CA GLU E 86 -36.43 18.86 -6.88
C GLU E 86 -35.19 18.36 -7.62
N GLU E 87 -34.35 19.24 -8.13
CA GLU E 87 -33.09 18.82 -8.73
C GLU E 87 -32.07 18.37 -7.70
N GLU E 88 -32.25 18.75 -6.42
CA GLU E 88 -31.39 18.26 -5.36
C GLU E 88 -32.14 17.84 -4.10
N ARG E 89 -33.47 17.92 -4.07
CA ARG E 89 -34.24 17.49 -2.91
C ARG E 89 -34.21 15.98 -2.73
N TYR E 90 -34.00 15.24 -3.83
CA TYR E 90 -33.92 13.78 -3.75
C TYR E 90 -32.66 13.34 -3.03
N THR E 91 -31.49 13.80 -3.49
CA THR E 91 -30.23 13.40 -2.89
C THR E 91 -29.93 14.10 -1.58
N THR E 92 -30.60 15.21 -1.27
CA THR E 92 -30.49 15.79 0.07
C THR E 92 -31.16 14.88 1.08
N ALA E 93 -32.35 14.38 0.76
CA ALA E 93 -33.06 13.48 1.65
C ALA E 93 -32.44 12.09 1.69
N LYS E 94 -31.63 11.72 0.70
CA LYS E 94 -31.04 10.38 0.73
C LYS E 94 -29.82 10.34 1.64
N ARG E 95 -29.00 11.40 1.62
CA ARG E 95 -27.90 11.51 2.57
C ARG E 95 -28.37 11.85 3.97
N LEU E 96 -29.61 12.30 4.14
CA LEU E 96 -30.15 12.69 5.43
C LEU E 96 -30.85 11.53 6.12
N ARG E 97 -31.48 10.65 5.34
CA ARG E 97 -32.01 9.39 5.83
C ARG E 97 -30.92 8.40 6.21
N LYS E 98 -29.76 8.48 5.56
CA LYS E 98 -28.67 7.54 5.74
C LYS E 98 -27.75 7.93 6.89
N ALA E 99 -27.87 9.16 7.39
CA ALA E 99 -26.95 9.69 8.38
C ALA E 99 -27.09 8.98 9.72
N LYS E 100 -26.04 9.09 10.53
CA LYS E 100 -25.97 8.39 11.79
C LYS E 100 -25.86 9.32 13.00
N TYR E 101 -25.15 10.43 12.87
CA TYR E 101 -24.97 11.36 13.97
C TYR E 101 -25.35 12.77 13.51
N LEU E 102 -25.62 13.63 14.49
CA LEU E 102 -25.98 15.01 14.26
C LEU E 102 -25.30 15.87 15.31
N ASP E 103 -25.11 17.15 15.00
CA ASP E 103 -24.58 18.10 15.96
C ASP E 103 -25.61 18.38 17.06
N LEU E 104 -25.15 19.08 18.10
CA LEU E 104 -26.03 19.41 19.22
C LEU E 104 -27.08 20.44 18.82
N LYS E 105 -26.77 21.31 17.86
CA LYS E 105 -27.78 22.23 17.36
C LYS E 105 -28.74 21.54 16.41
N ASN E 106 -28.22 20.68 15.52
CA ASN E 106 -29.06 19.96 14.57
C ASN E 106 -29.89 18.86 15.23
N PHE E 107 -29.45 18.35 16.39
CA PHE E 107 -30.29 17.41 17.13
C PHE E 107 -31.52 18.11 17.69
N GLU E 108 -31.35 19.34 18.20
CA GLU E 108 -32.48 20.09 18.73
C GLU E 108 -33.43 20.58 17.65
N LEU E 109 -32.97 20.62 16.40
CA LEU E 109 -33.87 20.90 15.29
C LEU E 109 -34.59 19.64 14.82
N ALA E 110 -33.90 18.50 14.87
CA ALA E 110 -34.52 17.23 14.50
C ALA E 110 -35.57 16.77 15.50
N LEU E 111 -35.51 17.25 16.74
CA LEU E 111 -36.54 16.93 17.71
C LEU E 111 -37.84 17.68 17.39
N ARG E 112 -37.75 18.82 16.73
CA ARG E 112 -38.90 19.68 16.46
C ARG E 112 -39.36 19.62 15.02
N LEU E 113 -38.81 18.68 14.23
CA LEU E 113 -39.11 18.48 12.81
C LEU E 113 -38.84 19.75 12.00
N ARG E 114 -37.58 20.16 11.99
CA ARG E 114 -37.09 21.33 11.29
C ARG E 114 -36.01 20.92 10.29
N PRO E 115 -35.72 21.74 9.29
CA PRO E 115 -34.59 21.44 8.39
C PRO E 115 -33.26 21.54 9.10
N PHE E 116 -32.48 20.46 9.02
CA PHE E 116 -31.18 20.36 9.67
C PHE E 116 -30.16 19.80 8.67
N THR E 117 -28.90 19.77 9.09
CA THR E 117 -27.80 19.33 8.23
C THR E 117 -27.00 18.24 8.92
N ILE E 118 -26.22 17.52 8.11
CA ILE E 118 -25.34 16.44 8.57
C ILE E 118 -23.96 17.01 8.87
N PRO E 119 -23.12 16.32 9.64
CA PRO E 119 -21.71 16.69 9.72
C PRO E 119 -20.89 16.07 8.60
N GLU E 120 -19.83 16.77 8.22
CA GLU E 120 -18.98 16.31 7.14
C GLU E 120 -17.85 15.40 7.61
N GLU E 121 -17.45 15.53 8.86
CA GLU E 121 -16.29 14.81 9.39
C GLU E 121 -16.73 13.96 10.57
N ILE E 122 -16.67 12.64 10.41
CA ILE E 122 -16.86 11.72 11.53
C ILE E 122 -15.53 11.60 12.29
N PRO E 123 -15.53 11.70 13.62
CA PRO E 123 -14.27 11.87 14.35
C PRO E 123 -13.41 10.62 14.48
N TYR E 124 -13.71 9.51 13.82
CA TYR E 124 -12.91 8.30 13.96
C TYR E 124 -12.89 7.55 12.64
N ALA E 125 -12.17 6.43 12.64
CA ALA E 125 -12.09 5.55 11.49
C ALA E 125 -11.93 4.12 11.97
N ARG E 126 -12.51 3.19 11.21
CA ARG E 126 -12.43 1.76 11.52
C ARG E 126 -11.28 1.22 10.68
N VAL E 127 -10.09 1.18 11.27
CA VAL E 127 -8.90 0.74 10.56
C VAL E 127 -8.63 -0.72 10.91
N ASP E 128 -8.01 -1.42 9.96
CA ASP E 128 -7.67 -2.82 10.10
C ASP E 128 -6.16 -2.91 10.33
N VAL E 129 -5.76 -2.98 11.60
CA VAL E 129 -4.35 -3.18 11.89
C VAL E 129 -4.08 -4.67 11.90
N PRO E 130 -3.10 -5.15 11.13
CA PRO E 130 -2.81 -6.59 11.13
C PRO E 130 -1.81 -6.95 12.22
N ARG E 131 -2.11 -8.04 12.90
CA ARG E 131 -1.27 -8.60 13.94
C ARG E 131 -0.60 -9.86 13.42
N VAL E 132 0.23 -10.49 14.24
CA VAL E 132 0.84 -11.76 13.85
C VAL E 132 1.02 -12.62 15.10
N VAL E 133 1.19 -13.91 14.87
CA VAL E 133 1.48 -14.89 15.91
C VAL E 133 2.76 -15.60 15.53
N LEU E 134 3.76 -15.52 16.40
CA LEU E 134 5.09 -16.02 16.09
C LEU E 134 5.42 -17.21 16.98
N ASP E 135 5.97 -18.25 16.37
CA ASP E 135 6.52 -19.37 17.12
C ASP E 135 7.72 -18.91 17.94
N ARG E 136 7.90 -19.52 19.11
CA ARG E 136 8.98 -19.11 19.98
C ARG E 136 10.32 -19.73 19.59
N VAL E 137 10.31 -20.77 18.78
CA VAL E 137 11.52 -21.43 18.34
C VAL E 137 11.85 -21.10 16.90
N THR E 138 10.86 -21.19 16.01
CA THR E 138 11.09 -21.03 14.58
C THR E 138 10.54 -19.74 14.00
N GLN E 139 10.03 -18.82 14.83
CA GLN E 139 9.57 -17.48 14.42
C GLN E 139 8.52 -17.52 13.31
N ASP E 140 7.72 -18.58 13.26
CA ASP E 140 6.79 -18.78 12.15
C ASP E 140 5.58 -17.88 12.29
N SER E 141 5.32 -17.09 11.25
CA SER E 141 4.26 -16.09 11.31
C SER E 141 2.89 -16.73 11.16
N SER E 142 1.88 -16.05 11.72
CA SER E 142 0.48 -16.44 11.55
C SER E 142 -0.33 -15.15 11.66
N ILE E 143 -0.65 -14.56 10.50
CA ILE E 143 -1.35 -13.29 10.48
C ILE E 143 -2.83 -13.48 10.81
N TYR E 144 -3.36 -12.59 11.64
CA TYR E 144 -4.79 -12.41 11.80
C TYR E 144 -5.08 -10.91 11.78
N PHE E 145 -6.34 -10.56 11.59
CA PHE E 145 -6.75 -9.18 11.37
C PHE E 145 -7.62 -8.70 12.52
N TRP E 146 -7.27 -7.53 13.05
CA TRP E 146 -7.95 -6.97 14.21
C TRP E 146 -8.33 -5.54 13.89
N GLU E 147 -9.57 -5.16 14.16
CA GLU E 147 -10.07 -3.83 13.81
C GLU E 147 -10.20 -2.97 15.05
N GLU E 148 -9.94 -1.67 14.88
CA GLU E 148 -9.91 -0.71 15.97
C GLU E 148 -10.73 0.51 15.62
N ILE E 149 -10.94 1.36 16.62
CA ILE E 149 -11.51 2.69 16.45
C ILE E 149 -10.40 3.69 16.78
N ARG E 150 -9.90 4.37 15.77
CA ARG E 150 -8.78 5.30 15.93
C ARG E 150 -9.33 6.73 15.83
N PHE E 151 -9.26 7.46 16.93
CA PHE E 151 -9.82 8.80 16.98
C PHE E 151 -8.81 9.81 16.43
N ARG E 152 -9.30 11.04 16.25
CA ARG E 152 -8.50 12.13 15.69
C ARG E 152 -7.81 12.88 16.82
N GLU E 153 -7.30 14.08 16.53
CA GLU E 153 -6.42 14.79 17.45
C GLU E 153 -7.15 15.26 18.70
N LYS E 154 -8.23 16.02 18.53
CA LYS E 154 -8.96 16.59 19.65
C LYS E 154 -10.21 15.79 20.01
N SER E 155 -10.45 14.67 19.34
CA SER E 155 -11.73 13.99 19.41
C SER E 155 -11.70 12.84 20.42
N GLY E 156 -12.90 12.37 20.76
CA GLY E 156 -13.04 11.26 21.69
C GLY E 156 -14.44 10.68 21.74
N VAL E 157 -14.90 10.33 22.93
CA VAL E 157 -16.24 9.78 23.12
C VAL E 157 -16.75 10.30 24.46
N TYR E 158 -18.07 10.31 24.62
CA TYR E 158 -18.67 10.76 25.87
C TYR E 158 -20.01 10.05 26.04
N PHE E 159 -20.49 10.00 27.28
CA PHE E 159 -21.86 9.58 27.54
C PHE E 159 -22.50 10.56 28.52
N LEU E 160 -23.81 10.47 28.63
CA LEU E 160 -24.60 11.39 29.45
C LEU E 160 -25.11 10.68 30.69
N TYR E 161 -25.53 11.48 31.68
CA TYR E 161 -26.04 10.96 32.94
C TYR E 161 -27.14 11.90 33.43
N SER E 162 -28.27 11.34 33.81
CA SER E 162 -29.31 12.06 34.52
C SER E 162 -29.55 11.37 35.85
N GLY E 163 -29.94 12.15 36.86
CA GLY E 163 -30.23 11.58 38.16
C GLY E 163 -29.80 12.45 39.31
N PRO E 164 -29.86 11.92 40.52
CA PRO E 164 -29.36 12.66 41.68
C PRO E 164 -27.83 12.69 41.69
N ARG E 165 -27.30 13.57 42.53
CA ARG E 165 -25.87 13.84 42.55
C ARG E 165 -25.09 12.90 43.47
N GLU E 166 -25.67 12.48 44.59
CA GLU E 166 -24.96 11.58 45.50
C GLU E 166 -24.83 10.16 44.96
N VAL E 167 -25.66 9.78 44.00
CA VAL E 167 -25.45 8.51 43.29
C VAL E 167 -24.29 8.66 42.31
N PHE E 168 -24.19 9.82 41.66
CA PHE E 168 -23.09 10.09 40.74
C PHE E 168 -21.76 10.22 41.46
N ASP E 169 -21.71 11.03 42.51
CA ASP E 169 -20.46 11.34 43.20
C ASP E 169 -19.97 10.18 44.05
N GLY E 170 -20.80 9.16 44.28
CA GLY E 170 -20.38 8.02 45.08
C GLY E 170 -20.11 6.78 44.27
N TYR E 171 -20.78 6.63 43.12
CA TYR E 171 -20.65 5.41 42.34
C TYR E 171 -20.10 5.64 40.94
N ILE E 172 -20.69 6.55 40.17
CA ILE E 172 -20.26 6.70 38.78
C ILE E 172 -18.93 7.44 38.69
N ALA E 173 -18.75 8.48 39.50
CA ALA E 173 -17.50 9.24 39.52
C ALA E 173 -16.29 8.47 40.06
N PRO E 174 -16.40 7.56 41.06
CA PRO E 174 -15.27 6.67 41.31
C PRO E 174 -15.09 5.58 40.27
N ALA E 175 -16.14 5.20 39.55
CA ALA E 175 -16.00 4.13 38.58
C ALA E 175 -15.25 4.58 37.34
N MET E 176 -15.39 5.84 36.96
CA MET E 176 -14.74 6.32 35.74
C MET E 176 -13.25 6.59 35.93
N ARG E 177 -12.80 6.73 37.17
CA ARG E 177 -11.38 6.87 37.45
C ARG E 177 -10.69 5.51 37.50
N PHE E 178 -11.39 4.49 37.96
CA PHE E 178 -10.88 3.12 37.87
C PHE E 178 -10.87 2.63 36.44
N LEU E 179 -11.96 2.91 35.70
CA LEU E 179 -12.10 2.46 34.32
C LEU E 179 -11.27 3.28 33.34
N GLY E 180 -10.59 4.34 33.78
CA GLY E 180 -9.63 4.99 32.91
C GLY E 180 -8.29 4.30 32.88
N ASP E 181 -7.98 3.53 33.91
CA ASP E 181 -6.70 2.83 34.01
C ASP E 181 -6.80 1.35 33.62
N THR E 182 -7.95 0.72 33.85
CA THR E 182 -8.30 -0.49 33.13
C THR E 182 -9.08 -0.06 31.90
N GLY E 183 -9.60 -1.00 31.11
CA GLY E 183 -10.17 -0.68 29.82
C GLY E 183 -11.69 -0.74 29.78
N ILE E 184 -12.24 -0.26 28.67
CA ILE E 184 -13.65 -0.43 28.34
C ILE E 184 -13.69 -1.32 27.12
N GLY E 185 -13.85 -2.63 27.34
CA GLY E 185 -13.89 -3.61 26.27
C GLY E 185 -12.56 -3.77 25.55
N GLY E 186 -12.59 -4.67 24.58
CA GLY E 186 -11.46 -4.84 23.66
C GLY E 186 -10.24 -5.44 24.32
N LYS E 187 -9.14 -5.46 23.55
CA LYS E 187 -7.86 -5.94 24.05
C LYS E 187 -7.23 -4.86 24.91
N SER E 188 -7.72 -4.76 26.15
CA SER E 188 -7.25 -3.73 27.07
C SER E 188 -5.83 -3.98 27.57
N THR E 189 -5.30 -5.18 27.38
CA THR E 189 -3.91 -5.45 27.70
C THR E 189 -2.95 -4.93 26.64
N TRP E 190 -3.47 -4.52 25.48
CA TRP E 190 -2.69 -3.83 24.46
C TRP E 190 -2.83 -2.32 24.59
N GLY E 191 -3.30 -1.84 25.73
CA GLY E 191 -3.48 -0.42 25.97
C GLY E 191 -4.59 0.20 25.16
N ALA E 192 -5.67 -0.54 24.92
CA ALA E 192 -6.71 -0.09 23.98
C ALA E 192 -7.73 0.85 24.61
N GLY E 193 -8.51 0.34 25.57
CA GLY E 193 -9.67 1.07 26.02
C GLY E 193 -9.44 2.10 27.11
N LEU E 194 -8.29 2.75 27.06
CA LEU E 194 -7.86 3.68 28.10
C LEU E 194 -8.20 5.12 27.73
N PHE E 195 -8.38 5.94 28.75
CA PHE E 195 -8.80 7.32 28.55
C PHE E 195 -8.51 8.15 29.78
N GLU E 196 -8.71 9.46 29.63
CA GLU E 196 -8.85 10.42 30.73
C GLU E 196 -10.31 10.84 30.81
N VAL E 197 -10.68 11.48 31.91
CA VAL E 197 -12.08 11.78 32.18
C VAL E 197 -12.23 13.24 32.57
N GLU E 198 -13.29 13.88 32.05
CA GLU E 198 -13.69 15.22 32.42
C GLU E 198 -15.20 15.26 32.56
N PHE E 199 -15.69 15.99 33.57
CA PHE E 199 -17.11 16.06 33.86
C PHE E 199 -17.61 17.46 33.53
N HIS E 200 -18.58 17.54 32.62
CA HIS E 200 -19.07 18.82 32.13
C HIS E 200 -20.58 18.94 32.25
N GLU E 201 -21.13 19.98 31.63
CA GLU E 201 -22.56 20.30 31.75
C GLU E 201 -23.12 20.44 30.35
N MET E 202 -24.10 19.59 30.02
CA MET E 202 -24.81 19.65 28.76
C MET E 202 -26.26 20.05 29.00
N LYS E 203 -26.77 20.93 28.14
CA LYS E 203 -28.16 21.36 28.17
C LYS E 203 -28.75 21.12 26.80
N ILE E 204 -29.89 20.42 26.75
CA ILE E 204 -30.54 20.02 25.50
C ILE E 204 -31.94 20.59 25.50
N ASP E 205 -32.29 21.30 24.42
CA ASP E 205 -33.65 21.81 24.24
C ASP E 205 -34.51 20.70 23.63
N ALA E 206 -35.23 19.98 24.49
CA ALA E 206 -36.15 18.95 24.03
C ALA E 206 -37.58 19.40 24.27
N PRO E 207 -38.46 19.27 23.29
CA PRO E 207 -39.86 19.68 23.48
C PRO E 207 -40.61 18.72 24.39
N GLY E 208 -41.82 19.14 24.76
CA GLY E 208 -42.67 18.36 25.62
C GLY E 208 -43.78 17.69 24.83
N SER E 209 -43.80 16.37 24.86
CA SER E 209 -44.82 15.60 24.16
C SER E 209 -45.00 14.27 24.88
N GLU E 210 -45.95 13.47 24.40
CA GLU E 210 -46.17 12.15 24.96
C GLU E 210 -45.16 11.13 24.46
N TYR E 211 -44.50 11.41 23.35
CA TYR E 211 -43.48 10.54 22.82
C TYR E 211 -42.10 11.00 23.28
N SER E 212 -41.11 10.12 23.09
CA SER E 212 -39.74 10.42 23.46
C SER E 212 -38.82 9.53 22.65
N VAL E 213 -37.55 9.92 22.58
CA VAL E 213 -36.52 9.13 21.92
C VAL E 213 -35.58 8.57 22.97
N THR E 214 -35.04 7.40 22.68
CA THR E 214 -34.07 6.77 23.56
C THR E 214 -32.67 7.13 23.09
N LEU E 215 -31.82 7.50 24.05
CA LEU E 215 -30.40 7.71 23.78
C LEU E 215 -29.54 6.58 24.32
N SER E 216 -30.14 5.41 24.54
CA SER E 216 -29.42 4.25 25.04
C SER E 216 -30.12 3.00 24.54
N ASN E 217 -29.47 1.85 24.71
CA ASN E 217 -30.13 0.58 24.47
C ASN E 217 -31.18 0.36 25.54
N ALA E 218 -32.39 0.00 25.13
CA ALA E 218 -33.53 0.16 26.02
C ALA E 218 -34.15 -1.13 26.53
N LEU E 219 -34.19 -2.21 25.72
CA LEU E 219 -34.94 -3.45 26.00
C LEU E 219 -36.38 -3.15 26.40
N PRO E 220 -37.25 -2.78 25.46
CA PRO E 220 -38.56 -2.27 25.83
C PRO E 220 -39.49 -3.39 26.34
N THR E 221 -40.52 -2.96 27.07
CA THR E 221 -41.50 -3.86 27.65
C THR E 221 -42.74 -3.98 26.78
N LYS E 222 -43.32 -2.85 26.40
CA LYS E 222 -44.37 -2.80 25.40
C LYS E 222 -43.71 -2.74 24.02
N THR E 223 -44.50 -2.49 22.98
CA THR E 223 -43.87 -2.32 21.69
C THR E 223 -43.61 -0.85 21.44
N PRO E 224 -42.39 -0.47 21.04
CA PRO E 224 -42.11 0.94 20.72
C PRO E 224 -42.79 1.39 19.44
N VAL E 225 -42.68 2.68 19.14
CA VAL E 225 -43.38 3.28 18.00
C VAL E 225 -42.58 3.15 16.72
N LEU E 226 -41.35 3.63 16.71
CA LEU E 226 -40.42 3.43 15.61
C LEU E 226 -39.09 3.00 16.20
N TRP E 227 -38.52 1.92 15.70
CA TRP E 227 -37.34 1.36 16.35
C TRP E 227 -36.37 0.84 15.31
N ARG E 228 -35.21 0.42 15.79
CA ARG E 228 -34.14 -0.13 14.95
C ARG E 228 -33.47 -1.20 15.80
N LEU E 229 -33.66 -2.46 15.41
CA LEU E 229 -33.25 -3.59 16.25
C LEU E 229 -31.73 -3.69 16.36
N LEU E 230 -31.29 -4.15 17.52
CA LEU E 230 -29.88 -4.29 17.84
C LEU E 230 -29.71 -5.58 18.62
N ARG E 231 -29.20 -6.61 17.96
CA ARG E 231 -29.16 -7.96 18.50
C ARG E 231 -27.74 -8.25 18.94
N LYS E 232 -27.47 -8.09 20.23
CA LYS E 232 -26.16 -8.37 20.78
C LYS E 232 -26.29 -9.09 22.12
N GLY E 233 -25.16 -9.60 22.60
CA GLY E 233 -25.04 -10.15 23.93
C GLY E 233 -23.60 -10.54 24.17
N GLY E 234 -23.02 -10.10 25.27
CA GLY E 234 -21.57 -10.14 25.42
C GLY E 234 -21.09 -11.30 26.25
N TRP E 235 -20.12 -11.03 27.11
CA TRP E 235 -19.47 -12.04 27.94
C TRP E 235 -19.44 -11.54 29.37
N SER E 236 -19.32 -12.48 30.31
CA SER E 236 -19.39 -12.13 31.72
C SER E 236 -18.53 -13.10 32.52
N PHE E 237 -17.31 -12.67 32.86
CA PHE E 237 -16.31 -13.46 33.59
C PHE E 237 -16.01 -14.79 32.90
N GLY E 238 -15.91 -14.75 31.58
CA GLY E 238 -15.72 -15.96 30.78
C GLY E 238 -17.01 -16.58 30.30
N ARG E 239 -18.06 -16.51 31.11
CA ARG E 239 -19.36 -17.01 30.70
C ARG E 239 -19.96 -16.12 29.62
N ARG E 240 -20.73 -16.73 28.73
CA ARG E 240 -21.31 -16.03 27.59
C ARG E 240 -22.74 -15.64 27.89
N LYS E 241 -23.09 -14.42 27.55
CA LYS E 241 -24.46 -13.98 27.64
C LYS E 241 -25.24 -14.41 26.41
N PRO E 242 -26.52 -14.76 26.56
CA PRO E 242 -27.35 -15.00 25.37
C PRO E 242 -27.61 -13.69 24.64
N ARG E 243 -27.77 -13.79 23.32
CA ARG E 243 -28.09 -12.60 22.54
C ARG E 243 -29.51 -12.15 22.86
N MET E 244 -29.67 -10.83 22.95
CA MET E 244 -30.91 -10.22 23.41
C MET E 244 -31.29 -9.13 22.42
N THR E 245 -32.59 -8.86 22.31
CA THR E 245 -33.09 -7.91 21.32
C THR E 245 -33.22 -6.55 21.98
N PHE E 246 -32.17 -5.73 21.85
CA PHE E 246 -32.21 -4.33 22.22
C PHE E 246 -32.88 -3.54 21.12
N ILE E 247 -33.09 -2.25 21.38
CA ILE E 247 -33.32 -1.27 20.33
C ILE E 247 -32.22 -0.24 20.40
N ALA E 248 -31.78 0.25 19.25
CA ALA E 248 -30.68 1.19 19.21
C ALA E 248 -31.14 2.56 19.67
N GLU E 249 -30.17 3.43 19.93
CA GLU E 249 -30.50 4.80 20.30
C GLU E 249 -31.02 5.56 19.09
N GLY E 250 -31.98 6.44 19.34
CA GLY E 250 -32.76 7.06 18.30
C GLY E 250 -34.15 6.50 18.13
N SER E 251 -34.44 5.35 18.74
CA SER E 251 -35.75 4.74 18.66
C SER E 251 -36.75 5.50 19.52
N ILE E 252 -38.02 5.38 19.17
CA ILE E 252 -39.09 6.16 19.80
C ILE E 252 -39.93 5.23 20.66
N VAL E 253 -40.01 5.53 21.95
CA VAL E 253 -40.87 4.80 22.87
C VAL E 253 -41.95 5.75 23.38
N LYS E 254 -42.88 5.24 24.18
CA LYS E 254 -44.00 6.04 24.68
C LYS E 254 -44.35 5.54 26.07
N ASN E 255 -43.93 6.31 27.09
CA ASN E 255 -44.14 6.01 28.52
C ASN E 255 -43.60 4.63 28.86
N ASP E 256 -42.37 4.38 28.43
CA ASP E 256 -41.75 3.06 28.54
C ASP E 256 -40.41 3.23 29.24
N PRO E 257 -40.23 2.65 30.43
CA PRO E 257 -38.94 2.77 31.12
C PRO E 257 -37.95 1.65 30.84
N GLY E 258 -38.35 0.60 30.13
CA GLY E 258 -37.47 -0.53 29.99
C GLY E 258 -37.39 -1.31 31.30
N GLY E 259 -36.28 -2.03 31.47
CA GLY E 259 -36.04 -2.75 32.70
C GLY E 259 -34.75 -3.54 32.66
N MET E 260 -33.94 -3.44 33.70
CA MET E 260 -32.73 -4.25 33.77
C MET E 260 -33.10 -5.70 34.07
N GLU E 261 -32.65 -6.60 33.20
CA GLU E 261 -32.93 -8.02 33.34
C GLU E 261 -31.75 -8.73 33.98
N ARG E 262 -32.03 -9.53 35.00
CA ARG E 262 -31.02 -10.35 35.65
C ARG E 262 -30.84 -11.66 34.88
N LEU E 263 -29.64 -12.21 34.99
CA LEU E 263 -29.30 -13.49 34.37
C LEU E 263 -28.56 -14.36 35.37
N GLU E 264 -28.54 -15.67 35.11
CA GLU E 264 -27.93 -16.63 36.01
C GLU E 264 -26.50 -16.98 35.62
N LEU E 265 -26.31 -17.59 34.45
CA LEU E 265 -25.01 -17.88 33.82
C LEU E 265 -24.07 -18.80 34.61
N GLY E 266 -24.51 -19.34 35.74
CA GLY E 266 -23.70 -20.26 36.51
C GLY E 266 -22.64 -19.64 37.38
N LEU E 267 -22.63 -18.31 37.52
CA LEU E 267 -21.66 -17.65 38.38
C LEU E 267 -22.15 -17.66 39.82
N SER E 268 -21.34 -17.06 40.71
CA SER E 268 -21.73 -16.97 42.11
C SER E 268 -22.83 -15.94 42.31
N HIS E 269 -22.70 -14.79 41.67
CA HIS E 269 -23.67 -13.70 41.75
C HIS E 269 -24.61 -13.76 40.56
N GLU E 270 -25.55 -12.83 40.53
CA GLU E 270 -26.47 -12.69 39.42
C GLU E 270 -26.03 -11.52 38.54
N VAL E 271 -26.17 -11.69 37.22
CA VAL E 271 -25.66 -10.75 36.25
C VAL E 271 -26.82 -9.96 35.67
N TYR E 272 -26.79 -8.65 35.88
CA TYR E 272 -27.80 -7.74 35.36
C TYR E 272 -27.36 -7.19 34.01
N VAL E 273 -28.28 -7.19 33.06
CA VAL E 273 -28.06 -6.59 31.75
C VAL E 273 -28.83 -5.28 31.74
N TYR E 274 -28.14 -4.19 31.43
CA TYR E 274 -28.70 -2.84 31.52
C TYR E 274 -29.76 -2.64 30.45
N GLY E 275 -31.01 -2.67 30.88
CA GLY E 275 -32.14 -2.47 29.99
C GLY E 275 -32.96 -1.25 30.34
N LEU E 276 -32.31 -0.13 30.60
CA LEU E 276 -33.01 1.10 30.91
C LEU E 276 -32.80 2.11 29.79
N THR E 277 -33.73 3.06 29.69
CA THR E 277 -33.78 4.00 28.58
C THR E 277 -33.50 5.42 29.06
N PHE E 278 -33.04 6.25 28.13
CA PHE E 278 -32.63 7.63 28.42
C PHE E 278 -33.54 8.56 27.62
N PRO E 279 -34.68 8.97 28.17
CA PRO E 279 -35.70 9.63 27.34
C PRO E 279 -35.53 11.13 27.17
N LEU E 280 -35.64 11.60 25.93
CA LEU E 280 -35.73 13.02 25.59
C LEU E 280 -36.93 13.19 24.67
N GLY E 281 -37.72 14.24 24.91
CA GLY E 281 -38.97 14.41 24.17
C GLY E 281 -38.74 14.74 22.70
N VAL E 282 -39.76 14.43 21.89
CA VAL E 282 -39.64 14.50 20.44
C VAL E 282 -41.03 14.76 19.85
N GLU E 283 -41.05 15.25 18.61
CA GLU E 283 -42.26 15.52 17.86
C GLU E 283 -42.35 14.54 16.70
N LEU E 284 -43.55 14.00 16.45
CA LEU E 284 -43.75 12.99 15.43
C LEU E 284 -44.67 13.49 14.32
N PRO E 285 -44.61 12.85 13.15
CA PRO E 285 -45.70 12.94 12.17
C PRO E 285 -46.89 12.07 12.55
N GLU E 286 -47.84 11.90 11.62
CA GLU E 286 -49.05 11.14 11.87
C GLU E 286 -48.85 9.61 11.86
N GLY E 287 -47.91 9.12 12.65
CA GLY E 287 -47.63 7.71 12.73
C GLY E 287 -46.16 7.37 12.50
N MET H 1 51.57 -12.28 -2.50
CA MET H 1 52.32 -11.62 -1.45
C MET H 1 51.69 -10.29 -1.08
N THR H 2 52.50 -9.43 -0.46
CA THR H 2 52.05 -8.13 0.00
C THR H 2 53.27 -7.24 0.19
N GLU H 3 53.00 -5.92 0.20
CA GLU H 3 53.98 -4.86 0.47
C GLU H 3 55.15 -4.91 -0.51
N ARG H 4 54.83 -4.60 -1.76
CA ARG H 4 55.83 -4.36 -2.78
C ARG H 4 56.06 -2.85 -2.88
N THR H 5 57.18 -2.39 -2.35
CA THR H 5 57.47 -0.97 -2.27
C THR H 5 57.82 -0.41 -3.64
N LEU H 6 57.64 0.90 -3.79
CA LEU H 6 57.91 1.58 -5.04
C LEU H 6 58.89 2.71 -4.82
N LYS H 7 59.64 3.04 -5.87
CA LYS H 7 60.46 4.24 -5.92
C LYS H 7 60.13 5.01 -7.17
N VAL H 8 60.25 6.33 -7.09
CA VAL H 8 59.87 7.23 -8.18
C VAL H 8 61.16 7.76 -8.80
N LEU H 9 61.22 7.75 -10.12
CA LEU H 9 62.42 8.11 -10.87
C LEU H 9 62.22 9.35 -11.73
N SER H 10 61.22 10.16 -11.39
CA SER H 10 60.77 11.24 -12.24
C SER H 10 59.91 12.17 -11.40
N PRO H 11 59.42 13.28 -11.97
CA PRO H 11 58.23 13.91 -11.39
C PRO H 11 57.02 12.99 -11.54
N LEU H 12 56.10 13.10 -10.59
CA LEU H 12 54.93 12.22 -10.53
C LEU H 12 53.75 13.05 -10.08
N HIS H 13 52.82 13.32 -11.00
CA HIS H 13 51.65 14.15 -10.72
C HIS H 13 50.37 13.38 -10.98
N ILE H 14 49.67 13.03 -9.91
CA ILE H 14 48.32 12.49 -9.96
C ILE H 14 47.37 13.66 -9.76
N GLY H 15 46.68 14.06 -10.84
CA GLY H 15 45.87 15.25 -10.78
C GLY H 15 44.56 15.01 -10.05
N THR H 16 43.84 16.09 -9.77
CA THR H 16 42.51 16.02 -9.21
C THR H 16 41.53 17.02 -9.81
N GLY H 17 41.90 17.71 -10.89
CA GLY H 17 41.04 18.70 -11.50
C GLY H 17 40.96 19.97 -10.68
N ASN H 18 42.11 20.48 -10.24
CA ASN H 18 42.15 21.64 -9.37
C ASN H 18 43.45 22.39 -9.60
N GLU H 19 43.33 23.65 -10.01
CA GLU H 19 44.47 24.52 -10.23
C GLU H 19 44.54 25.56 -9.11
N LEU H 20 45.76 25.91 -8.71
CA LEU H 20 45.95 26.94 -7.70
C LEU H 20 45.89 28.31 -8.36
N THR H 21 45.05 29.20 -7.83
CA THR H 21 44.97 30.56 -8.31
C THR H 21 46.19 31.35 -7.82
N PRO H 22 46.58 32.41 -8.55
CA PRO H 22 47.72 33.23 -8.09
C PRO H 22 47.45 34.02 -6.82
N VAL H 23 46.20 34.19 -6.41
CA VAL H 23 45.92 34.87 -5.14
C VAL H 23 46.20 33.97 -3.94
N ASP H 24 46.26 32.65 -4.15
CA ASP H 24 46.56 31.71 -3.08
C ASP H 24 48.04 31.52 -2.84
N ILE H 25 48.90 32.02 -3.73
CA ILE H 25 50.33 31.77 -3.69
C ILE H 25 51.05 33.10 -3.59
N TYR H 26 51.98 33.20 -2.63
CA TYR H 26 52.87 34.36 -2.53
C TYR H 26 54.25 33.87 -2.12
N PRO H 27 55.12 33.57 -3.09
CA PRO H 27 56.47 33.10 -2.75
C PRO H 27 57.37 34.22 -2.26
N ARG H 28 57.89 34.07 -1.03
CA ARG H 28 58.78 35.08 -0.46
C ARG H 28 60.22 34.92 -0.95
N GLU H 29 60.57 33.74 -1.42
CA GLU H 29 61.93 33.41 -1.85
C GLU H 29 61.81 32.56 -3.13
N ASN H 30 62.89 31.86 -3.47
CA ASN H 30 62.80 30.84 -4.52
C ASN H 30 61.87 29.69 -4.10
N ILE H 31 61.73 29.45 -2.80
CA ILE H 31 60.70 28.55 -2.31
C ILE H 31 59.33 29.19 -2.54
N ILE H 32 58.30 28.35 -2.69
CA ILE H 32 56.95 28.84 -2.86
C ILE H 32 56.11 28.44 -1.64
N HIS H 33 55.03 29.16 -1.42
CA HIS H 33 54.18 28.95 -0.25
C HIS H 33 52.71 28.95 -0.66
N VAL H 34 51.93 28.11 0.01
CA VAL H 34 50.49 28.07 -0.14
C VAL H 34 49.89 28.80 1.04
N LEU H 35 49.22 29.92 0.78
CA LEU H 35 48.69 30.76 1.84
C LEU H 35 47.47 30.12 2.48
N ASP H 36 47.38 30.21 3.81
CA ASP H 36 46.19 29.75 4.54
C ASP H 36 45.10 30.79 4.35
N THR H 37 44.36 30.63 3.25
CA THR H 37 43.36 31.62 2.86
C THR H 37 42.11 31.59 3.73
N GLU H 38 41.82 30.46 4.37
CA GLU H 38 40.71 30.39 5.30
C GLU H 38 41.05 30.96 6.67
N ARG H 39 42.33 31.25 6.93
CA ARG H 39 42.75 31.82 8.19
C ARG H 39 43.12 33.30 8.04
N UNK H 40 43.67 33.65 6.87
CA UNK H 40 44.10 35.01 6.60
C UNK H 40 42.93 35.97 6.41
N UNK H 41 41.77 35.42 6.04
CA UNK H 41 40.55 36.21 5.90
C UNK H 41 39.90 36.43 7.26
N UNK H 42 40.30 35.61 8.24
CA UNK H 42 39.77 35.71 9.60
C UNK H 42 40.75 36.47 10.49
N UNK H 43 42.03 36.43 10.14
CA UNK H 43 43.05 37.13 10.90
C UNK H 43 43.06 38.62 10.57
N UNK H 44 42.55 38.95 9.38
CA UNK H 44 42.47 40.34 8.95
C UNK H 44 41.11 40.93 9.29
N UNK H 45 40.25 40.11 9.88
CA UNK H 45 38.92 40.55 10.28
C UNK H 45 38.96 41.26 11.63
N UNK H 46 40.05 41.05 12.36
CA UNK H 46 40.23 41.69 13.66
C UNK H 46 40.66 43.14 13.51
N UNK H 47 41.28 43.44 12.37
CA UNK H 47 41.73 44.79 12.08
C UNK H 47 40.85 45.45 11.01
N UNK H 48 40.09 44.63 10.30
CA UNK H 48 39.20 45.12 9.25
C UNK H 48 39.84 44.94 7.88
N UNK H 49 36.54 42.98 6.05
CA UNK H 49 35.53 43.76 5.33
C UNK H 49 35.19 43.10 3.99
N UNK H 50 34.70 43.91 3.05
CA UNK H 50 34.33 43.41 1.73
C UNK H 50 35.41 43.77 0.71
N UNK H 51 36.61 44.09 1.20
CA UNK H 51 37.71 44.44 0.33
C UNK H 51 38.32 43.20 -0.31
N UNK H 52 38.19 42.07 0.35
CA UNK H 52 38.71 40.81 -0.15
C UNK H 52 37.77 40.19 -1.18
N UNK H 53 36.51 40.65 -1.17
CA UNK H 53 35.51 40.16 -2.10
C UNK H 53 35.62 40.88 -3.44
N UNK H 54 36.28 42.02 -3.44
CA UNK H 54 36.44 42.81 -4.65
C UNK H 54 37.85 42.66 -5.22
N UNK H 55 38.77 42.19 -4.40
CA UNK H 55 40.16 42.00 -4.82
C UNK H 55 40.31 40.74 -5.64
N UNK H 56 39.57 39.70 -5.28
CA UNK H 56 39.63 38.43 -5.99
C UNK H 56 38.72 38.44 -7.22
N UNK H 57 37.69 39.29 -7.18
CA UNK H 57 36.76 39.41 -8.29
C UNK H 57 37.38 40.20 -9.43
N UNK H 58 38.27 41.12 -9.10
CA UNK H 58 38.94 41.94 -10.11
C UNK H 58 40.10 41.18 -10.74
N UNK H 59 40.94 40.57 -9.89
CA UNK H 59 42.12 39.79 -10.28
C UNK H 59 43.09 40.55 -11.19
N UNK H 60 43.45 41.75 -10.77
CA UNK H 60 44.36 42.60 -11.54
C UNK H 60 45.81 42.35 -11.13
N UNK H 61 46.69 43.28 -11.50
CA UNK H 61 48.11 43.16 -11.16
C UNK H 61 48.36 43.62 -9.73
N UNK H 62 47.45 38.19 -7.15
CA UNK H 62 48.41 37.98 -8.24
C UNK H 62 49.75 38.65 -7.92
N UNK H 63 49.88 39.92 -8.30
CA UNK H 63 51.11 40.66 -8.06
C UNK H 63 50.95 41.61 -6.86
N UNK H 64 49.99 42.51 -6.95
CA UNK H 64 49.75 43.48 -5.89
C UNK H 64 48.61 43.03 -4.98
N UNK H 65 47.95 41.94 -5.37
CA UNK H 65 46.84 41.41 -4.60
C UNK H 65 47.33 40.41 -3.57
N UNK H 66 48.59 40.00 -3.69
CA UNK H 66 49.19 39.05 -2.76
C UNK H 66 50.32 39.70 -1.97
N UNK H 67 50.76 40.87 -2.43
CA UNK H 67 51.82 41.61 -1.76
C UNK H 67 51.26 42.71 -0.89
N UNK H 68 49.92 42.77 -0.81
CA UNK H 68 49.24 43.78 0.00
C UNK H 68 48.98 43.24 1.41
N UNK H 69 49.31 41.97 1.62
CA UNK H 69 49.11 41.35 2.92
C UNK H 69 50.42 41.27 3.68
N UNK H 70 51.38 42.12 3.30
CA UNK H 70 52.68 42.17 3.96
C UNK H 70 52.66 43.18 5.10
N UNK H 71 51.69 44.08 5.07
CA UNK H 71 51.55 45.11 6.10
C UNK H 71 50.90 44.52 7.35
N UNK H 72 51.69 44.45 8.43
CA UNK H 72 51.29 43.92 9.74
C UNK H 72 50.72 42.51 9.70
N UNK H 73 51.26 41.68 8.80
CA UNK H 73 50.82 40.30 8.65
C UNK H 73 51.93 39.46 8.03
N UNK H 74 52.33 38.39 8.71
CA UNK H 74 53.38 37.52 8.22
C UNK H 74 53.19 36.09 8.72
N UNK H 75 53.98 35.17 8.15
CA UNK H 75 53.99 33.73 8.49
C UNK H 75 52.61 33.08 8.36
N UNK H 76 52.27 32.67 7.14
CA UNK H 76 51.00 32.00 6.88
C UNK H 76 51.11 31.04 5.70
N UNK H 77 51.85 29.96 5.90
CA UNK H 77 52.04 28.97 4.85
C UNK H 77 51.29 27.67 5.17
N UNK H 78 51.37 26.71 4.26
CA UNK H 78 50.70 25.43 4.44
C UNK H 78 51.62 24.27 4.07
N UNK H 79 51.56 23.85 2.81
CA UNK H 79 52.38 22.75 2.33
C UNK H 79 53.80 23.22 2.03
N UNK H 80 53.90 24.37 1.37
CA UNK H 80 55.16 25.04 0.98
C UNK H 80 56.10 24.13 0.17
N UNK H 81 55.83 24.01 -1.13
CA UNK H 81 56.66 23.22 -2.01
C UNK H 81 57.81 24.06 -2.55
N UNK H 82 58.59 23.49 -3.48
CA UNK H 82 59.74 24.19 -4.04
C UNK H 82 59.55 24.45 -5.53
N UNK H 83 60.04 25.59 -6.02
CA UNK H 83 59.92 25.93 -7.43
C UNK H 83 60.89 25.10 -8.27
N UNK H 84 62.03 24.76 -7.66
CA UNK H 84 63.00 23.78 -8.18
C UNK H 84 63.54 24.06 -9.58
N UNK H 85 64.07 25.26 -9.80
CA UNK H 85 64.65 25.60 -11.09
C UNK H 85 64.14 26.94 -11.62
N UNK H 86 64.38 27.18 -12.91
CA UNK H 86 63.96 28.42 -13.55
C UNK H 86 62.45 28.44 -13.76
N UNK H 87 61.73 28.89 -12.74
CA UNK H 87 60.28 28.91 -12.77
C UNK H 87 59.72 30.05 -11.92
N UNK H 88 59.58 31.22 -12.53
CA UNK H 88 59.06 32.39 -11.84
C UNK H 88 60.12 32.98 -10.91
N ARG H 89 53.03 39.45 -11.64
CA ARG H 89 53.81 38.90 -12.73
C ARG H 89 53.97 37.39 -12.60
N LYS H 90 53.09 36.78 -11.80
CA LYS H 90 53.11 35.33 -11.58
C LYS H 90 52.78 34.59 -12.87
N SER H 91 51.54 34.76 -13.34
CA SER H 91 51.03 34.21 -14.62
C SER H 91 51.20 32.68 -14.69
N MET H 92 50.75 32.01 -13.65
CA MET H 92 50.93 30.56 -13.55
C MET H 92 49.64 29.90 -13.07
N GLN H 93 49.48 28.64 -13.47
CA GLN H 93 48.34 27.82 -13.07
C GLN H 93 48.90 26.47 -12.60
N ILE H 94 49.07 26.33 -11.29
CA ILE H 94 49.68 25.14 -10.72
C ILE H 94 48.58 24.13 -10.39
N LYS H 95 48.57 23.01 -11.10
CA LYS H 95 47.69 21.90 -10.75
C LYS H 95 48.24 21.19 -9.51
N GLU H 96 47.33 20.70 -8.68
CA GLU H 96 47.71 20.15 -7.39
C GLU H 96 47.63 18.63 -7.37
N PHE H 97 48.38 18.03 -6.43
CA PHE H 97 48.46 16.60 -6.24
C PHE H 97 47.40 16.17 -5.23
N ILE H 98 46.90 14.94 -5.40
CA ILE H 98 45.78 14.47 -4.59
C ILE H 98 46.26 14.17 -3.17
N LYS H 99 45.50 14.60 -2.17
CA LYS H 99 45.91 14.30 -0.78
C LYS H 99 44.67 13.92 0.06
N LEU H 100 44.77 12.83 0.83
CA LEU H 100 43.63 12.37 1.68
C LEU H 100 43.30 13.43 2.74
N ASN H 101 44.33 13.98 3.40
CA ASN H 101 44.12 15.05 4.41
C ASN H 101 45.38 15.92 4.50
N GLY H 102 45.82 16.52 3.40
CA GLY H 102 47.04 17.35 3.39
C GLY H 102 48.32 16.54 3.27
N ARG H 103 48.20 15.22 3.07
CA ARG H 103 49.37 14.32 2.92
C ARG H 103 49.26 13.66 1.54
N PRO H 104 50.30 13.68 0.68
CA PRO H 104 50.18 13.11 -0.67
C PRO H 104 50.24 11.59 -0.64
N TYR H 105 49.38 10.95 -1.43
CA TYR H 105 49.41 9.51 -1.63
C TYR H 105 49.16 9.20 -3.10
N ILE H 106 49.63 8.04 -3.53
CA ILE H 106 49.34 7.51 -4.86
C ILE H 106 48.07 6.67 -4.75
N PRO H 107 46.99 7.01 -5.45
CA PRO H 107 45.75 6.26 -5.30
C PRO H 107 45.82 4.91 -5.99
N GLY H 108 45.14 3.93 -5.38
CA GLY H 108 45.12 2.59 -5.94
C GLY H 108 44.27 2.47 -7.18
N SER H 109 43.28 3.35 -7.35
CA SER H 109 42.44 3.29 -8.55
C SER H 109 43.17 3.81 -9.77
N SER H 110 44.22 4.61 -9.55
CA SER H 110 45.04 5.06 -10.67
C SER H 110 46.14 4.06 -10.99
N LEU H 111 46.60 3.34 -9.99
CA LEU H 111 47.63 2.33 -10.21
C LEU H 111 47.08 1.10 -10.91
N LYS H 112 45.75 0.89 -10.84
CA LYS H 112 45.15 -0.23 -11.53
C LYS H 112 45.04 0.03 -13.02
N GLY H 113 44.90 1.30 -13.41
CA GLY H 113 44.79 1.65 -14.82
C GLY H 113 46.08 1.45 -15.58
N ALA H 114 47.22 1.60 -14.90
CA ALA H 114 48.51 1.30 -15.51
C ALA H 114 48.69 -0.20 -15.69
N ILE H 115 48.12 -1.00 -14.80
CA ILE H 115 48.26 -2.44 -14.90
C ILE H 115 47.31 -3.01 -15.95
N ARG H 116 46.08 -2.47 -16.00
CA ARG H 116 45.03 -3.04 -16.83
C ARG H 116 45.31 -2.85 -18.32
N THR H 117 45.90 -1.70 -18.69
CA THR H 117 46.20 -1.45 -20.10
C THR H 117 47.39 -2.27 -20.57
N ALA H 118 48.31 -2.61 -19.67
CA ALA H 118 49.44 -3.45 -20.03
C ALA H 118 48.98 -4.89 -20.28
N VAL H 119 48.00 -5.35 -19.51
CA VAL H 119 47.43 -6.68 -19.72
C VAL H 119 46.60 -6.69 -20.99
N LEU H 120 45.86 -5.60 -21.24
CA LEU H 120 45.02 -5.51 -22.43
C LEU H 120 45.86 -5.41 -23.70
N TYR H 121 47.08 -4.88 -23.59
CA TYR H 121 48.02 -4.95 -24.70
C TYR H 121 48.52 -6.38 -24.90
N LYS H 122 48.90 -7.04 -23.80
CA LYS H 122 49.42 -8.40 -23.87
C LYS H 122 48.36 -9.41 -24.31
N ALA H 123 47.11 -9.21 -23.87
CA ALA H 123 46.03 -10.09 -24.30
C ALA H 123 45.68 -9.91 -25.78
N LEU H 124 46.04 -8.77 -26.36
CA LEU H 124 45.85 -8.61 -27.80
C LEU H 124 47.12 -8.97 -28.57
N LYS H 125 48.19 -9.35 -27.87
CA LYS H 125 49.39 -9.83 -28.55
C LYS H 125 49.27 -11.31 -28.90
N GLU H 126 48.78 -12.13 -27.98
CA GLU H 126 48.87 -13.58 -28.13
C GLU H 126 47.75 -14.13 -29.02
N CYS H 127 46.51 -13.90 -28.63
CA CYS H 127 45.37 -14.43 -29.37
C CYS H 127 44.45 -13.31 -29.84
N UNK H 128 44.15 -13.93 -34.71
CA UNK H 128 42.72 -13.76 -34.93
C UNK H 128 42.04 -15.11 -35.08
N UNK H 129 42.83 -16.17 -35.09
CA UNK H 129 42.31 -17.53 -35.24
C UNK H 129 41.65 -18.00 -33.95
N UNK H 130 42.09 -17.46 -32.82
CA UNK H 130 41.53 -17.82 -31.53
C UNK H 130 40.77 -16.63 -30.92
N UNK H 131 40.66 -15.55 -31.69
CA UNK H 131 39.99 -14.35 -31.22
C UNK H 131 38.49 -14.36 -31.53
N UNK H 132 38.03 -15.45 -32.12
CA UNK H 132 36.61 -15.62 -32.43
C UNK H 132 36.04 -16.80 -31.66
N UNK H 133 36.92 -17.50 -30.94
CA UNK H 133 36.53 -18.67 -30.16
C UNK H 133 35.78 -18.26 -28.90
N UNK H 134 36.02 -17.03 -28.44
CA UNK H 134 35.33 -16.50 -27.28
C UNK H 134 34.07 -15.76 -27.70
N UNK H 135 34.06 -15.28 -28.94
CA UNK H 135 32.90 -14.58 -29.48
C UNK H 135 32.19 -15.45 -30.52
N UNK H 136 32.16 -16.75 -30.26
CA UNK H 136 31.53 -17.71 -31.16
C UNK H 136 30.01 -17.64 -31.04
N UNK H 137 32.24 -14.52 -36.89
CA UNK H 137 32.53 -14.60 -38.31
C UNK H 137 33.27 -13.36 -38.80
N UNK H 138 33.05 -12.24 -38.11
CA UNK H 138 33.69 -10.98 -38.48
C UNK H 138 34.97 -10.77 -37.68
N UNK H 139 35.27 -11.70 -36.78
CA UNK H 139 36.47 -11.62 -35.96
C UNK H 139 37.57 -12.54 -36.50
N UNK H 140 37.42 -12.95 -37.75
CA UNK H 140 38.40 -13.83 -38.39
C UNK H 140 38.44 -13.62 -39.90
N UNK H 141 37.45 -12.89 -40.42
CA UNK H 141 37.37 -12.64 -41.86
C UNK H 141 38.38 -11.60 -42.29
N UNK H 142 38.55 -10.57 -41.48
CA UNK H 142 39.50 -9.49 -41.78
C UNK H 142 40.84 -9.74 -41.10
N UNK H 143 40.81 -10.61 -40.08
CA UNK H 143 41.99 -11.01 -39.27
C UNK H 143 42.72 -9.82 -38.66
N UNK H 144 43.82 -11.53 -32.50
CA UNK H 144 44.15 -10.13 -32.72
C UNK H 144 43.13 -9.47 -33.65
N UNK H 145 42.02 -9.03 -33.09
CA UNK H 145 40.97 -8.37 -33.87
C UNK H 145 41.08 -6.85 -33.77
N UNK H 146 42.32 -6.36 -33.65
CA UNK H 146 42.57 -4.93 -33.57
C UNK H 146 42.32 -4.27 -34.91
N UNK H 147 42.52 -5.02 -35.98
CA UNK H 147 42.20 -4.56 -37.33
C UNK H 147 40.68 -4.53 -37.49
N UNK H 148 40.01 -5.47 -36.83
CA UNK H 148 38.56 -5.51 -36.82
C UNK H 148 38.00 -4.42 -35.91
N UNK H 149 38.78 -4.07 -34.89
CA UNK H 149 38.41 -3.00 -33.98
C UNK H 149 38.61 -1.64 -34.62
N UNK H 150 39.57 -1.56 -35.54
CA UNK H 150 39.89 -0.31 -36.23
C UNK H 150 38.84 0.01 -37.29
N UNK H 151 38.16 -1.02 -37.77
CA UNK H 151 37.09 -0.83 -38.75
C UNK H 151 35.84 -0.30 -38.07
N UNK H 152 35.61 -0.76 -36.85
CA UNK H 152 34.45 -0.32 -36.07
C UNK H 152 34.71 1.04 -35.44
N UNK H 153 35.99 1.38 -35.28
CA UNK H 153 36.37 2.68 -34.72
C UNK H 153 36.16 3.77 -35.77
N UNK H 154 36.85 3.65 -36.89
CA UNK H 154 36.73 4.61 -37.97
C UNK H 154 35.44 4.38 -38.75
N UNK H 155 30.86 9.68 -22.64
CA UNK H 155 31.69 10.56 -23.47
C UNK H 155 32.13 9.85 -24.74
N UNK H 156 32.64 8.64 -24.60
CA UNK H 156 33.07 7.84 -25.74
C UNK H 156 32.63 6.39 -25.60
N UNK H 157 31.73 5.97 -26.48
CA UNK H 157 31.28 4.59 -26.52
C UNK H 157 31.99 3.84 -27.63
N UNK H 158 33.28 4.13 -27.80
CA UNK H 158 34.08 3.52 -28.86
C UNK H 158 34.73 2.23 -28.38
N UNK H 159 35.55 2.34 -27.33
CA UNK H 159 36.27 1.18 -26.81
C UNK H 159 35.50 0.52 -25.67
N UNK H 160 34.21 0.30 -25.90
CA UNK H 160 33.37 -0.48 -25.00
C UNK H 160 33.00 -1.78 -25.70
N UNK H 161 33.72 -2.04 -26.79
CA UNK H 161 33.55 -3.28 -27.54
C UNK H 161 34.89 -4.00 -27.63
N UNK H 162 35.97 -3.23 -27.68
CA UNK H 162 37.31 -3.79 -27.67
C UNK H 162 37.68 -4.25 -26.27
N UNK H 163 37.03 -3.64 -25.28
CA UNK H 163 37.18 -4.07 -23.89
C UNK H 163 36.11 -5.11 -23.59
N UNK H 164 35.21 -5.31 -24.54
CA UNK H 164 34.15 -6.31 -24.42
C UNK H 164 34.44 -7.53 -25.28
N UNK H 165 35.55 -7.48 -26.01
CA UNK H 165 35.99 -8.63 -26.80
C UNK H 165 37.28 -9.17 -26.21
N UNK H 166 37.66 -8.64 -25.05
CA UNK H 166 38.86 -9.09 -24.37
C UNK H 166 38.62 -9.22 -22.88
N UNK H 167 37.35 -9.17 -22.49
CA UNK H 167 36.99 -9.33 -21.08
C UNK H 167 35.60 -9.92 -20.91
N UNK H 168 34.59 -9.37 -21.58
CA UNK H 168 33.22 -9.82 -21.39
C UNK H 168 32.26 -9.58 -22.54
N UNK H 169 31.67 -10.65 -23.04
CA UNK H 169 30.56 -10.55 -23.97
C UNK H 169 29.27 -10.67 -23.18
N UNK H 170 28.14 -10.75 -23.89
CA UNK H 170 26.84 -10.91 -23.24
C UNK H 170 25.85 -11.60 -24.17
N UNK H 171 24.57 -11.51 -23.81
CA UNK H 171 23.51 -12.14 -24.60
C UNK H 171 23.09 -11.25 -25.76
N ILE H 172 27.38 -6.90 -29.32
CA ILE H 172 27.46 -7.32 -27.93
C ILE H 172 27.83 -6.13 -27.05
N ARG H 173 27.73 -6.33 -25.73
CA ARG H 173 28.10 -5.31 -24.78
C ARG H 173 29.14 -5.84 -23.80
N TYR H 174 29.55 -4.99 -22.86
CA TYR H 174 30.49 -5.35 -21.81
C TYR H 174 29.72 -5.70 -20.55
N GLU H 175 29.99 -6.88 -19.99
CA GLU H 175 29.42 -7.07 -18.67
C GLU H 175 30.48 -6.84 -17.59
N PRO H 176 30.14 -6.13 -16.53
CA PRO H 176 31.12 -5.96 -15.44
C PRO H 176 31.36 -7.23 -14.65
N LYS H 177 30.38 -8.13 -14.60
CA LYS H 177 30.45 -9.32 -13.77
C LYS H 177 31.32 -10.41 -14.35
N ARG H 178 31.58 -10.40 -15.66
CA ARG H 178 32.47 -11.35 -16.31
C ARG H 178 33.83 -10.70 -16.46
N ASP H 179 34.58 -10.65 -15.37
CA ASP H 179 35.86 -9.95 -15.44
C ASP H 179 36.90 -10.69 -14.60
N PRO H 180 38.06 -11.04 -15.17
CA PRO H 180 39.16 -11.52 -14.33
C PRO H 180 39.88 -10.41 -13.58
N MET H 181 39.55 -9.14 -13.83
CA MET H 181 40.16 -8.01 -13.16
C MET H 181 39.49 -7.66 -11.84
N LYS H 182 38.42 -8.36 -11.47
CA LYS H 182 37.79 -8.14 -10.18
C LYS H 182 38.47 -8.91 -9.07
N ALA H 183 39.45 -9.75 -9.39
CA ALA H 183 40.21 -10.50 -8.41
C ALA H 183 41.60 -9.95 -8.17
N LEU H 184 41.93 -8.80 -8.77
CA LEU H 184 43.22 -8.15 -8.56
C LEU H 184 42.96 -6.93 -7.68
N ILE H 185 43.38 -7.00 -6.42
CA ILE H 185 43.01 -6.02 -5.42
C ILE H 185 44.20 -5.10 -5.20
N VAL H 186 44.08 -3.88 -5.71
CA VAL H 186 45.04 -2.83 -5.43
C VAL H 186 44.41 -1.85 -4.44
N ARG H 187 45.25 -1.28 -3.59
CA ARG H 187 44.79 -0.34 -2.57
C ARG H 187 45.70 0.88 -2.59
N ASP H 188 45.27 1.92 -1.89
CA ASP H 188 45.97 3.20 -1.91
C ASP H 188 47.30 3.09 -1.18
N SER H 189 48.30 3.84 -1.63
CA SER H 189 49.64 3.74 -1.08
C SER H 189 49.73 4.43 0.27
N LYS H 190 50.88 4.28 0.92
CA LYS H 190 51.16 4.99 2.14
C LYS H 190 51.40 6.47 1.82
N PRO H 191 51.21 7.36 2.79
CA PRO H 191 51.50 8.79 2.56
C PRO H 191 52.97 9.05 2.28
N VAL H 192 53.20 9.95 1.32
CA VAL H 192 54.55 10.26 0.86
C VAL H 192 55.22 11.20 1.84
N GLY H 193 54.65 12.38 2.01
CA GLY H 193 55.18 13.39 2.91
C GLY H 193 55.34 14.74 2.22
N ARG H 194 55.59 15.75 3.05
CA ARG H 194 55.80 17.10 2.53
C ARG H 194 57.21 17.28 1.99
N LYS H 195 58.14 16.40 2.35
CA LYS H 195 59.55 16.59 2.02
C LYS H 195 59.94 16.00 0.68
N HIS H 196 58.99 15.42 -0.06
CA HIS H 196 59.23 14.94 -1.41
C HIS H 196 58.33 15.61 -2.43
N LEU H 197 57.60 16.66 -2.02
CA LEU H 197 56.65 17.34 -2.90
C LEU H 197 57.27 18.66 -3.33
N ALA H 198 57.21 18.94 -4.63
CA ALA H 198 57.80 20.16 -5.18
C ALA H 198 57.10 20.51 -6.49
N VAL H 199 57.16 21.79 -6.85
CA VAL H 199 56.53 22.31 -8.06
C VAL H 199 57.58 22.34 -9.16
N TYR H 200 57.18 21.91 -10.37
CA TYR H 200 58.13 21.80 -11.47
C TYR H 200 57.63 22.56 -12.70
N HIS H 201 58.49 22.60 -13.72
CA HIS H 201 58.36 23.44 -14.89
C HIS H 201 58.21 22.55 -16.12
N VAL H 202 56.98 22.20 -16.46
CA VAL H 202 56.70 21.30 -17.57
C VAL H 202 56.74 22.09 -18.88
N GLU H 203 57.61 21.70 -19.78
CA GLU H 203 57.74 22.33 -21.09
C GLU H 203 57.16 21.41 -22.16
N VAL H 204 56.24 21.94 -22.96
CA VAL H 204 55.62 21.18 -24.04
C VAL H 204 56.40 21.42 -25.32
N ILE H 205 57.02 20.37 -25.85
CA ILE H 205 57.81 20.42 -27.08
C ILE H 205 56.99 19.76 -28.19
N GLY H 206 56.96 20.39 -29.36
CA GLY H 206 56.19 19.90 -30.48
C GLY H 206 55.66 21.03 -31.35
N ASN H 207 55.65 22.23 -30.78
CA ASN H 207 55.34 23.46 -31.50
C ASN H 207 56.55 24.39 -31.53
N PRO H 208 56.66 25.28 -32.51
CA PRO H 208 57.79 26.22 -32.52
C PRO H 208 57.75 27.28 -31.43
N GLN H 209 56.63 27.43 -30.71
CA GLN H 209 56.55 28.27 -29.53
C GLN H 209 56.22 27.37 -28.34
N PRO H 210 57.21 26.85 -27.62
CA PRO H 210 56.93 25.95 -26.51
C PRO H 210 56.35 26.70 -25.32
N ILE H 211 55.47 26.03 -24.59
CA ILE H 211 54.74 26.67 -23.50
C ILE H 211 55.32 26.22 -22.15
N PRO H 212 55.19 27.03 -21.11
CA PRO H 212 55.47 26.53 -19.77
C PRO H 212 54.21 26.01 -19.09
N ILE H 213 54.36 24.95 -18.28
CA ILE H 213 53.27 24.48 -17.43
C ILE H 213 53.85 24.27 -16.05
N TRP H 214 53.25 24.91 -15.04
CA TRP H 214 53.68 24.74 -13.67
C TRP H 214 52.75 23.75 -12.98
N VAL H 215 53.32 22.80 -12.24
CA VAL H 215 52.55 21.76 -11.57
C VAL H 215 53.41 21.20 -10.43
N GLU H 216 52.75 20.78 -9.35
CA GLU H 216 53.44 20.14 -8.25
C GLU H 216 53.42 18.62 -8.45
N ALA H 217 54.53 17.99 -8.06
CA ALA H 217 54.72 16.56 -8.30
C ALA H 217 55.68 16.02 -7.25
N ILE H 218 55.83 14.70 -7.23
CA ILE H 218 56.74 14.01 -6.31
C ILE H 218 58.12 13.97 -6.94
N GLU H 219 59.11 14.46 -6.21
CA GLU H 219 60.48 14.44 -6.69
C GLU H 219 61.01 13.00 -6.74
N PRO H 220 61.92 12.71 -7.67
CA PRO H 220 62.55 11.38 -7.68
C PRO H 220 63.44 11.18 -6.47
N GLY H 221 63.49 9.93 -5.99
CA GLY H 221 64.15 9.60 -4.75
C GLY H 221 63.20 9.22 -3.62
N ALA H 222 61.91 9.45 -3.78
CA ALA H 222 60.94 9.11 -2.74
C ALA H 222 60.66 7.61 -2.75
N ALA H 223 60.02 7.14 -1.68
CA ALA H 223 59.73 5.71 -1.54
C ALA H 223 58.48 5.52 -0.71
N THR H 224 57.48 4.86 -1.30
CA THR H 224 56.31 4.40 -0.57
C THR H 224 56.12 2.92 -0.83
N ASP H 225 55.08 2.32 -0.24
CA ASP H 225 54.80 0.91 -0.42
C ASP H 225 53.31 0.68 -0.66
N VAL H 226 52.99 0.17 -1.84
CA VAL H 226 51.63 -0.27 -2.17
C VAL H 226 51.58 -1.79 -2.07
N GLU H 227 50.52 -2.28 -1.43
CA GLU H 227 50.35 -3.72 -1.26
C GLU H 227 49.30 -4.22 -2.25
N ILE H 228 49.64 -5.29 -2.97
CA ILE H 228 48.79 -5.88 -3.98
C ILE H 228 48.79 -7.39 -3.75
N HIS H 229 47.60 -7.99 -3.72
CA HIS H 229 47.50 -9.43 -3.67
C HIS H 229 46.38 -9.88 -4.60
N VAL H 230 46.61 -10.99 -5.28
CA VAL H 230 45.62 -11.57 -6.18
C VAL H 230 44.67 -12.43 -5.36
N ASP H 231 43.37 -12.23 -5.55
CA ASP H 231 42.37 -13.07 -4.88
C ASP H 231 42.28 -14.39 -5.63
N THR H 232 42.98 -15.40 -5.14
CA THR H 232 43.05 -16.69 -5.82
C THR H 232 41.79 -17.52 -5.63
N GLU H 233 40.88 -17.09 -4.76
CA GLU H 233 39.68 -17.86 -4.46
C GLU H 233 38.61 -17.65 -5.52
N ALA H 234 38.47 -16.43 -6.04
CA ALA H 234 37.35 -16.09 -6.91
C ALA H 234 37.44 -16.72 -8.29
N LEU H 235 38.65 -17.07 -8.75
CA LEU H 235 38.77 -17.63 -10.10
C LEU H 235 38.35 -19.10 -10.14
N ARG H 236 38.37 -19.78 -9.00
CA ARG H 236 37.86 -21.15 -8.94
C ARG H 236 36.36 -21.18 -9.16
N LEU H 237 35.66 -20.17 -8.64
CA LEU H 237 34.20 -20.12 -8.67
C LEU H 237 33.65 -19.70 -10.04
N ASN H 238 34.49 -19.16 -10.92
CA ASN H 238 34.02 -18.67 -12.21
C ASN H 238 34.81 -19.32 -13.36
N ALA H 239 34.95 -20.64 -13.33
CA ALA H 239 35.63 -21.32 -14.42
C ALA H 239 34.82 -21.26 -15.71
N ASP H 240 33.50 -21.36 -15.62
CA ASP H 240 32.63 -21.30 -16.78
C ASP H 240 32.14 -19.88 -17.07
N TYR H 241 32.11 -19.01 -16.05
CA TYR H 241 31.44 -17.72 -16.18
C TYR H 241 32.34 -16.65 -16.77
N PHE H 242 33.67 -16.76 -16.60
CA PHE H 242 34.59 -15.77 -17.15
C PHE H 242 34.72 -15.95 -18.65
N ASN H 243 33.96 -15.16 -19.41
CA ASN H 243 33.85 -15.28 -20.87
C ASN H 243 34.63 -14.13 -21.52
N GLY H 244 35.85 -14.42 -21.97
CA GLY H 244 36.63 -13.40 -22.65
C GLY H 244 37.93 -13.97 -23.18
N LEU H 245 38.61 -13.15 -24.00
CA LEU H 245 39.93 -13.51 -24.52
C LEU H 245 41.04 -13.35 -23.51
N LEU H 246 40.79 -12.69 -22.38
CA LEU H 246 41.76 -12.68 -21.30
C LEU H 246 41.69 -13.98 -20.50
N TRP H 247 40.55 -14.67 -20.57
CA TRP H 247 40.38 -15.96 -19.92
C TRP H 247 40.89 -17.11 -20.79
N GLU H 248 40.91 -16.95 -22.12
CA GLU H 248 41.47 -17.94 -23.02
C GLU H 248 42.98 -17.82 -23.15
N CYS H 249 43.63 -17.02 -22.31
CA CYS H 249 45.08 -16.96 -22.20
C CYS H 249 45.59 -17.34 -20.83
N LEU H 250 44.71 -17.48 -19.84
CA LEU H 250 45.11 -17.89 -18.50
C LEU H 250 45.07 -19.40 -18.32
N LYS H 251 44.24 -20.11 -19.08
CA LYS H 251 44.06 -21.55 -18.93
C LYS H 251 45.16 -22.36 -19.61
N GLU H 252 46.16 -21.73 -20.21
CA GLU H 252 47.24 -22.42 -20.87
C GLU H 252 48.57 -22.37 -20.13
N ARG H 253 48.69 -21.52 -19.11
CA ARG H 253 49.87 -21.52 -18.25
C ARG H 253 49.76 -22.47 -17.07
N GLY H 254 48.57 -22.99 -16.81
CA GLY H 254 48.34 -23.88 -15.68
C GLY H 254 46.90 -23.74 -15.19
N GLU H 255 46.73 -23.92 -13.90
CA GLU H 255 45.46 -23.55 -13.26
C GLU H 255 45.35 -22.03 -13.31
N PRO H 256 44.27 -21.47 -13.85
CA PRO H 256 44.23 -20.03 -14.12
C PRO H 256 44.18 -19.14 -12.88
N GLY H 257 43.86 -19.70 -11.72
CA GLY H 257 43.83 -18.90 -10.50
C GLY H 257 45.14 -18.91 -9.75
N GLU H 258 46.21 -19.38 -10.38
CA GLU H 258 47.49 -19.46 -9.71
C GLU H 258 48.59 -18.82 -10.56
N VAL H 259 48.41 -18.80 -11.88
CA VAL H 259 49.44 -18.26 -12.75
C VAL H 259 48.84 -17.00 -13.37
N PHE H 260 47.94 -16.37 -12.63
CA PHE H 260 47.50 -15.02 -12.97
C PHE H 260 48.49 -13.97 -12.51
N GLU H 261 49.26 -14.27 -11.46
CA GLU H 261 50.26 -13.32 -10.97
C GLU H 261 51.46 -13.28 -11.90
N ASP H 262 51.84 -14.42 -12.48
CA ASP H 262 52.92 -14.43 -13.46
C ASP H 262 52.48 -13.77 -14.75
N PHE H 263 51.23 -14.01 -15.18
CA PHE H 263 50.67 -13.32 -16.33
C PHE H 263 50.49 -11.83 -16.08
N LEU H 264 50.39 -11.42 -14.81
CA LEU H 264 50.24 -10.02 -14.48
C LEU H 264 51.53 -9.24 -14.76
N TRP H 265 52.64 -9.67 -14.17
CA TRP H 265 53.86 -8.88 -14.23
C TRP H 265 54.64 -9.11 -15.52
N GLU H 266 54.37 -10.20 -16.23
CA GLU H 266 54.93 -10.35 -17.56
C GLU H 266 54.23 -9.43 -18.55
N ALA H 267 52.98 -9.08 -18.27
CA ALA H 267 52.30 -8.09 -19.09
C ALA H 267 52.80 -6.69 -18.81
N VAL H 268 53.34 -6.45 -17.61
CA VAL H 268 53.80 -5.12 -17.23
C VAL H 268 55.10 -4.78 -17.95
N ASP H 269 56.12 -5.63 -17.82
CA ASP H 269 57.43 -5.33 -18.39
C ASP H 269 57.56 -5.74 -19.86
N GLU H 270 56.46 -6.02 -20.53
CA GLU H 270 56.47 -6.19 -21.98
C GLU H 270 55.57 -5.17 -22.69
N PHE H 271 55.08 -4.17 -21.97
CA PHE H 271 54.38 -3.03 -22.56
C PHE H 271 55.12 -1.72 -22.27
N TYR H 272 55.50 -1.51 -21.02
CA TYR H 272 56.18 -0.26 -20.65
C TYR H 272 57.67 -0.30 -20.94
N THR H 273 58.21 -1.45 -21.32
CA THR H 273 59.52 -1.50 -21.97
C THR H 273 59.40 -1.57 -23.48
N ALA H 274 58.23 -1.94 -24.00
CA ALA H 274 57.98 -1.86 -25.43
C ALA H 274 57.69 -0.44 -25.87
N VAL H 275 57.30 0.43 -24.93
CA VAL H 275 57.14 1.85 -25.23
C VAL H 275 58.37 2.64 -24.78
N MET H 276 59.20 2.07 -23.91
CA MET H 276 60.42 2.74 -23.48
C MET H 276 61.43 2.82 -24.62
N LYS H 277 61.71 1.69 -25.26
CA LYS H 277 62.67 1.64 -26.35
C LYS H 277 62.12 2.21 -27.65
N TYR H 278 60.79 2.35 -27.77
CA TYR H 278 60.22 2.99 -28.95
C TYR H 278 60.43 4.49 -28.93
N GLU H 279 60.43 5.09 -27.74
CA GLU H 279 60.63 6.53 -27.60
C GLU H 279 62.09 6.95 -27.76
N THR H 280 63.02 5.99 -27.82
CA THR H 280 64.43 6.32 -28.03
C THR H 280 64.75 6.70 -29.46
N ILE H 281 63.86 6.37 -30.41
CA ILE H 281 64.08 6.74 -31.81
C ILE H 281 63.84 8.24 -32.00
N GLU H 282 62.73 8.74 -31.47
CA GLU H 282 62.40 10.15 -31.59
C GLU H 282 63.32 11.00 -30.71
N VAL H 283 63.97 11.99 -31.32
CA VAL H 283 64.91 12.85 -30.62
C VAL H 283 64.41 14.30 -30.65
N GLN H 284 63.10 14.47 -30.67
CA GLN H 284 62.52 15.81 -30.70
C GLN H 284 62.60 16.51 -29.35
N LYS H 285 62.69 15.75 -28.25
CA LYS H 285 62.76 16.34 -26.93
C LYS H 285 64.17 16.82 -26.64
N PHE H 286 64.26 17.97 -25.96
CA PHE H 286 65.50 18.64 -25.54
C PHE H 286 66.45 18.92 -26.70
N SER H 291 71.30 12.95 -25.80
CA SER H 291 71.04 14.17 -25.04
C SER H 291 70.86 13.85 -23.56
N GLN H 292 69.74 14.32 -23.00
CA GLN H 292 69.45 14.04 -21.60
C GLN H 292 68.35 12.99 -21.45
N VAL H 293 67.35 13.02 -22.32
CA VAL H 293 66.26 12.04 -22.26
C VAL H 293 66.75 10.66 -22.68
N ARG H 294 67.56 10.61 -23.73
CA ARG H 294 68.18 9.34 -24.13
C ARG H 294 69.18 8.86 -23.07
N SER H 295 69.84 9.80 -22.38
CA SER H 295 70.69 9.41 -21.26
C SER H 295 69.87 9.04 -20.04
N PHE H 296 68.59 9.44 -20.00
CA PHE H 296 67.70 9.00 -18.94
C PHE H 296 67.10 7.64 -19.25
N TYR H 297 66.75 7.38 -20.50
CA TYR H 297 66.22 6.07 -20.88
C TYR H 297 67.30 4.99 -20.82
N ALA H 298 68.56 5.37 -21.05
CA ALA H 298 69.65 4.42 -20.90
C ALA H 298 69.92 4.08 -19.43
N SER H 299 69.58 4.99 -18.52
CA SER H 299 69.72 4.72 -17.09
C SER H 299 68.56 3.91 -16.53
N LEU H 300 67.46 3.77 -17.27
CA LEU H 300 66.34 2.96 -16.82
C LEU H 300 66.65 1.47 -16.88
N GLU H 301 67.58 1.06 -17.75
CA GLU H 301 68.02 -0.32 -17.77
C GLU H 301 69.04 -0.57 -16.65
N ASP H 302 69.39 -1.85 -16.48
CA ASP H 302 70.26 -2.34 -15.40
C ASP H 302 69.71 -1.93 -14.03
N HIS H 303 68.41 -2.16 -13.85
CA HIS H 303 67.73 -1.86 -12.59
C HIS H 303 66.64 -2.91 -12.38
N SER H 304 66.72 -3.62 -11.27
CA SER H 304 65.77 -4.70 -10.99
C SER H 304 64.43 -4.13 -10.57
N GLY H 305 63.36 -4.75 -11.07
CA GLY H 305 62.00 -4.37 -10.74
C GLY H 305 61.13 -4.34 -11.97
N HIS H 306 59.89 -3.88 -11.79
CA HIS H 306 58.92 -3.76 -12.87
C HIS H 306 58.61 -2.28 -13.08
N VAL H 307 58.45 -1.90 -14.35
CA VAL H 307 58.35 -0.49 -14.74
C VAL H 307 56.98 -0.26 -15.36
N LEU H 308 56.33 0.84 -14.97
CA LEU H 308 55.03 1.21 -15.51
C LEU H 308 54.88 2.74 -15.41
N ARG H 309 53.96 3.28 -16.20
CA ARG H 309 53.73 4.71 -16.26
C ARG H 309 52.52 5.11 -15.44
N LEU H 310 52.72 6.10 -14.57
CA LEU H 310 51.63 6.68 -13.79
C LEU H 310 51.55 8.16 -14.09
N GLY H 311 50.45 8.78 -13.69
CA GLY H 311 50.36 10.22 -13.58
C GLY H 311 49.83 10.91 -14.82
N TRP H 312 50.32 12.14 -15.02
CA TRP H 312 49.78 13.05 -16.02
C TRP H 312 50.68 13.15 -17.25
N GLY H 313 51.95 12.78 -17.11
CA GLY H 313 52.91 12.98 -18.18
C GLY H 313 52.90 11.95 -19.28
N SER H 314 52.29 10.78 -19.04
CA SER H 314 52.31 9.67 -19.98
C SER H 314 51.48 10.01 -21.22
N GLY H 315 52.11 10.01 -22.38
CA GLY H 315 51.46 10.44 -23.60
C GLY H 315 50.48 9.46 -24.20
N TRP H 316 50.15 9.65 -25.49
CA TRP H 316 49.22 8.75 -26.16
C TRP H 316 49.80 7.36 -26.37
N LEU H 317 51.13 7.25 -26.39
CA LEU H 317 51.77 5.95 -26.50
C LEU H 317 51.75 5.16 -25.19
N ALA H 318 51.46 5.81 -24.07
CA ALA H 318 51.50 5.15 -22.77
C ALA H 318 50.15 5.15 -22.07
N MET H 319 49.09 5.59 -22.74
CA MET H 319 47.75 5.55 -22.19
C MET H 319 46.78 4.79 -23.08
N THR H 320 47.26 4.18 -24.16
CA THR H 320 46.43 3.66 -25.23
C THR H 320 47.11 2.43 -25.80
N ILE H 321 46.30 1.46 -26.26
CA ILE H 321 46.76 0.29 -27.00
C ILE H 321 47.54 0.68 -28.26
N GLY H 322 47.25 1.86 -28.81
CA GLY H 322 47.75 2.37 -30.09
C GLY H 322 49.23 2.36 -30.41
N LEU H 323 50.08 2.01 -29.43
CA LEU H 323 51.44 1.58 -29.76
C LEU H 323 51.43 0.39 -30.70
N LEU H 324 50.48 -0.54 -30.51
CA LEU H 324 50.22 -1.57 -31.50
C LEU H 324 49.68 -1.00 -32.80
N LEU H 325 48.91 0.09 -32.74
CA LEU H 325 48.32 0.70 -33.92
C LEU H 325 49.26 1.68 -34.61
N VAL H 326 50.54 1.69 -34.27
CA VAL H 326 51.51 2.48 -35.01
C VAL H 326 51.92 1.75 -36.29
N GLU H 327 52.22 0.46 -36.18
CA GLU H 327 52.80 -0.32 -37.27
C GLU H 327 51.83 -0.61 -38.40
N LYS H 328 50.54 -0.31 -38.24
CA LYS H 328 49.60 -0.47 -39.34
C LYS H 328 49.79 0.61 -40.40
N GLY H 329 50.28 1.77 -40.01
CA GLY H 329 50.62 2.83 -40.96
C GLY H 329 49.38 3.58 -41.44
N TYR H 330 48.99 3.34 -42.70
CA TYR H 330 47.87 4.05 -43.31
C TYR H 330 46.52 3.55 -42.82
N LYS H 331 46.48 2.42 -42.11
CA LYS H 331 45.22 1.94 -41.57
C LYS H 331 44.76 2.77 -40.38
N TRP H 332 45.69 3.20 -39.53
CA TRP H 332 45.35 4.01 -38.37
C TRP H 332 45.41 5.51 -38.64
N GLU H 333 46.16 5.94 -39.66
CA GLU H 333 46.18 7.36 -40.01
C GLU H 333 44.88 7.77 -40.67
N ASN H 334 44.19 6.84 -41.31
CA ASN H 334 42.82 7.07 -41.77
C ASN H 334 41.79 6.87 -40.66
N VAL H 335 42.20 6.33 -39.51
CA VAL H 335 41.32 6.14 -38.38
C VAL H 335 41.50 7.28 -37.39
N ARG H 336 42.73 7.81 -37.31
CA ARG H 336 43.00 8.93 -36.42
C ARG H 336 42.42 10.23 -36.96
N LYS H 337 42.32 10.36 -38.29
CA LYS H 337 41.72 11.54 -38.87
C LYS H 337 40.20 11.58 -38.70
N LYS H 338 39.56 10.42 -38.54
CA LYS H 338 38.13 10.38 -38.28
C LYS H 338 37.82 10.46 -36.79
N LEU H 339 38.65 9.83 -35.95
CA LEU H 339 38.43 9.88 -34.50
C LEU H 339 38.84 11.24 -33.94
N GLY H 340 39.97 11.77 -34.41
CA GLY H 340 40.42 13.08 -33.98
C GLY H 340 41.90 13.14 -33.70
N LEU H 341 42.59 14.10 -34.34
CA LEU H 341 44.02 14.27 -34.17
C LEU H 341 44.38 15.70 -34.51
N GLY H 342 44.71 16.50 -33.49
CA GLY H 342 45.05 17.89 -33.71
C GLY H 342 43.85 18.81 -33.73
N LYS H 343 43.91 19.90 -32.99
CA LYS H 343 42.82 20.87 -32.94
C LYS H 343 43.40 22.25 -32.66
N LYS H 344 42.56 23.27 -32.84
CA LYS H 344 42.88 24.70 -32.64
C LYS H 344 44.09 25.16 -33.44
N ARG H 352 53.24 13.60 -38.40
CA ARG H 352 52.89 13.38 -37.00
C ARG H 352 51.74 14.29 -36.58
N GLU H 353 50.53 13.74 -36.60
CA GLU H 353 49.35 14.52 -36.21
C GLU H 353 48.82 14.10 -34.85
N PHE H 354 48.94 12.82 -34.50
CA PHE H 354 48.68 12.29 -33.16
C PHE H 354 49.84 12.33 -32.16
N PRO H 355 51.13 11.93 -32.51
CA PRO H 355 52.16 11.92 -31.46
C PRO H 355 52.92 13.23 -31.28
N LYS H 356 52.36 14.35 -31.74
CA LYS H 356 53.13 15.58 -31.93
C LYS H 356 53.56 16.21 -30.60
N THR H 357 52.77 16.02 -29.54
CA THR H 357 53.07 16.67 -28.27
C THR H 357 54.05 15.84 -27.44
N ARG H 358 55.08 16.49 -26.91
CA ARG H 358 55.99 15.90 -25.96
C ARG H 358 55.91 16.67 -24.65
N ARG H 359 55.16 16.12 -23.68
CA ARG H 359 55.06 16.71 -22.35
C ARG H 359 56.14 16.12 -21.46
N LEU H 360 57.10 16.95 -21.07
CA LEU H 360 58.19 16.52 -20.21
C LEU H 360 58.68 17.72 -19.41
N ALA H 361 59.24 17.42 -18.23
CA ALA H 361 59.62 18.46 -17.27
C ALA H 361 61.10 18.39 -16.96
N ASP H 362 61.76 19.55 -17.08
CA ASP H 362 63.17 19.77 -16.69
C ASP H 362 64.12 18.86 -17.45
N GLY H 363 63.83 18.60 -18.72
CA GLY H 363 64.64 17.68 -19.50
C GLY H 363 64.44 16.22 -19.18
N MET H 364 63.40 15.88 -18.42
CA MET H 364 63.13 14.51 -18.01
C MET H 364 61.68 14.18 -18.33
N PRO H 365 61.38 12.96 -18.77
CA PRO H 365 59.98 12.52 -18.79
C PRO H 365 59.49 12.32 -17.36
N MET H 366 58.19 12.45 -17.16
CA MET H 366 57.62 12.36 -15.83
C MET H 366 56.62 11.22 -15.73
N GLY H 367 56.62 10.55 -14.58
CA GLY H 367 55.73 9.44 -14.33
C GLY H 367 56.34 8.06 -14.50
N TRP H 368 57.54 7.85 -13.96
CA TRP H 368 58.25 6.58 -14.05
C TRP H 368 58.43 6.03 -12.65
N VAL H 369 57.78 4.88 -12.37
CA VAL H 369 57.78 4.26 -11.06
C VAL H 369 58.22 2.81 -11.20
N VAL H 370 59.19 2.41 -10.38
CA VAL H 370 59.69 1.03 -10.36
C VAL H 370 59.12 0.34 -9.12
N LEU H 371 58.41 -0.76 -9.33
CA LEU H 371 57.85 -1.58 -8.27
C LEU H 371 58.77 -2.75 -7.95
N GLU H 372 58.94 -3.04 -6.66
CA GLU H 372 59.75 -4.17 -6.23
C GLU H 372 59.19 -4.78 -4.95
#